data_8FB5
#
_entry.id   8FB5
#
_cell.length_a   95.392
_cell.length_b   60.485
_cell.length_c   184.907
_cell.angle_alpha   90.000
_cell.angle_beta   98.380
_cell.angle_gamma   90.000
#
_symmetry.space_group_name_H-M   'P 1 2 1'
#
loop_
_entity.id
_entity.type
_entity.pdbx_description
1 polymer 'Ky15.11-SK Antibody, heavy chain'
2 polymer 'Ky15.11-SK Antibody, light chain'
3 polymer 'Circumsporozoite protein KQPA peptide'
#
loop_
_entity_poly.entity_id
_entity_poly.type
_entity_poly.pdbx_seq_one_letter_code
_entity_poly.pdbx_strand_id
1 'polypeptide(L)'
;QVQLVESGGGVVQPGRSLRLSCEASGFTFSNFGMHWVRQTPVKGLEWVAIIWFDGSYKYYTDSVKGRFTISRDNSKNTLY
LQMNSLRAEDTAVYYCARARKGQRSDYYGSETKYTFDNWGQGTLVTVSSASTKGPSVFPLAPSSKSTSGGTAALGCLVKD
YFPEPVTVSWNSGALTSGVHTFPAVLQSSGLYSLSSVVTVPSSSLGTQTYICNVNHKPSNTKVDKKVEPKSC
;
A,C,E,G
2 'polypeptide(L)'
;DIQMTQSPSTLSASVGDRVTITCRASQSINGWLAWYQQKPGKAPKFLIYKASILESGIPSRFSGSGSGTEFTLTISSLQP
DDFATYYCQQYSSYWTFGQGTKVEIKRTVAAPSVFIFPPSDEQLKSGTASVVCLLNNFYPREAKVQWKVDNALQSGNSQE
SVTEQDSKDSTYSLSSTLTLSKADYEKHKVYACEVTHQGLSSPVTKSFNRGEC
;
B,D,F,H
3 'polypeptide(L)' KQPADGNPDPNANPN O,I,J,K
#
# COMPACT_ATOMS: atom_id res chain seq x y z
N GLN A 1 -40.05 53.58 25.02
CA GLN A 1 -41.44 53.39 25.41
C GLN A 1 -41.57 53.20 26.93
N VAL A 2 -42.81 53.08 27.40
CA VAL A 2 -43.09 52.94 28.82
C VAL A 2 -42.91 51.47 29.22
N GLN A 3 -41.95 51.22 30.10
CA GLN A 3 -41.65 49.86 30.56
C GLN A 3 -41.48 49.87 32.07
N LEU A 4 -42.33 49.12 32.77
CA LEU A 4 -42.20 48.90 34.20
C LEU A 4 -41.72 47.48 34.46
N VAL A 5 -40.71 47.34 35.32
CA VAL A 5 -40.07 46.05 35.58
C VAL A 5 -40.05 45.82 37.08
N GLU A 6 -40.58 44.68 37.51
CA GLU A 6 -40.63 44.29 38.92
C GLU A 6 -39.50 43.31 39.24
N SER A 7 -39.11 43.29 40.51
CA SER A 7 -38.08 42.37 40.98
C SER A 7 -38.25 42.19 42.49
N GLY A 8 -37.62 41.13 43.00
CA GLY A 8 -37.63 40.87 44.43
C GLY A 8 -38.48 39.72 44.90
N GLY A 9 -39.00 38.88 44.00
CA GLY A 9 -39.88 37.81 44.40
C GLY A 9 -39.16 36.48 44.63
N GLY A 10 -39.81 35.62 45.41
CA GLY A 10 -39.26 34.32 45.75
C GLY A 10 -40.03 33.68 46.89
N VAL A 11 -39.30 32.92 47.72
CA VAL A 11 -39.88 32.37 48.94
C VAL A 11 -39.63 33.31 50.10
N VAL A 12 -40.61 33.38 51.00
CA VAL A 12 -40.46 34.04 52.27
C VAL A 12 -41.06 33.13 53.33
N GLN A 13 -40.37 33.00 54.45
CA GLN A 13 -40.92 32.22 55.56
C GLN A 13 -42.17 32.92 56.06
N PRO A 14 -43.28 32.18 56.28
CA PRO A 14 -44.51 32.82 56.74
C PRO A 14 -44.30 33.65 58.00
N GLY A 15 -44.48 34.96 57.89
CA GLY A 15 -44.21 35.86 59.00
C GLY A 15 -42.83 36.47 58.93
N ARG A 16 -42.42 36.91 57.74
CA ARG A 16 -41.10 37.51 57.56
C ARG A 16 -41.28 38.77 56.70
N SER A 17 -40.17 39.27 56.18
CA SER A 17 -40.16 40.54 55.44
C SER A 17 -39.63 40.34 54.03
N LEU A 18 -40.10 41.17 53.11
CA LEU A 18 -39.65 41.15 51.73
C LEU A 18 -39.89 42.53 51.11
N ARG A 19 -38.96 42.97 50.27
CA ARG A 19 -39.08 44.24 49.56
C ARG A 19 -39.14 43.99 48.07
N LEU A 20 -40.06 44.66 47.38
CA LEU A 20 -40.18 44.62 45.94
C LEU A 20 -39.72 45.96 45.36
N SER A 21 -39.16 45.91 44.15
CA SER A 21 -38.67 47.10 43.47
C SER A 21 -39.21 47.13 42.05
N CYS A 22 -39.86 48.24 41.69
CA CYS A 22 -40.41 48.46 40.37
C CYS A 22 -39.59 49.54 39.68
N GLU A 23 -38.89 49.18 38.60
CA GLU A 23 -38.10 50.13 37.85
C GLU A 23 -38.93 50.74 36.72
N ALA A 24 -38.73 52.03 36.47
CA ALA A 24 -39.52 52.78 35.51
C ALA A 24 -38.61 53.40 34.46
N SER A 25 -39.04 53.37 33.21
CA SER A 25 -38.28 53.94 32.10
C SER A 25 -39.25 54.30 30.98
N GLY A 26 -38.97 55.43 30.32
CA GLY A 26 -39.78 55.90 29.22
C GLY A 26 -40.69 57.05 29.55
N PHE A 27 -40.77 57.44 30.81
CA PHE A 27 -41.59 58.56 31.25
C PHE A 27 -40.95 59.17 32.49
N THR A 28 -41.48 60.32 32.90
CA THR A 28 -40.98 61.01 34.10
C THR A 28 -41.64 60.35 35.32
N PHE A 29 -40.86 59.51 36.00
CA PHE A 29 -41.41 58.77 37.14
C PHE A 29 -41.90 59.70 38.24
N SER A 30 -41.28 60.87 38.38
CA SER A 30 -41.68 61.84 39.40
C SER A 30 -42.93 62.62 39.03
N ASN A 31 -43.54 62.34 37.87
CA ASN A 31 -44.74 63.03 37.45
C ASN A 31 -46.01 62.20 37.58
N PHE A 32 -45.90 60.89 37.79
CA PHE A 32 -47.05 60.00 37.81
C PHE A 32 -47.17 59.30 39.15
N GLY A 33 -48.42 59.05 39.55
CA GLY A 33 -48.67 58.16 40.67
C GLY A 33 -48.51 56.70 40.27
N MET A 34 -48.30 55.85 41.27
CA MET A 34 -48.00 54.45 41.03
C MET A 34 -48.89 53.56 41.89
N HIS A 35 -49.12 52.35 41.39
CA HIS A 35 -49.95 51.37 42.08
C HIS A 35 -49.20 50.06 42.23
N TRP A 36 -49.60 49.28 43.24
CA TRP A 36 -49.18 47.89 43.38
C TRP A 36 -50.43 47.02 43.28
N VAL A 37 -50.43 46.10 42.32
CA VAL A 37 -51.54 45.18 42.12
C VAL A 37 -51.02 43.76 42.24
N ARG A 38 -51.88 42.85 42.72
CA ARG A 38 -51.53 41.45 42.85
C ARG A 38 -52.65 40.59 42.32
N GLN A 39 -52.27 39.43 41.77
CA GLN A 39 -53.21 38.45 41.24
C GLN A 39 -53.00 37.12 41.95
N THR A 40 -54.04 36.64 42.58
CA THR A 40 -54.03 35.34 43.23
C THR A 40 -54.66 34.29 42.33
N PRO A 41 -54.26 33.03 42.47
CA PRO A 41 -54.79 32.00 41.55
C PRO A 41 -56.30 31.81 41.62
N VAL A 42 -56.90 31.99 42.80
CA VAL A 42 -58.32 31.72 43.00
C VAL A 42 -59.11 33.01 43.21
N LYS A 43 -58.66 33.86 44.14
CA LYS A 43 -59.40 35.08 44.45
C LYS A 43 -59.28 36.15 43.36
N GLY A 44 -58.32 36.02 42.45
CA GLY A 44 -58.25 36.90 41.31
C GLY A 44 -57.39 38.14 41.49
N LEU A 45 -57.80 39.24 40.86
CA LEU A 45 -57.06 40.49 40.92
C LEU A 45 -57.46 41.29 42.14
N GLU A 46 -56.47 41.91 42.78
CA GLU A 46 -56.70 42.61 44.04
C GLU A 46 -55.76 43.81 44.11
N TRP A 47 -56.34 45.01 44.22
CA TRP A 47 -55.54 46.21 44.44
C TRP A 47 -54.92 46.19 45.83
N VAL A 48 -53.69 46.71 45.93
CA VAL A 48 -52.92 46.65 47.16
C VAL A 48 -52.66 48.04 47.73
N ALA A 49 -52.09 48.94 46.92
CA ALA A 49 -51.71 50.24 47.43
C ALA A 49 -51.51 51.22 46.28
N ILE A 50 -51.60 52.50 46.60
CA ILE A 50 -51.34 53.60 45.67
C ILE A 50 -50.46 54.63 46.37
N ILE A 51 -49.56 55.25 45.62
CA ILE A 51 -48.72 56.34 46.12
C ILE A 51 -48.81 57.50 45.15
N TRP A 52 -48.77 58.72 45.67
CA TRP A 52 -48.84 59.90 44.83
C TRP A 52 -47.52 60.12 44.11
N PHE A 53 -47.52 61.12 43.22
CA PHE A 53 -46.34 61.37 42.39
C PHE A 53 -45.13 61.77 43.24
N ASP A 54 -45.37 62.52 44.30
CA ASP A 54 -44.31 62.99 45.18
C ASP A 54 -44.15 62.15 46.43
N GLY A 55 -44.98 61.12 46.61
CA GLY A 55 -44.96 60.33 47.82
C GLY A 55 -45.65 60.98 49.00
N SER A 56 -46.44 62.04 48.76
CA SER A 56 -47.08 62.75 49.86
C SER A 56 -48.16 61.88 50.52
N TYR A 57 -48.98 61.22 49.71
CA TYR A 57 -50.09 60.42 50.21
C TYR A 57 -49.93 58.97 49.79
N LYS A 58 -50.35 58.06 50.68
CA LYS A 58 -50.31 56.62 50.44
C LYS A 58 -51.59 56.00 50.96
N TYR A 59 -52.26 55.21 50.13
CA TYR A 59 -53.47 54.51 50.52
C TYR A 59 -53.28 53.02 50.28
N TYR A 60 -53.82 52.20 51.18
CA TYR A 60 -53.66 50.76 51.14
C TYR A 60 -55.02 50.09 51.24
N THR A 61 -55.07 48.83 50.80
CA THR A 61 -56.24 48.00 51.07
C THR A 61 -56.18 47.51 52.51
N ASP A 62 -57.36 47.11 53.03
CA ASP A 62 -57.46 46.77 54.45
C ASP A 62 -56.59 45.57 54.81
N SER A 63 -56.56 44.55 53.94
CA SER A 63 -55.87 43.32 54.28
C SER A 63 -54.37 43.50 54.48
N VAL A 64 -53.79 44.57 53.91
CA VAL A 64 -52.34 44.78 54.00
C VAL A 64 -51.97 45.93 54.93
N LYS A 65 -52.95 46.63 55.48
CA LYS A 65 -52.66 47.75 56.37
C LYS A 65 -51.93 47.25 57.61
N GLY A 66 -50.92 48.01 58.02
CA GLY A 66 -50.07 47.60 59.13
C GLY A 66 -49.04 46.55 58.79
N ARG A 67 -48.99 46.10 57.53
CA ARG A 67 -48.03 45.09 57.08
C ARG A 67 -47.24 45.54 55.87
N PHE A 68 -47.85 46.28 54.94
CA PHE A 68 -47.17 46.73 53.73
C PHE A 68 -46.93 48.23 53.79
N THR A 69 -45.86 48.66 53.11
CA THR A 69 -45.54 50.08 53.00
C THR A 69 -45.09 50.37 51.57
N ILE A 70 -45.86 51.19 50.86
CA ILE A 70 -45.50 51.62 49.51
C ILE A 70 -44.64 52.86 49.63
N SER A 71 -43.57 52.91 48.82
CA SER A 71 -42.62 54.02 48.88
C SER A 71 -42.01 54.20 47.50
N ARG A 72 -41.26 55.27 47.34
CA ARG A 72 -40.67 55.56 46.04
C ARG A 72 -39.44 56.43 46.20
N ASP A 73 -38.53 56.31 45.22
CA ASP A 73 -37.32 57.13 45.15
C ASP A 73 -37.34 57.77 43.77
N ASN A 74 -37.96 58.95 43.67
CA ASN A 74 -38.13 59.61 42.38
C ASN A 74 -36.80 59.96 41.72
N SER A 75 -35.71 59.98 42.48
CA SER A 75 -34.39 60.18 41.88
C SER A 75 -33.84 58.92 41.25
N LYS A 76 -34.39 57.76 41.60
CA LYS A 76 -33.95 56.48 41.04
C LYS A 76 -34.99 55.85 40.12
N ASN A 77 -36.15 56.48 39.94
CA ASN A 77 -37.23 55.94 39.11
C ASN A 77 -37.62 54.53 39.56
N THR A 78 -37.68 54.34 40.87
CA THR A 78 -37.91 53.02 41.45
C THR A 78 -39.06 53.09 42.46
N LEU A 79 -40.04 52.21 42.27
CA LEU A 79 -41.14 52.04 43.21
C LEU A 79 -40.83 50.88 44.15
N TYR A 80 -41.32 50.98 45.39
CA TYR A 80 -41.02 50.00 46.42
C TYR A 80 -42.31 49.54 47.11
N LEU A 81 -42.31 48.28 47.52
CA LEU A 81 -43.38 47.72 48.34
C LEU A 81 -42.72 46.87 49.42
N GLN A 82 -42.61 47.43 50.63
CA GLN A 82 -42.04 46.70 51.76
C GLN A 82 -43.14 45.87 52.40
N MET A 83 -43.04 44.55 52.25
CA MET A 83 -44.06 43.62 52.73
C MET A 83 -43.57 42.95 54.01
N ASN A 84 -44.21 43.29 55.13
CA ASN A 84 -43.85 42.76 56.44
C ASN A 84 -44.98 41.88 56.97
N SER A 85 -44.63 41.01 57.93
CA SER A 85 -45.57 40.07 58.54
C SER A 85 -46.38 39.32 57.48
N LEU A 86 -45.66 38.72 56.55
CA LEU A 86 -46.29 38.09 55.40
C LEU A 86 -47.13 36.90 55.82
N ARG A 87 -48.31 36.76 55.21
CA ARG A 87 -49.24 35.68 55.47
C ARG A 87 -49.26 34.71 54.31
N ALA A 88 -50.10 33.69 54.43
CA ALA A 88 -50.32 32.78 53.31
C ALA A 88 -51.15 33.43 52.22
N GLU A 89 -52.04 34.35 52.59
CA GLU A 89 -52.86 35.08 51.63
C GLU A 89 -52.05 36.01 50.74
N ASP A 90 -50.78 36.25 51.07
CA ASP A 90 -49.95 37.17 50.30
C ASP A 90 -49.25 36.51 49.11
N THR A 91 -49.34 35.18 49.00
CA THR A 91 -48.76 34.49 47.85
C THR A 91 -49.52 34.89 46.59
N ALA A 92 -48.88 35.68 45.74
CA ALA A 92 -49.51 36.17 44.52
C ALA A 92 -48.44 36.73 43.60
N VAL A 93 -48.86 37.06 42.38
CA VAL A 93 -48.00 37.76 41.43
C VAL A 93 -48.27 39.25 41.58
N TYR A 94 -47.23 40.02 41.90
CA TYR A 94 -47.36 41.43 42.19
C TYR A 94 -46.90 42.26 40.99
N TYR A 95 -47.82 43.06 40.46
CA TYR A 95 -47.52 44.02 39.40
C TYR A 95 -47.45 45.43 39.96
N CYS A 96 -46.64 46.26 39.33
CA CYS A 96 -46.69 47.70 39.54
C CYS A 96 -47.31 48.35 38.31
N ALA A 97 -48.16 49.35 38.54
CA ALA A 97 -48.86 50.02 37.46
C ALA A 97 -48.75 51.53 37.63
N ARG A 98 -48.79 52.23 36.50
CA ARG A 98 -48.75 53.69 36.49
C ARG A 98 -50.16 54.24 36.50
N ALA A 99 -50.35 55.36 37.20
CA ALA A 99 -51.67 55.96 37.29
C ALA A 99 -52.15 56.42 35.92
N ARG A 100 -53.46 56.33 35.71
CA ARG A 100 -54.06 56.64 34.42
C ARG A 100 -55.39 57.35 34.64
N LYS A 101 -55.62 58.40 33.86
CA LYS A 101 -56.91 59.10 33.89
C LYS A 101 -57.95 58.25 33.19
N GLY A 102 -59.03 57.93 33.92
CA GLY A 102 -60.07 57.07 33.38
C GLY A 102 -60.97 57.76 32.37
N GLN A 103 -60.40 58.68 31.61
CA GLN A 103 -61.13 59.46 30.62
C GLN A 103 -60.10 60.13 29.71
N ARG A 104 -60.55 60.54 28.53
CA ARG A 104 -59.66 61.19 27.58
C ARG A 104 -58.98 62.40 28.20
N SER A 105 -57.76 62.70 27.73
CA SER A 105 -56.93 63.71 28.35
C SER A 105 -57.51 65.11 28.22
N ASP A 106 -58.27 65.37 27.15
CA ASP A 106 -58.89 66.68 26.99
C ASP A 106 -60.02 66.93 27.97
N TYR A 107 -60.53 65.88 28.63
CA TYR A 107 -61.69 66.02 29.49
C TYR A 107 -61.35 66.79 30.77
N TYR A 108 -62.28 67.65 31.18
CA TYR A 108 -62.16 68.39 32.43
C TYR A 108 -63.55 68.49 33.05
N GLY A 109 -63.75 67.78 34.16
CA GLY A 109 -65.04 67.74 34.82
C GLY A 109 -64.90 67.80 36.32
N SER A 110 -66.06 67.81 37.00
CA SER A 110 -66.06 67.84 38.46
C SER A 110 -65.44 66.58 39.04
N GLU A 111 -66.02 65.43 38.72
CA GLU A 111 -65.54 64.14 39.21
C GLU A 111 -64.75 63.48 38.08
N THR A 112 -63.42 63.53 38.18
CA THR A 112 -62.53 62.90 37.20
C THR A 112 -61.77 61.79 37.93
N LYS A 113 -62.19 60.55 37.69
CA LYS A 113 -61.64 59.40 38.38
C LYS A 113 -60.41 58.86 37.64
N TYR A 114 -59.52 58.22 38.40
CA TYR A 114 -58.27 57.69 37.89
C TYR A 114 -58.19 56.19 38.15
N THR A 115 -57.50 55.49 37.26
CA THR A 115 -57.23 54.07 37.40
C THR A 115 -55.73 53.84 37.24
N PHE A 116 -55.34 52.65 36.75
CA PHE A 116 -53.94 52.38 36.47
C PHE A 116 -53.79 51.54 35.21
N ASP A 117 -52.86 51.96 34.34
CA ASP A 117 -52.51 51.22 33.14
C ASP A 117 -51.03 50.87 33.16
N ASN A 118 -50.48 50.49 32.00
CA ASN A 118 -49.06 50.21 31.83
C ASN A 118 -48.55 49.26 32.92
N TRP A 119 -49.16 48.09 32.96
CA TRP A 119 -48.77 47.07 33.93
C TRP A 119 -47.50 46.37 33.50
N GLY A 120 -46.60 46.14 34.43
CA GLY A 120 -45.41 45.34 34.18
C GLY A 120 -45.75 43.87 34.06
N GLN A 121 -44.71 43.06 33.87
CA GLN A 121 -44.93 41.62 33.72
C GLN A 121 -45.23 40.96 35.05
N GLY A 122 -44.62 41.44 36.13
CA GLY A 122 -44.93 40.93 37.46
C GLY A 122 -43.80 40.18 38.13
N THR A 123 -43.86 40.08 39.44
CA THR A 123 -42.92 39.28 40.22
C THR A 123 -43.71 38.38 41.16
N LEU A 124 -43.43 37.07 41.10
CA LEU A 124 -44.19 36.10 41.85
C LEU A 124 -43.58 35.91 43.24
N VAL A 125 -44.37 36.17 44.27
CA VAL A 125 -43.97 35.95 45.66
C VAL A 125 -44.69 34.71 46.15
N THR A 126 -43.91 33.73 46.63
CA THR A 126 -44.46 32.49 47.17
C THR A 126 -44.13 32.43 48.65
N VAL A 127 -45.15 32.41 49.50
CA VAL A 127 -44.96 32.37 50.95
C VAL A 127 -44.92 30.90 51.35
N SER A 128 -43.72 30.41 51.64
CA SER A 128 -43.55 29.02 52.04
C SER A 128 -42.27 28.90 52.87
N SER A 129 -42.28 27.95 53.80
CA SER A 129 -41.13 27.70 54.66
C SER A 129 -40.10 26.79 54.02
N ALA A 130 -40.31 26.35 52.77
CA ALA A 130 -39.38 25.46 52.12
C ALA A 130 -38.18 26.24 51.58
N SER A 131 -37.11 25.50 51.28
CA SER A 131 -35.87 26.10 50.81
C SER A 131 -35.89 26.30 49.31
N THR A 132 -35.15 27.30 48.85
CA THR A 132 -35.02 27.58 47.43
C THR A 132 -34.09 26.55 46.79
N LYS A 133 -34.57 25.91 45.72
CA LYS A 133 -33.76 24.97 44.96
C LYS A 133 -33.74 25.38 43.50
N GLY A 134 -32.55 25.53 42.94
CA GLY A 134 -32.39 25.87 41.55
C GLY A 134 -32.78 24.72 40.64
N PRO A 135 -33.02 25.01 39.37
CA PRO A 135 -33.46 23.98 38.43
C PRO A 135 -32.31 23.24 37.78
N SER A 136 -32.63 22.09 37.19
CA SER A 136 -31.70 21.29 36.42
C SER A 136 -32.22 21.21 34.99
N VAL A 137 -31.41 21.68 34.04
CA VAL A 137 -31.81 21.77 32.64
C VAL A 137 -31.18 20.62 31.87
N PHE A 138 -32.02 19.79 31.26
CA PHE A 138 -31.61 18.69 30.42
C PHE A 138 -32.15 18.88 29.00
N PRO A 139 -31.43 18.40 27.98
CA PRO A 139 -31.87 18.64 26.61
C PRO A 139 -32.79 17.56 26.06
N LEU A 140 -33.90 17.97 25.47
CA LEU A 140 -34.80 17.05 24.76
C LEU A 140 -34.36 17.08 23.30
N ALA A 141 -33.37 16.25 22.98
CA ALA A 141 -32.73 16.32 21.67
C ALA A 141 -33.65 15.81 20.57
N PRO A 142 -33.60 16.41 19.38
CA PRO A 142 -34.39 15.89 18.27
C PRO A 142 -33.77 14.62 17.70
N SER A 143 -34.62 13.77 17.15
CA SER A 143 -34.17 12.50 16.57
C SER A 143 -35.17 12.09 15.49
N SER A 144 -34.97 10.89 14.93
CA SER A 144 -35.92 10.36 13.97
C SER A 144 -37.27 10.09 14.64
N LYS A 145 -37.28 9.85 15.95
CA LYS A 145 -38.51 9.65 16.69
C LYS A 145 -39.15 10.96 17.11
N SER A 146 -38.50 12.09 16.80
CA SER A 146 -39.04 13.41 17.05
C SER A 146 -39.34 14.16 15.76
N THR A 147 -39.30 13.47 14.62
CA THR A 147 -39.50 14.07 13.31
C THR A 147 -40.73 13.45 12.67
N SER A 148 -41.69 14.29 12.30
CA SER A 148 -42.88 13.88 11.57
C SER A 148 -43.09 14.88 10.45
N GLY A 149 -43.02 14.41 9.21
CA GLY A 149 -43.02 15.34 8.09
C GLY A 149 -41.73 16.14 8.08
N GLY A 150 -41.77 17.28 7.42
CA GLY A 150 -40.61 18.15 7.36
C GLY A 150 -40.31 18.86 8.67
N THR A 151 -41.06 18.53 9.71
CA THR A 151 -40.94 19.20 11.01
C THR A 151 -40.22 18.32 12.01
N ALA A 152 -39.30 18.93 12.76
CA ALA A 152 -38.56 18.27 13.83
C ALA A 152 -38.80 19.01 15.13
N ALA A 153 -39.16 18.27 16.18
CA ALA A 153 -39.45 18.85 17.48
C ALA A 153 -38.26 18.66 18.43
N LEU A 154 -37.98 19.69 19.21
CA LEU A 154 -36.91 19.63 20.19
C LEU A 154 -37.32 20.47 21.40
N GLY A 155 -36.56 20.36 22.47
CA GLY A 155 -36.88 21.15 23.64
C GLY A 155 -35.87 20.93 24.75
N CYS A 156 -36.20 21.45 25.93
CA CYS A 156 -35.35 21.27 27.10
C CYS A 156 -36.24 20.98 28.31
N LEU A 157 -35.79 20.04 29.14
CA LEU A 157 -36.53 19.65 30.35
C LEU A 157 -35.94 20.34 31.57
N VAL A 158 -36.77 21.11 32.26
CA VAL A 158 -36.37 21.80 33.49
C VAL A 158 -37.12 21.15 34.64
N LYS A 159 -36.37 20.53 35.56
CA LYS A 159 -36.98 19.77 36.65
C LYS A 159 -36.31 20.13 37.97
N ASP A 160 -37.06 19.89 39.06
CA ASP A 160 -36.55 19.95 40.44
C ASP A 160 -36.15 21.38 40.83
N TYR A 161 -37.09 22.31 40.68
CA TYR A 161 -36.89 23.69 41.10
C TYR A 161 -38.04 24.13 42.00
N PHE A 162 -37.71 25.05 42.92
CA PHE A 162 -38.68 25.63 43.84
C PHE A 162 -38.12 26.94 44.35
N PRO A 163 -38.93 28.01 44.45
CA PRO A 163 -40.36 28.10 44.14
C PRO A 163 -40.60 28.33 42.66
N GLU A 164 -41.83 28.61 42.27
CA GLU A 164 -42.05 29.07 40.91
C GLU A 164 -41.65 30.53 40.78
N PRO A 165 -41.41 31.00 39.56
CA PRO A 165 -41.41 30.26 38.29
C PRO A 165 -40.05 30.23 37.60
N VAL A 166 -39.95 29.54 36.47
CA VAL A 166 -38.80 29.66 35.57
C VAL A 166 -39.31 30.19 34.25
N THR A 167 -38.53 31.06 33.61
CA THR A 167 -38.83 31.57 32.29
C THR A 167 -37.87 30.93 31.29
N VAL A 168 -38.41 30.45 30.18
CA VAL A 168 -37.63 29.71 29.19
C VAL A 168 -37.76 30.43 27.85
N SER A 169 -36.66 30.99 27.37
CA SER A 169 -36.58 31.56 26.04
C SER A 169 -35.70 30.69 25.15
N TRP A 170 -35.82 30.87 23.84
CA TRP A 170 -35.05 30.11 22.87
C TRP A 170 -34.24 31.06 21.99
N ASN A 171 -32.94 30.80 21.88
CA ASN A 171 -32.03 31.63 21.07
C ASN A 171 -32.09 33.09 21.51
N SER A 172 -32.20 33.31 22.82
CA SER A 172 -32.22 34.64 23.41
C SER A 172 -33.40 35.47 22.90
N GLY A 173 -34.54 34.80 22.69
CA GLY A 173 -35.75 35.47 22.29
C GLY A 173 -35.99 35.54 20.80
N ALA A 174 -34.99 35.23 19.97
CA ALA A 174 -35.17 35.32 18.52
C ALA A 174 -36.03 34.19 17.99
N LEU A 175 -36.24 33.12 18.76
CA LEU A 175 -37.06 31.99 18.35
C LEU A 175 -38.32 31.97 19.22
N THR A 176 -39.45 32.33 18.62
CA THR A 176 -40.73 32.32 19.32
C THR A 176 -41.82 31.54 18.60
N SER A 177 -41.73 31.34 17.30
CA SER A 177 -42.76 30.64 16.56
C SER A 177 -42.61 29.13 16.79
N GLY A 178 -43.72 28.49 17.18
CA GLY A 178 -43.71 27.07 17.45
C GLY A 178 -43.27 26.70 18.85
N VAL A 179 -42.99 27.67 19.72
CA VAL A 179 -42.52 27.39 21.07
C VAL A 179 -43.74 27.07 21.94
N HIS A 180 -43.63 26.01 22.74
CA HIS A 180 -44.66 25.62 23.69
C HIS A 180 -44.00 25.35 25.04
N THR A 181 -43.99 26.37 25.91
CA THR A 181 -43.55 26.19 27.28
C THR A 181 -44.74 25.72 28.12
N PHE A 182 -44.66 24.50 28.63
CA PHE A 182 -45.79 23.93 29.33
C PHE A 182 -45.88 24.45 30.76
N PRO A 183 -47.09 24.54 31.30
CA PRO A 183 -47.24 24.86 32.72
C PRO A 183 -46.54 23.84 33.59
N ALA A 184 -45.93 24.32 34.68
CA ALA A 184 -45.16 23.46 35.56
C ALA A 184 -46.07 22.46 36.27
N VAL A 185 -45.49 21.31 36.59
CA VAL A 185 -46.18 20.26 37.34
C VAL A 185 -45.51 20.11 38.69
N LEU A 186 -46.29 19.72 39.69
CA LEU A 186 -45.79 19.50 41.04
C LEU A 186 -45.31 18.05 41.15
N GLN A 187 -44.01 17.86 41.29
CA GLN A 187 -43.49 16.51 41.44
C GLN A 187 -43.84 15.98 42.83
N SER A 188 -43.68 14.66 42.99
CA SER A 188 -43.99 14.02 44.26
C SER A 188 -43.16 14.54 45.42
N SER A 189 -42.02 15.18 45.13
CA SER A 189 -41.14 15.71 46.17
C SER A 189 -41.44 17.17 46.50
N GLY A 190 -42.53 17.74 45.97
CA GLY A 190 -42.82 19.14 46.15
C GLY A 190 -42.04 20.09 45.27
N LEU A 191 -41.12 19.58 44.46
CA LEU A 191 -40.37 20.39 43.51
C LEU A 191 -41.11 20.43 42.17
N TYR A 192 -40.85 21.49 41.40
CA TYR A 192 -41.53 21.72 40.14
C TYR A 192 -40.68 21.25 38.95
N SER A 193 -41.38 20.96 37.86
CA SER A 193 -40.75 20.54 36.62
C SER A 193 -41.59 21.01 35.44
N LEU A 194 -40.94 21.52 34.40
CA LEU A 194 -41.62 21.90 33.17
C LEU A 194 -40.74 21.54 31.99
N SER A 195 -41.34 21.59 30.80
CA SER A 195 -40.64 21.36 29.56
C SER A 195 -41.08 22.41 28.55
N SER A 196 -40.11 22.97 27.82
CA SER A 196 -40.37 23.90 26.74
C SER A 196 -39.89 23.28 25.44
N VAL A 197 -40.78 23.18 24.46
CA VAL A 197 -40.48 22.55 23.19
C VAL A 197 -40.71 23.55 22.06
N VAL A 198 -40.11 23.25 20.91
CA VAL A 198 -40.26 24.09 19.72
C VAL A 198 -40.07 23.19 18.50
N THR A 199 -40.90 23.43 17.48
CA THR A 199 -40.82 22.70 16.22
C THR A 199 -40.08 23.54 15.19
N VAL A 200 -39.13 22.91 14.49
CA VAL A 200 -38.26 23.60 13.54
C VAL A 200 -38.21 22.78 12.26
N PRO A 201 -37.76 23.39 11.15
CA PRO A 201 -37.56 22.60 9.93
C PRO A 201 -36.49 21.54 10.14
N SER A 202 -36.82 20.30 9.76
CA SER A 202 -35.89 19.19 9.96
C SER A 202 -34.66 19.33 9.08
N SER A 203 -34.78 19.97 7.92
CA SER A 203 -33.65 20.12 7.02
C SER A 203 -32.59 21.04 7.60
N SER A 204 -32.99 21.98 8.46
CA SER A 204 -32.07 22.95 9.05
C SER A 204 -31.44 22.46 10.34
N LEU A 205 -31.53 21.17 10.65
CA LEU A 205 -31.02 20.66 11.92
C LEU A 205 -29.50 20.70 12.01
N GLY A 206 -28.81 20.82 10.88
CA GLY A 206 -27.36 20.83 10.91
C GLY A 206 -26.76 22.21 10.71
N THR A 207 -27.48 23.11 10.04
CA THR A 207 -27.02 24.46 9.80
C THR A 207 -27.49 25.47 10.83
N GLN A 208 -28.47 25.11 11.67
CA GLN A 208 -29.01 26.03 12.66
C GLN A 208 -28.62 25.60 14.08
N THR A 209 -28.51 26.59 14.96
CA THR A 209 -28.17 26.38 16.36
C THR A 209 -29.34 26.80 17.24
N TYR A 210 -29.80 25.88 18.08
CA TYR A 210 -30.93 26.12 18.98
C TYR A 210 -30.46 26.00 20.42
N ILE A 211 -30.55 27.10 21.17
CA ILE A 211 -30.13 27.16 22.57
C ILE A 211 -31.35 27.54 23.41
N CYS A 212 -31.63 26.74 24.44
CA CYS A 212 -32.72 27.00 25.37
C CYS A 212 -32.18 27.78 26.56
N ASN A 213 -32.79 28.93 26.85
CA ASN A 213 -32.33 29.85 27.90
C ASN A 213 -33.31 29.81 29.07
N VAL A 214 -32.88 29.20 30.18
CA VAL A 214 -33.72 29.06 31.38
C VAL A 214 -33.30 30.08 32.42
N ASN A 215 -34.29 30.76 33.01
CA ASN A 215 -34.05 31.75 34.06
C ASN A 215 -34.91 31.41 35.27
N HIS A 216 -34.28 31.03 36.37
CA HIS A 216 -34.94 30.83 37.66
C HIS A 216 -34.49 31.97 38.58
N LYS A 217 -35.22 33.08 38.55
CA LYS A 217 -34.85 34.25 39.34
C LYS A 217 -34.82 34.00 40.85
N PRO A 218 -35.72 33.21 41.45
CA PRO A 218 -35.62 32.98 42.92
C PRO A 218 -34.27 32.43 43.37
N SER A 219 -33.65 31.53 42.61
CA SER A 219 -32.35 30.98 42.97
C SER A 219 -31.22 31.64 42.18
N ASN A 220 -31.52 32.69 41.42
CA ASN A 220 -30.54 33.41 40.62
C ASN A 220 -29.80 32.45 39.67
N THR A 221 -30.58 31.58 39.02
CA THR A 221 -30.05 30.55 38.14
C THR A 221 -30.33 30.94 36.70
N LYS A 222 -29.27 31.10 35.91
CA LYS A 222 -29.36 31.35 34.47
C LYS A 222 -28.63 30.22 33.75
N VAL A 223 -29.37 29.41 33.01
CA VAL A 223 -28.82 28.27 32.29
C VAL A 223 -29.08 28.47 30.80
N ASP A 224 -28.04 28.25 29.99
CA ASP A 224 -28.17 28.25 28.54
C ASP A 224 -27.74 26.88 28.03
N LYS A 225 -28.66 26.20 27.35
CA LYS A 225 -28.46 24.81 26.96
C LYS A 225 -28.69 24.66 25.47
N LYS A 226 -27.73 24.04 24.77
CA LYS A 226 -27.83 23.80 23.35
C LYS A 226 -28.40 22.40 23.10
N VAL A 227 -29.40 22.32 22.24
CA VAL A 227 -30.08 21.07 21.91
C VAL A 227 -29.62 20.63 20.53
N GLU A 228 -28.79 19.59 20.47
CA GLU A 228 -28.23 19.12 19.22
C GLU A 228 -28.85 17.77 18.82
N PRO A 229 -29.00 17.52 17.52
CA PRO A 229 -29.49 16.22 17.06
C PRO A 229 -28.49 15.10 17.36
N LYS A 230 -29.02 13.92 17.66
CA LYS A 230 -28.19 12.74 17.86
C LYS A 230 -28.59 11.63 16.88
N ASP B 1 -67.27 47.65 50.51
CA ASP B 1 -66.70 48.01 49.23
C ASP B 1 -67.70 47.82 48.09
N ILE B 2 -67.26 48.12 46.87
CA ILE B 2 -68.04 47.91 45.66
C ILE B 2 -67.64 46.56 45.07
N GLN B 3 -68.60 45.65 44.96
CA GLN B 3 -68.36 44.32 44.40
C GLN B 3 -68.76 44.29 42.93
N MET B 4 -67.83 43.85 42.08
CA MET B 4 -68.08 43.69 40.66
C MET B 4 -68.30 42.22 40.35
N THR B 5 -69.28 41.93 39.49
CA THR B 5 -69.66 40.56 39.17
C THR B 5 -69.75 40.40 37.66
N GLN B 6 -69.00 39.44 37.13
CA GLN B 6 -68.96 39.18 35.70
C GLN B 6 -69.74 37.91 35.37
N SER B 7 -70.28 37.84 34.15
CA SER B 7 -71.04 36.68 33.70
C SER B 7 -70.87 36.53 32.19
N PRO B 8 -70.64 35.31 31.70
CA PRO B 8 -70.39 34.08 32.45
C PRO B 8 -68.95 33.98 32.94
N SER B 9 -68.55 32.85 33.50
CA SER B 9 -67.16 32.65 33.89
C SER B 9 -66.34 31.97 32.82
N THR B 10 -66.98 31.27 31.88
CA THR B 10 -66.31 30.62 30.78
C THR B 10 -67.23 30.66 29.57
N LEU B 11 -66.67 31.04 28.41
CA LEU B 11 -67.46 31.22 27.20
C LEU B 11 -66.73 30.59 26.03
N SER B 12 -67.45 29.79 25.25
CA SER B 12 -66.92 29.18 24.03
C SER B 12 -67.63 29.77 22.82
N ALA B 13 -66.87 30.03 21.76
CA ALA B 13 -67.41 30.64 20.55
C ALA B 13 -66.42 30.44 19.41
N SER B 14 -66.94 30.53 18.20
CA SER B 14 -66.14 30.36 16.99
C SER B 14 -65.54 31.69 16.54
N VAL B 15 -64.65 31.61 15.54
CA VAL B 15 -64.08 32.81 14.96
C VAL B 15 -65.11 33.50 14.10
N GLY B 16 -65.12 34.84 14.15
CA GLY B 16 -66.09 35.64 13.44
C GLY B 16 -67.45 35.72 14.11
N ASP B 17 -67.57 35.24 15.34
CA ASP B 17 -68.82 35.30 16.09
C ASP B 17 -68.80 36.48 17.05
N ARG B 18 -69.98 37.03 17.31
CA ARG B 18 -70.11 38.12 18.25
C ARG B 18 -70.12 37.59 19.69
N VAL B 19 -69.33 38.22 20.55
CA VAL B 19 -69.15 37.78 21.93
C VAL B 19 -69.39 38.98 22.85
N THR B 20 -70.23 38.78 23.87
CA THR B 20 -70.58 39.82 24.83
C THR B 20 -70.42 39.30 26.25
N ILE B 21 -69.80 40.10 27.11
CA ILE B 21 -69.58 39.77 28.51
C ILE B 21 -70.23 40.84 29.37
N THR B 22 -70.98 40.42 30.39
CA THR B 22 -71.71 41.34 31.25
C THR B 22 -70.97 41.52 32.57
N CYS B 23 -71.09 42.71 33.15
CA CYS B 23 -70.39 43.08 34.37
C CYS B 23 -71.36 43.83 35.28
N ARG B 24 -71.58 43.31 36.48
CA ARG B 24 -72.50 43.91 37.43
C ARG B 24 -71.74 44.63 38.54
N ALA B 25 -72.28 45.76 38.98
CA ALA B 25 -71.73 46.54 40.08
C ALA B 25 -72.69 46.52 41.26
N SER B 26 -72.14 46.38 42.47
CA SER B 26 -72.97 46.34 43.67
C SER B 26 -73.70 47.65 43.90
N GLN B 27 -73.18 48.75 43.37
CA GLN B 27 -73.82 50.06 43.49
C GLN B 27 -73.46 50.89 42.27
N SER B 28 -74.03 52.08 42.18
CA SER B 28 -73.77 52.97 41.06
C SER B 28 -72.33 53.47 41.13
N ILE B 29 -71.54 53.17 40.10
CA ILE B 29 -70.17 53.61 39.99
C ILE B 29 -70.01 54.70 38.95
N ASN B 30 -71.11 55.36 38.58
CA ASN B 30 -71.16 56.36 37.50
C ASN B 30 -70.73 55.62 36.24
N GLY B 31 -69.83 56.17 35.42
CA GLY B 31 -69.34 55.44 34.27
C GLY B 31 -67.88 55.04 34.42
N TRP B 32 -67.44 54.88 35.66
CA TRP B 32 -66.04 54.58 35.95
C TRP B 32 -65.79 53.07 35.95
N LEU B 33 -65.99 52.47 34.79
CA LEU B 33 -65.78 51.04 34.58
C LEU B 33 -64.69 50.85 33.54
N ALA B 34 -63.67 50.05 33.87
CA ALA B 34 -62.57 49.75 32.98
C ALA B 34 -62.52 48.26 32.68
N TRP B 35 -62.13 47.92 31.45
CA TRP B 35 -61.99 46.54 31.01
C TRP B 35 -60.53 46.21 30.74
N TYR B 36 -60.07 45.10 31.31
CA TYR B 36 -58.71 44.63 31.11
C TYR B 36 -58.74 43.27 30.40
N GLN B 37 -57.70 43.01 29.61
CA GLN B 37 -57.55 41.74 28.89
C GLN B 37 -56.23 41.11 29.30
N GLN B 38 -56.30 39.87 29.77
CA GLN B 38 -55.11 39.10 30.17
C GLN B 38 -54.98 37.87 29.30
N LYS B 39 -54.01 37.89 28.40
CA LYS B 39 -53.65 36.75 27.57
C LYS B 39 -52.68 35.83 28.34
N PRO B 40 -52.56 34.57 27.93
CA PRO B 40 -51.73 33.63 28.70
C PRO B 40 -50.29 34.11 28.82
N GLY B 41 -49.76 34.01 30.04
CA GLY B 41 -48.39 34.38 30.32
C GLY B 41 -48.12 35.87 30.32
N LYS B 42 -49.11 36.70 29.99
CA LYS B 42 -48.95 38.15 29.96
C LYS B 42 -49.81 38.79 31.03
N ALA B 43 -49.45 40.02 31.39
CA ALA B 43 -50.19 40.78 32.37
C ALA B 43 -51.46 41.34 31.76
N PRO B 44 -52.45 41.72 32.58
CA PRO B 44 -53.65 42.37 32.04
C PRO B 44 -53.31 43.61 31.24
N LYS B 45 -54.10 43.87 30.22
CA LYS B 45 -53.86 44.93 29.26
C LYS B 45 -55.04 45.88 29.25
N PHE B 46 -54.75 47.18 29.34
CA PHE B 46 -55.80 48.19 29.39
C PHE B 46 -56.52 48.21 28.04
N LEU B 47 -57.82 47.95 28.06
CA LEU B 47 -58.63 47.88 26.84
C LEU B 47 -59.61 49.05 26.75
N ILE B 48 -60.55 49.13 27.67
CA ILE B 48 -61.61 50.12 27.61
C ILE B 48 -61.68 50.84 28.96
N TYR B 49 -61.90 52.15 28.91
CA TYR B 49 -62.16 52.95 30.09
C TYR B 49 -63.42 53.77 29.85
N LYS B 50 -64.01 54.26 30.94
CA LYS B 50 -65.31 54.95 30.90
C LYS B 50 -66.40 54.05 30.34
N ALA B 51 -66.19 52.73 30.41
CA ALA B 51 -67.13 51.69 30.02
C ALA B 51 -67.26 51.56 28.50
N SER B 52 -66.81 52.57 27.75
CA SER B 52 -66.95 52.52 26.29
C SER B 52 -65.77 53.07 25.52
N ILE B 53 -64.89 53.86 26.12
CA ILE B 53 -63.78 54.47 25.39
C ILE B 53 -62.67 53.45 25.21
N LEU B 54 -62.43 53.05 23.98
CA LEU B 54 -61.33 52.12 23.70
C LEU B 54 -59.98 52.81 23.88
N GLU B 55 -59.01 52.05 24.35
CA GLU B 55 -57.65 52.55 24.47
C GLU B 55 -57.02 52.69 23.08
N SER B 56 -55.98 53.52 23.00
CA SER B 56 -55.28 53.71 21.73
C SER B 56 -54.67 52.39 21.28
N GLY B 57 -54.89 52.06 20.00
CA GLY B 57 -54.36 50.83 19.43
C GLY B 57 -55.24 49.62 19.59
N ILE B 58 -56.37 49.73 20.26
CA ILE B 58 -57.26 48.59 20.42
C ILE B 58 -58.05 48.38 19.14
N PRO B 59 -58.11 47.15 18.61
CA PRO B 59 -58.83 46.92 17.35
C PRO B 59 -60.28 47.37 17.44
N SER B 60 -60.82 47.75 16.29
CA SER B 60 -62.18 48.28 16.20
C SER B 60 -63.25 47.24 16.54
N ARG B 61 -62.90 45.95 16.57
CA ARG B 61 -63.88 44.93 16.90
C ARG B 61 -64.29 44.95 18.37
N PHE B 62 -63.56 45.67 19.22
CA PHE B 62 -63.91 45.78 20.62
C PHE B 62 -64.82 46.98 20.84
N SER B 63 -65.73 46.84 21.80
CA SER B 63 -66.67 47.90 22.13
C SER B 63 -67.16 47.70 23.55
N GLY B 64 -67.73 48.76 24.11
CA GLY B 64 -68.25 48.70 25.46
C GLY B 64 -69.47 49.58 25.61
N SER B 65 -70.31 49.24 26.58
CA SER B 65 -71.50 50.00 26.90
C SER B 65 -71.83 49.82 28.37
N GLY B 66 -72.70 50.69 28.88
CA GLY B 66 -73.07 50.63 30.28
C GLY B 66 -74.38 51.35 30.52
N SER B 67 -75.08 50.92 31.57
CA SER B 67 -76.37 51.50 31.95
C SER B 67 -76.45 51.64 33.47
N GLY B 68 -75.54 52.44 34.03
CA GLY B 68 -75.54 52.73 35.44
C GLY B 68 -74.79 51.72 36.29
N THR B 69 -75.34 50.52 36.42
CA THR B 69 -74.72 49.47 37.20
C THR B 69 -74.37 48.22 36.40
N GLU B 70 -74.77 48.14 35.14
CA GLU B 70 -74.50 46.99 34.30
C GLU B 70 -73.70 47.43 33.08
N PHE B 71 -72.60 46.72 32.81
CA PHE B 71 -71.69 47.07 31.73
C PHE B 71 -71.37 45.83 30.91
N THR B 72 -71.06 46.04 29.63
CA THR B 72 -70.80 44.95 28.71
C THR B 72 -69.58 45.23 27.85
N LEU B 73 -68.78 44.18 27.65
CA LEU B 73 -67.72 44.18 26.65
C LEU B 73 -68.16 43.33 25.47
N THR B 74 -67.94 43.83 24.26
CA THR B 74 -68.43 43.17 23.05
C THR B 74 -67.31 43.05 22.02
N ILE B 75 -67.09 41.84 21.52
CA ILE B 75 -66.23 41.58 20.38
C ILE B 75 -67.13 41.24 19.20
N SER B 76 -67.10 42.07 18.16
CA SER B 76 -67.98 41.85 17.01
C SER B 76 -67.55 40.62 16.22
N SER B 77 -66.25 40.48 15.96
CA SER B 77 -65.70 39.34 15.24
C SER B 77 -64.61 38.72 16.13
N LEU B 78 -64.93 37.62 16.78
CA LEU B 78 -63.96 36.98 17.67
C LEU B 78 -62.81 36.38 16.87
N GLN B 79 -61.60 36.61 17.34
CA GLN B 79 -60.38 36.23 16.63
C GLN B 79 -59.53 35.28 17.47
N PRO B 80 -58.66 34.50 16.83
CA PRO B 80 -57.78 33.60 17.61
C PRO B 80 -56.99 34.31 18.70
N ASP B 81 -56.41 35.47 18.42
CA ASP B 81 -55.64 36.19 19.43
C ASP B 81 -56.51 36.80 20.51
N ASP B 82 -57.84 36.78 20.36
CA ASP B 82 -58.73 37.28 21.39
C ASP B 82 -58.94 36.28 22.53
N PHE B 83 -58.39 35.08 22.43
CA PHE B 83 -58.43 34.14 23.55
C PHE B 83 -57.72 34.71 24.75
N ALA B 84 -58.47 34.99 25.82
CA ALA B 84 -57.92 35.62 27.02
C ALA B 84 -59.01 35.58 28.10
N THR B 85 -58.66 36.10 29.27
CA THR B 85 -59.61 36.33 30.35
C THR B 85 -59.79 37.82 30.52
N TYR B 86 -61.03 38.29 30.46
CA TYR B 86 -61.34 39.72 30.48
C TYR B 86 -61.92 40.08 31.83
N TYR B 87 -61.34 41.08 32.48
CA TYR B 87 -61.76 41.56 33.79
C TYR B 87 -62.37 42.95 33.65
N CYS B 88 -63.40 43.22 34.43
CA CYS B 88 -63.96 44.57 34.53
C CYS B 88 -63.61 45.15 35.89
N GLN B 89 -63.11 46.39 35.89
CA GLN B 89 -62.70 47.06 37.10
C GLN B 89 -63.45 48.39 37.23
N GLN B 90 -63.87 48.71 38.45
CA GLN B 90 -64.41 50.02 38.75
C GLN B 90 -63.34 50.84 39.44
N TYR B 91 -63.20 52.09 39.02
CA TYR B 91 -62.26 53.03 39.63
C TYR B 91 -62.99 54.25 40.19
N SER B 92 -64.20 54.03 40.71
CA SER B 92 -64.95 55.09 41.37
C SER B 92 -64.53 55.21 42.83
N SER B 93 -64.79 54.17 43.62
CA SER B 93 -64.36 54.10 45.02
C SER B 93 -63.28 53.03 45.10
N TYR B 94 -62.03 53.46 45.20
CA TYR B 94 -60.86 52.58 45.18
C TYR B 94 -60.86 51.84 43.83
N TRP B 95 -60.27 50.64 43.80
CA TRP B 95 -60.16 49.86 42.57
C TRP B 95 -60.43 48.40 42.89
N THR B 96 -61.49 47.86 42.33
CA THR B 96 -61.86 46.47 42.54
C THR B 96 -62.20 45.83 41.20
N PHE B 97 -61.91 44.55 41.08
CA PHE B 97 -62.09 43.81 39.84
C PHE B 97 -63.19 42.77 39.98
N GLY B 98 -63.60 42.23 38.83
CA GLY B 98 -64.46 41.07 38.80
C GLY B 98 -63.66 39.79 38.70
N GLN B 99 -64.38 38.66 38.73
CA GLN B 99 -63.70 37.38 38.70
C GLN B 99 -63.09 37.06 37.34
N GLY B 100 -63.53 37.75 36.29
CA GLY B 100 -63.00 37.51 34.97
C GLY B 100 -63.89 36.57 34.17
N THR B 101 -63.74 36.64 32.85
CA THR B 101 -64.46 35.75 31.93
C THR B 101 -63.49 35.27 30.88
N LYS B 102 -63.27 33.96 30.84
CA LYS B 102 -62.37 33.36 29.86
C LYS B 102 -63.14 33.06 28.59
N VAL B 103 -62.68 33.60 27.47
CA VAL B 103 -63.34 33.43 26.19
C VAL B 103 -62.52 32.40 25.41
N GLU B 104 -62.87 31.13 25.58
CA GLU B 104 -62.24 30.08 24.81
C GLU B 104 -62.82 30.05 23.39
N ILE B 105 -62.03 29.50 22.46
CA ILE B 105 -62.35 29.53 21.04
C ILE B 105 -62.62 28.12 20.56
N LYS B 106 -63.76 27.92 19.91
CA LYS B 106 -64.13 26.66 19.30
C LYS B 106 -63.63 26.63 17.86
N ARG B 107 -62.84 25.62 17.52
CA ARG B 107 -62.36 25.46 16.15
C ARG B 107 -62.68 24.05 15.65
N THR B 108 -62.12 23.68 14.50
CA THR B 108 -62.31 22.35 13.98
C THR B 108 -61.35 21.36 14.65
N VAL B 109 -61.65 20.08 14.47
CA VAL B 109 -60.83 19.02 15.06
C VAL B 109 -59.46 18.99 14.41
N ALA B 110 -58.42 18.92 15.22
CA ALA B 110 -57.04 18.88 14.74
C ALA B 110 -56.32 17.72 15.41
N ALA B 111 -55.71 16.86 14.60
CA ALA B 111 -54.97 15.72 15.12
C ALA B 111 -53.63 16.15 15.71
N PRO B 112 -53.18 15.49 16.77
CA PRO B 112 -51.91 15.89 17.40
C PRO B 112 -50.72 15.32 16.66
N SER B 113 -49.67 16.13 16.58
CA SER B 113 -48.37 15.66 16.12
C SER B 113 -47.66 15.02 17.32
N VAL B 114 -47.43 13.72 17.26
CA VAL B 114 -46.89 12.96 18.39
C VAL B 114 -45.39 12.81 18.22
N PHE B 115 -44.64 13.23 19.24
CA PHE B 115 -43.19 13.08 19.28
C PHE B 115 -42.79 12.49 20.63
N ILE B 116 -41.76 11.67 20.62
CA ILE B 116 -41.24 11.05 21.83
C ILE B 116 -39.76 11.38 21.96
N PHE B 117 -39.30 11.57 23.20
CA PHE B 117 -37.92 11.95 23.49
C PHE B 117 -37.33 10.96 24.46
N PRO B 118 -36.30 10.20 24.07
CA PRO B 118 -35.59 9.35 25.03
C PRO B 118 -34.89 10.22 26.07
N PRO B 119 -34.61 9.67 27.25
CA PRO B 119 -33.90 10.45 28.26
C PRO B 119 -32.49 10.79 27.82
N SER B 120 -31.95 11.85 28.41
CA SER B 120 -30.65 12.37 28.00
C SER B 120 -29.54 11.71 28.81
N ASP B 121 -28.35 11.65 28.19
CA ASP B 121 -27.20 11.07 28.87
C ASP B 121 -26.82 11.89 30.11
N GLU B 122 -27.02 13.21 30.05
CA GLU B 122 -26.72 14.05 31.21
C GLU B 122 -27.64 13.72 32.38
N GLN B 123 -28.92 13.49 32.10
CA GLN B 123 -29.86 13.11 33.16
C GLN B 123 -29.59 11.70 33.67
N LEU B 124 -29.28 10.77 32.76
CA LEU B 124 -29.06 9.38 33.16
C LEU B 124 -27.87 9.25 34.12
N LYS B 125 -26.83 10.07 33.93
CA LYS B 125 -25.70 10.06 34.83
C LYS B 125 -26.03 10.58 36.23
N SER B 126 -27.23 11.13 36.43
CA SER B 126 -27.63 11.65 37.73
C SER B 126 -28.49 10.70 38.53
N GLY B 127 -29.07 9.69 37.91
CA GLY B 127 -29.82 8.66 38.62
C GLY B 127 -31.25 8.47 38.16
N THR B 128 -31.80 9.40 37.38
CA THR B 128 -33.17 9.33 36.92
C THR B 128 -33.23 9.25 35.40
N ALA B 129 -34.39 8.86 34.89
CA ALA B 129 -34.62 8.76 33.45
C ALA B 129 -36.02 9.28 33.16
N SER B 130 -36.10 10.43 32.50
CA SER B 130 -37.38 11.03 32.12
C SER B 130 -37.60 10.83 30.63
N VAL B 131 -38.64 10.07 30.29
CA VAL B 131 -39.05 9.87 28.91
C VAL B 131 -40.22 10.80 28.63
N VAL B 132 -40.06 11.69 27.66
CA VAL B 132 -41.02 12.74 27.38
C VAL B 132 -41.78 12.42 26.11
N CYS B 133 -43.10 12.47 26.17
CA CYS B 133 -43.97 12.31 25.02
C CYS B 133 -44.69 13.63 24.78
N LEU B 134 -44.66 14.09 23.52
CA LEU B 134 -45.20 15.41 23.17
C LEU B 134 -46.37 15.25 22.21
N LEU B 135 -47.49 15.89 22.56
CA LEU B 135 -48.66 16.00 21.70
C LEU B 135 -48.77 17.47 21.30
N ASN B 136 -48.54 17.77 20.03
CA ASN B 136 -48.37 19.14 19.57
C ASN B 136 -49.55 19.58 18.73
N ASN B 137 -50.13 20.73 19.09
CA ASN B 137 -51.18 21.40 18.32
C ASN B 137 -52.33 20.46 17.98
N PHE B 138 -53.19 20.19 18.94
CA PHE B 138 -54.36 19.35 18.72
C PHE B 138 -55.61 20.03 19.25
N TYR B 139 -56.75 19.65 18.67
CA TYR B 139 -58.05 20.13 19.11
C TYR B 139 -59.02 18.98 18.88
N PRO B 140 -59.88 18.65 19.84
CA PRO B 140 -60.10 19.36 21.11
C PRO B 140 -59.01 19.08 22.15
N ARG B 141 -59.24 19.57 23.37
CA ARG B 141 -58.27 19.44 24.44
C ARG B 141 -58.21 18.04 25.02
N GLU B 142 -59.28 17.27 24.90
CA GLU B 142 -59.34 15.95 25.50
C GLU B 142 -58.47 14.98 24.71
N ALA B 143 -57.57 14.28 25.40
CA ALA B 143 -56.62 13.40 24.76
C ALA B 143 -56.18 12.31 25.74
N LYS B 144 -55.85 11.14 25.20
CA LYS B 144 -55.48 9.98 25.99
C LYS B 144 -54.03 9.61 25.70
N VAL B 145 -53.23 9.50 26.75
CA VAL B 145 -51.82 9.14 26.63
C VAL B 145 -51.55 7.97 27.57
N GLN B 146 -51.03 6.88 27.03
CA GLN B 146 -50.67 5.70 27.81
C GLN B 146 -49.22 5.35 27.57
N TRP B 147 -48.52 4.99 28.64
CA TRP B 147 -47.13 4.56 28.56
C TRP B 147 -47.06 3.04 28.55
N LYS B 148 -46.19 2.51 27.68
CA LYS B 148 -46.05 1.06 27.53
C LYS B 148 -44.56 0.75 27.45
N VAL B 149 -44.02 0.22 28.54
CA VAL B 149 -42.61 -0.16 28.63
C VAL B 149 -42.52 -1.66 28.41
N ASP B 150 -41.89 -2.07 27.31
CA ASP B 150 -41.86 -3.47 26.89
C ASP B 150 -43.27 -4.03 26.76
N ASN B 151 -44.18 -3.22 26.21
CA ASN B 151 -45.58 -3.56 26.03
C ASN B 151 -46.28 -3.81 27.36
N ALA B 152 -45.81 -3.15 28.43
CA ALA B 152 -46.44 -3.23 29.75
C ALA B 152 -47.01 -1.86 30.08
N LEU B 153 -48.34 -1.79 30.17
CA LEU B 153 -49.01 -0.54 30.47
C LEU B 153 -48.57 -0.01 31.84
N GLN B 154 -47.95 1.16 31.85
CA GLN B 154 -47.41 1.74 33.07
C GLN B 154 -48.49 2.50 33.83
N SER B 155 -48.29 2.59 35.14
CA SER B 155 -49.22 3.31 36.01
C SER B 155 -48.46 3.85 37.21
N GLY B 156 -48.78 5.08 37.59
CA GLY B 156 -48.20 5.67 38.79
C GLY B 156 -46.82 6.25 38.61
N ASN B 157 -46.41 6.57 37.39
CA ASN B 157 -45.07 7.08 37.16
C ASN B 157 -45.00 8.16 36.09
N SER B 158 -46.14 8.68 35.63
CA SER B 158 -46.17 9.71 34.60
C SER B 158 -46.89 10.95 35.11
N GLN B 159 -46.59 12.08 34.47
CA GLN B 159 -47.23 13.34 34.79
C GLN B 159 -47.53 14.07 33.48
N GLU B 160 -48.61 14.84 33.48
CA GLU B 160 -49.07 15.54 32.29
C GLU B 160 -49.21 17.04 32.55
N SER B 161 -49.22 17.79 31.46
CA SER B 161 -49.39 19.24 31.50
C SER B 161 -49.85 19.71 30.13
N VAL B 162 -50.93 20.49 30.10
CA VAL B 162 -51.50 21.02 28.88
C VAL B 162 -51.30 22.53 28.85
N THR B 163 -50.92 23.05 27.68
CA THR B 163 -50.78 24.49 27.50
C THR B 163 -52.16 25.13 27.30
N GLU B 164 -52.23 26.43 27.61
CA GLU B 164 -53.44 27.18 27.29
C GLU B 164 -53.68 27.18 25.79
N GLN B 165 -54.91 27.51 25.40
CA GLN B 165 -55.26 27.52 24.00
C GLN B 165 -54.41 28.53 23.24
N ASP B 166 -53.93 28.14 22.07
CA ASP B 166 -53.01 28.98 21.31
C ASP B 166 -53.70 30.23 20.79
N SER B 167 -52.92 31.30 20.68
CA SER B 167 -53.42 32.58 20.18
C SER B 167 -53.34 32.68 18.65
N LYS B 168 -52.88 31.64 17.97
CA LYS B 168 -52.82 31.63 16.51
C LYS B 168 -53.73 30.56 15.91
N ASP B 169 -53.49 29.28 16.20
CA ASP B 169 -54.31 28.21 15.66
C ASP B 169 -55.31 27.66 16.66
N SER B 170 -55.37 28.24 17.87
CA SER B 170 -56.36 27.88 18.89
C SER B 170 -56.35 26.38 19.19
N THR B 171 -55.16 25.79 19.23
CA THR B 171 -54.98 24.39 19.56
C THR B 171 -54.36 24.26 20.95
N TYR B 172 -54.16 23.02 21.37
CA TYR B 172 -53.55 22.71 22.65
C TYR B 172 -52.34 21.81 22.44
N SER B 173 -51.43 21.83 23.42
CA SER B 173 -50.30 20.91 23.45
C SER B 173 -50.24 20.25 24.81
N LEU B 174 -49.81 18.99 24.82
CA LEU B 174 -49.76 18.20 26.04
C LEU B 174 -48.36 17.61 26.20
N SER B 175 -47.89 17.57 27.45
CA SER B 175 -46.56 17.07 27.78
C SER B 175 -46.72 15.92 28.77
N SER B 176 -46.45 14.71 28.32
CA SER B 176 -46.47 13.52 29.18
C SER B 176 -45.04 13.09 29.43
N THR B 177 -44.67 12.98 30.71
CA THR B 177 -43.31 12.65 31.11
C THR B 177 -43.35 11.41 31.99
N LEU B 178 -42.64 10.36 31.57
CA LEU B 178 -42.52 9.13 32.33
C LEU B 178 -41.18 9.14 33.05
N THR B 179 -41.22 9.26 34.38
CA THR B 179 -40.03 9.37 35.19
C THR B 179 -39.71 8.03 35.83
N LEU B 180 -38.47 7.58 35.64
CA LEU B 180 -38.01 6.31 36.19
C LEU B 180 -36.62 6.50 36.77
N SER B 181 -36.18 5.51 37.54
CA SER B 181 -34.80 5.48 38.00
C SER B 181 -33.90 4.95 36.88
N LYS B 182 -32.60 5.25 36.99
CA LYS B 182 -31.65 4.73 36.03
C LYS B 182 -31.62 3.21 36.04
N ALA B 183 -31.86 2.60 37.21
CA ALA B 183 -31.95 1.15 37.30
C ALA B 183 -33.17 0.62 36.54
N ASP B 184 -34.36 1.05 36.95
CA ASP B 184 -35.59 0.61 36.29
C ASP B 184 -35.58 0.91 34.80
N TYR B 185 -34.95 2.02 34.40
CA TYR B 185 -34.88 2.35 32.98
C TYR B 185 -34.03 1.36 32.22
N GLU B 186 -32.97 0.85 32.83
CA GLU B 186 -32.09 -0.13 32.19
C GLU B 186 -32.59 -1.56 32.34
N LYS B 187 -33.71 -1.76 33.05
CA LYS B 187 -34.31 -3.08 33.17
C LYS B 187 -35.31 -3.37 32.06
N HIS B 188 -35.36 -2.53 31.02
CA HIS B 188 -36.30 -2.71 29.94
C HIS B 188 -35.67 -2.19 28.64
N LYS B 189 -36.37 -2.43 27.53
CA LYS B 189 -35.88 -2.06 26.21
C LYS B 189 -36.84 -1.13 25.46
N VAL B 190 -38.10 -1.51 25.32
CA VAL B 190 -39.05 -0.79 24.48
C VAL B 190 -39.82 0.20 25.33
N TYR B 191 -39.72 1.48 25.01
CA TYR B 191 -40.46 2.54 25.66
C TYR B 191 -41.40 3.19 24.65
N ALA B 192 -42.70 3.05 24.86
CA ALA B 192 -43.70 3.47 23.90
C ALA B 192 -44.63 4.53 24.50
N CYS B 193 -45.29 5.27 23.62
CA CYS B 193 -46.27 6.27 23.99
C CYS B 193 -47.46 6.13 23.03
N GLU B 194 -48.60 5.71 23.56
CA GLU B 194 -49.79 5.48 22.74
C GLU B 194 -50.79 6.61 22.98
N VAL B 195 -51.22 7.23 21.89
CA VAL B 195 -52.08 8.42 21.94
C VAL B 195 -53.41 8.10 21.30
N THR B 196 -54.50 8.54 21.95
CA THR B 196 -55.84 8.42 21.42
C THR B 196 -56.47 9.81 21.37
N HIS B 197 -57.12 10.14 20.25
CA HIS B 197 -57.71 11.44 20.07
C HIS B 197 -58.84 11.35 19.05
N GLN B 198 -59.73 12.35 19.06
CA GLN B 198 -60.83 12.36 18.11
C GLN B 198 -60.33 12.40 16.68
N GLY B 199 -59.32 13.22 16.42
CA GLY B 199 -58.80 13.41 15.08
C GLY B 199 -57.88 12.33 14.58
N LEU B 200 -57.56 11.33 15.39
CA LEU B 200 -56.72 10.22 15.00
C LEU B 200 -57.60 9.05 14.60
N SER B 201 -57.46 8.60 13.34
CA SER B 201 -58.29 7.49 12.86
C SER B 201 -58.08 6.24 13.69
N SER B 202 -56.83 5.96 14.07
CA SER B 202 -56.48 4.84 14.93
C SER B 202 -55.38 5.33 15.89
N PRO B 203 -55.28 4.68 17.05
CA PRO B 203 -54.26 5.13 18.03
C PRO B 203 -52.86 5.12 17.43
N VAL B 204 -52.13 6.22 17.66
CA VAL B 204 -50.80 6.42 17.13
C VAL B 204 -49.79 6.06 18.21
N THR B 205 -48.89 5.13 17.90
CA THR B 205 -47.89 4.66 18.84
C THR B 205 -46.52 5.12 18.39
N LYS B 206 -45.90 5.99 19.18
CA LYS B 206 -44.49 6.36 19.01
C LYS B 206 -43.68 5.66 20.08
N SER B 207 -42.56 5.05 19.68
CA SER B 207 -41.79 4.23 20.59
C SER B 207 -40.32 4.25 20.20
N PHE B 208 -39.47 3.97 21.16
CA PHE B 208 -38.04 3.80 20.92
C PHE B 208 -37.53 2.65 21.79
N ASN B 209 -36.42 2.08 21.37
CA ASN B 209 -35.72 1.05 22.12
C ASN B 209 -34.53 1.67 22.83
N ARG B 210 -34.34 1.32 24.10
CA ARG B 210 -33.18 1.80 24.84
C ARG B 210 -31.90 1.37 24.15
N GLY B 211 -31.13 2.35 23.67
CA GLY B 211 -29.87 2.07 23.01
C GLY B 211 -29.94 2.17 21.50
N GLU B 212 -30.67 3.14 20.99
CA GLU B 212 -30.74 3.36 19.55
C GLU B 212 -29.76 4.43 19.10
N GLN C 1 -21.69 15.91 -20.87
CA GLN C 1 -21.20 15.22 -19.69
C GLN C 1 -22.30 14.35 -19.07
N VAL C 2 -21.95 13.62 -18.01
CA VAL C 2 -22.89 12.72 -17.35
C VAL C 2 -23.75 13.54 -16.39
N GLN C 3 -25.05 13.58 -16.64
CA GLN C 3 -25.99 14.34 -15.82
C GLN C 3 -27.20 13.49 -15.53
N LEU C 4 -27.44 13.22 -14.24
CA LEU C 4 -28.64 12.53 -13.78
C LEU C 4 -29.57 13.53 -13.11
N VAL C 5 -30.84 13.50 -13.48
CA VAL C 5 -31.83 14.47 -13.00
C VAL C 5 -33.02 13.70 -12.44
N GLU C 6 -33.37 14.01 -11.20
CA GLU C 6 -34.52 13.39 -10.54
C GLU C 6 -35.72 14.31 -10.59
N SER C 7 -36.91 13.71 -10.56
CA SER C 7 -38.15 14.45 -10.54
C SER C 7 -39.24 13.58 -9.95
N GLY C 8 -40.34 14.22 -9.56
CA GLY C 8 -41.50 13.52 -9.03
C GLY C 8 -41.68 13.61 -7.53
N GLY C 9 -40.92 14.47 -6.85
CA GLY C 9 -41.00 14.57 -5.42
C GLY C 9 -41.94 15.68 -4.96
N GLY C 10 -42.39 15.55 -3.72
CA GLY C 10 -43.30 16.50 -3.13
C GLY C 10 -43.90 15.99 -1.83
N VAL C 11 -45.16 16.32 -1.58
CA VAL C 11 -45.86 15.80 -0.40
C VAL C 11 -46.54 14.50 -0.78
N VAL C 12 -46.58 13.56 0.15
CA VAL C 12 -47.35 12.32 0.01
C VAL C 12 -48.10 12.08 1.32
N GLN C 13 -49.35 11.67 1.20
CA GLN C 13 -50.12 11.29 2.38
C GLN C 13 -49.53 10.02 2.99
N PRO C 14 -49.33 9.99 4.31
CA PRO C 14 -48.77 8.79 4.96
C PRO C 14 -49.56 7.53 4.66
N GLY C 15 -48.94 6.60 3.93
CA GLY C 15 -49.62 5.38 3.52
C GLY C 15 -50.20 5.50 2.12
N ARG C 16 -49.46 6.11 1.22
CA ARG C 16 -49.88 6.29 -0.16
C ARG C 16 -48.69 5.97 -1.06
N SER C 17 -48.80 6.36 -2.33
CA SER C 17 -47.81 6.01 -3.34
C SER C 17 -47.24 7.26 -4.00
N LEU C 18 -45.99 7.14 -4.45
CA LEU C 18 -45.31 8.18 -5.18
C LEU C 18 -44.25 7.52 -6.06
N ARG C 19 -44.10 8.03 -7.27
CA ARG C 19 -43.12 7.51 -8.22
C ARG C 19 -42.10 8.60 -8.56
N LEU C 20 -40.83 8.22 -8.56
CA LEU C 20 -39.73 9.10 -8.94
C LEU C 20 -39.16 8.68 -10.28
N SER C 21 -38.65 9.66 -11.03
CA SER C 21 -38.07 9.42 -12.34
C SER C 21 -36.70 10.08 -12.42
N CYS C 22 -35.69 9.30 -12.77
CA CYS C 22 -34.32 9.76 -12.92
C CYS C 22 -33.95 9.74 -14.40
N GLU C 23 -33.70 10.90 -14.97
CA GLU C 23 -33.30 11.00 -16.37
C GLU C 23 -31.78 10.98 -16.49
N ALA C 24 -31.30 10.33 -17.55
CA ALA C 24 -29.89 10.11 -17.77
C ALA C 24 -29.47 10.72 -19.11
N SER C 25 -28.31 11.35 -19.13
CA SER C 25 -27.80 11.98 -20.35
C SER C 25 -26.28 12.03 -20.26
N GLY C 26 -25.63 11.78 -21.39
CA GLY C 26 -24.19 11.80 -21.49
C GLY C 26 -23.55 10.43 -21.52
N PHE C 27 -24.34 9.37 -21.37
CA PHE C 27 -23.83 8.01 -21.40
C PHE C 27 -24.92 7.08 -21.90
N THR C 28 -24.54 5.84 -22.17
CA THR C 28 -25.48 4.81 -22.61
C THR C 28 -26.15 4.23 -21.37
N PHE C 29 -27.40 4.65 -21.13
CA PHE C 29 -28.10 4.24 -19.91
C PHE C 29 -28.25 2.72 -19.83
N SER C 30 -28.35 2.05 -20.96
CA SER C 30 -28.51 0.60 -20.99
C SER C 30 -27.21 -0.16 -20.70
N ASN C 31 -26.11 0.55 -20.42
CA ASN C 31 -24.83 -0.10 -20.14
C ASN C 31 -24.46 -0.10 -18.66
N PHE C 32 -25.14 0.68 -17.83
CA PHE C 32 -24.75 0.86 -16.44
C PHE C 32 -25.86 0.43 -15.50
N GLY C 33 -25.47 -0.12 -14.36
CA GLY C 33 -26.41 -0.33 -13.27
C GLY C 33 -26.71 0.97 -12.55
N MET C 34 -27.82 0.98 -11.83
CA MET C 34 -28.30 2.20 -11.18
C MET C 34 -28.64 1.93 -9.73
N HIS C 35 -28.53 2.97 -8.92
CA HIS C 35 -28.82 2.92 -7.50
C HIS C 35 -29.80 4.03 -7.13
N TRP C 36 -30.54 3.80 -6.05
CA TRP C 36 -31.33 4.84 -5.40
C TRP C 36 -30.79 5.02 -3.99
N VAL C 37 -30.38 6.26 -3.67
CA VAL C 37 -29.91 6.59 -2.34
C VAL C 37 -30.78 7.72 -1.81
N ARG C 38 -30.95 7.75 -0.48
CA ARG C 38 -31.73 8.78 0.16
C ARG C 38 -30.97 9.34 1.35
N GLN C 39 -31.19 10.62 1.63
CA GLN C 39 -30.56 11.31 2.74
C GLN C 39 -31.65 11.88 3.64
N THR C 40 -31.67 11.45 4.87
CA THR C 40 -32.57 11.91 5.92
C THR C 40 -31.89 12.96 6.78
N PRO C 41 -32.66 13.87 7.40
CA PRO C 41 -32.03 14.97 8.15
C PRO C 41 -31.17 14.51 9.32
N VAL C 42 -31.53 13.44 9.99
CA VAL C 42 -30.84 12.99 11.19
C VAL C 42 -30.12 11.66 10.96
N LYS C 43 -30.82 10.67 10.39
CA LYS C 43 -30.22 9.35 10.20
C LYS C 43 -29.15 9.35 9.11
N GLY C 44 -29.14 10.36 8.25
CA GLY C 44 -28.07 10.51 7.27
C GLY C 44 -28.32 9.80 5.95
N LEU C 45 -27.25 9.30 5.35
CA LEU C 45 -27.32 8.65 4.04
C LEU C 45 -27.64 7.17 4.20
N GLU C 46 -28.51 6.67 3.31
CA GLU C 46 -28.99 5.30 3.39
C GLU C 46 -29.23 4.77 1.98
N TRP C 47 -28.56 3.68 1.63
CA TRP C 47 -28.82 3.03 0.35
C TRP C 47 -30.21 2.42 0.35
N VAL C 48 -30.89 2.48 -0.80
CA VAL C 48 -32.28 2.08 -0.93
C VAL C 48 -32.43 0.86 -1.85
N ALA C 49 -31.91 0.95 -3.07
CA ALA C 49 -32.11 -0.13 -4.03
C ALA C 49 -31.08 -0.02 -5.15
N ILE C 50 -30.87 -1.15 -5.83
CA ILE C 50 -30.00 -1.24 -7.00
C ILE C 50 -30.73 -2.05 -8.07
N ILE C 51 -30.52 -1.68 -9.33
CA ILE C 51 -31.04 -2.43 -10.47
C ILE C 51 -29.90 -2.64 -11.45
N TRP C 52 -29.90 -3.79 -12.11
CA TRP C 52 -28.87 -4.09 -13.08
C TRP C 52 -29.07 -3.30 -14.36
N PHE C 53 -28.08 -3.39 -15.25
CA PHE C 53 -28.10 -2.62 -16.49
C PHE C 53 -29.26 -3.07 -17.40
N ASP C 54 -29.56 -4.36 -17.40
CA ASP C 54 -30.65 -4.91 -18.20
C ASP C 54 -31.93 -5.09 -17.41
N GLY C 55 -31.92 -4.78 -16.12
CA GLY C 55 -33.08 -5.02 -15.27
C GLY C 55 -33.24 -6.45 -14.82
N SER C 56 -32.23 -7.30 -15.04
CA SER C 56 -32.35 -8.71 -14.67
C SER C 56 -32.42 -8.88 -13.16
N TYR C 57 -31.54 -8.20 -12.43
CA TYR C 57 -31.47 -8.32 -10.98
C TYR C 57 -31.75 -6.97 -10.33
N LYS C 58 -32.42 -7.02 -9.18
CA LYS C 58 -32.71 -5.82 -8.41
C LYS C 58 -32.70 -6.18 -6.93
N TYR C 59 -31.98 -5.40 -6.13
CA TYR C 59 -31.85 -5.64 -4.71
C TYR C 59 -32.27 -4.41 -3.93
N TYR C 60 -32.88 -4.63 -2.77
CA TYR C 60 -33.43 -3.56 -1.95
C TYR C 60 -32.90 -3.69 -0.53
N THR C 61 -32.92 -2.59 0.20
CA THR C 61 -32.67 -2.63 1.63
C THR C 61 -33.90 -3.14 2.38
N ASP C 62 -33.67 -3.64 3.59
CA ASP C 62 -34.74 -4.29 4.34
C ASP C 62 -35.90 -3.34 4.63
N SER C 63 -35.59 -2.09 5.01
CA SER C 63 -36.64 -1.17 5.43
C SER C 63 -37.65 -0.86 4.32
N VAL C 64 -37.26 -1.05 3.06
CA VAL C 64 -38.13 -0.74 1.93
C VAL C 64 -38.66 -1.97 1.23
N LYS C 65 -38.25 -3.17 1.64
CA LYS C 65 -38.70 -4.38 0.99
C LYS C 65 -40.21 -4.53 1.10
N GLY C 66 -40.84 -4.95 0.00
CA GLY C 66 -42.28 -5.07 -0.06
C GLY C 66 -43.02 -3.76 -0.21
N ARG C 67 -42.32 -2.64 -0.28
CA ARG C 67 -42.98 -1.35 -0.41
C ARG C 67 -42.48 -0.58 -1.61
N PHE C 68 -41.20 -0.74 -1.93
CA PHE C 68 -40.58 -0.04 -3.04
C PHE C 68 -40.28 -1.02 -4.19
N THR C 69 -40.29 -0.49 -5.41
CA THR C 69 -39.97 -1.26 -6.60
C THR C 69 -39.10 -0.40 -7.51
N ILE C 70 -37.85 -0.81 -7.70
CA ILE C 70 -36.95 -0.12 -8.62
C ILE C 70 -37.11 -0.72 -10.01
N SER C 71 -37.17 0.13 -11.02
CA SER C 71 -37.37 -0.31 -12.39
C SER C 71 -36.70 0.69 -13.32
N ARG C 72 -36.64 0.33 -14.60
CA ARG C 72 -35.97 1.18 -15.57
C ARG C 72 -36.54 0.90 -16.96
N ASP C 73 -36.46 1.91 -17.81
CA ASP C 73 -36.87 1.84 -19.21
C ASP C 73 -35.65 2.26 -20.02
N ASN C 74 -34.82 1.28 -20.38
CA ASN C 74 -33.56 1.56 -21.06
C ASN C 74 -33.77 2.23 -22.41
N SER C 75 -34.99 2.19 -22.96
CA SER C 75 -35.28 2.92 -24.18
C SER C 75 -35.55 4.41 -23.92
N LYS C 76 -35.84 4.78 -22.67
CA LYS C 76 -36.11 6.17 -22.31
C LYS C 76 -35.00 6.81 -21.49
N ASN C 77 -33.93 6.07 -21.16
CA ASN C 77 -32.87 6.57 -20.29
C ASN C 77 -33.45 7.06 -18.97
N THR C 78 -34.44 6.33 -18.44
CA THR C 78 -35.21 6.77 -17.29
C THR C 78 -35.22 5.67 -16.23
N LEU C 79 -34.85 6.04 -15.01
CA LEU C 79 -34.90 5.16 -13.86
C LEU C 79 -36.17 5.46 -13.05
N TYR C 80 -36.72 4.43 -12.43
CA TYR C 80 -37.96 4.57 -11.68
C TYR C 80 -37.82 3.96 -10.29
N LEU C 81 -38.50 4.57 -9.33
CA LEU C 81 -38.61 4.06 -7.96
C LEU C 81 -40.06 4.23 -7.52
N GLN C 82 -40.84 3.15 -7.59
CA GLN C 82 -42.23 3.18 -7.15
C GLN C 82 -42.27 2.98 -5.64
N MET C 83 -42.63 4.04 -4.91
CA MET C 83 -42.64 4.03 -3.45
C MET C 83 -44.08 3.89 -2.98
N ASN C 84 -44.41 2.74 -2.41
CA ASN C 84 -45.75 2.44 -1.94
C ASN C 84 -45.77 2.30 -0.43
N SER C 85 -46.96 2.48 0.14
CA SER C 85 -47.17 2.39 1.59
C SER C 85 -46.15 3.21 2.36
N LEU C 86 -46.04 4.48 1.97
CA LEU C 86 -44.98 5.34 2.50
C LEU C 86 -45.19 5.62 3.99
N ARG C 87 -44.10 5.63 4.74
CA ARG C 87 -44.10 5.88 6.17
C ARG C 87 -43.55 7.28 6.45
N ALA C 88 -43.48 7.61 7.74
CA ALA C 88 -42.84 8.86 8.13
C ALA C 88 -41.33 8.80 7.97
N GLU C 89 -40.74 7.61 8.15
CA GLU C 89 -39.30 7.44 7.97
C GLU C 89 -38.85 7.63 6.53
N ASP C 90 -39.77 7.69 5.58
CA ASP C 90 -39.43 7.83 4.17
C ASP C 90 -39.24 9.27 3.73
N THR C 91 -39.52 10.24 4.59
CA THR C 91 -39.28 11.65 4.26
C THR C 91 -37.79 11.88 4.12
N ALA C 92 -37.31 12.07 2.89
CA ALA C 92 -35.89 12.25 2.65
C ALA C 92 -35.68 12.80 1.24
N VAL C 93 -34.43 13.17 0.96
CA VAL C 93 -34.02 13.56 -0.39
C VAL C 93 -33.48 12.32 -1.08
N TYR C 94 -34.06 11.98 -2.22
CA TYR C 94 -33.70 10.75 -2.95
C TYR C 94 -32.82 11.11 -4.14
N TYR C 95 -31.61 10.56 -4.16
CA TYR C 95 -30.70 10.70 -5.28
C TYR C 95 -30.67 9.40 -6.08
N CYS C 96 -30.44 9.53 -7.39
CA CYS C 96 -30.09 8.39 -8.23
C CYS C 96 -28.62 8.48 -8.57
N ALA C 97 -27.94 7.34 -8.56
CA ALA C 97 -26.52 7.28 -8.82
C ALA C 97 -26.22 6.18 -9.83
N ARG C 98 -25.15 6.37 -10.59
CA ARG C 98 -24.72 5.38 -11.57
C ARG C 98 -23.70 4.46 -10.94
N ALA C 99 -23.76 3.18 -11.30
CA ALA C 99 -22.84 2.20 -10.74
C ALA C 99 -21.40 2.53 -11.12
N ARG C 100 -20.48 2.18 -10.23
CA ARG C 100 -19.08 2.54 -10.39
C ARG C 100 -18.20 1.41 -9.87
N LYS C 101 -17.14 1.11 -10.62
CA LYS C 101 -16.15 0.13 -10.19
C LYS C 101 -15.27 0.74 -9.11
N GLY C 102 -15.24 0.10 -7.94
CA GLY C 102 -14.51 0.64 -6.80
C GLY C 102 -13.01 0.49 -6.90
N GLN C 103 -12.48 0.52 -8.13
CA GLN C 103 -11.06 0.37 -8.39
C GLN C 103 -10.81 0.87 -9.80
N ARG C 104 -9.54 1.19 -10.08
CA ARG C 104 -9.16 1.67 -11.40
C ARG C 104 -9.60 0.70 -12.50
N SER C 105 -9.87 1.25 -13.68
CA SER C 105 -10.48 0.47 -14.76
C SER C 105 -9.55 -0.63 -15.26
N ASP C 106 -8.24 -0.46 -15.14
CA ASP C 106 -7.31 -1.48 -15.59
C ASP C 106 -7.29 -2.70 -14.67
N TYR C 107 -7.81 -2.55 -13.45
CA TYR C 107 -7.75 -3.63 -12.47
C TYR C 107 -8.62 -4.82 -12.89
N TYR C 108 -8.10 -6.02 -12.65
CA TYR C 108 -8.85 -7.25 -12.84
C TYR C 108 -8.44 -8.21 -11.74
N GLY C 109 -9.35 -8.49 -10.81
CA GLY C 109 -9.05 -9.34 -9.67
C GLY C 109 -10.21 -10.24 -9.33
N SER C 110 -9.98 -11.10 -8.34
CA SER C 110 -11.01 -12.05 -7.92
C SER C 110 -12.22 -11.33 -7.34
N GLU C 111 -11.98 -10.47 -6.35
CA GLU C 111 -13.04 -9.72 -5.68
C GLU C 111 -13.07 -8.31 -6.22
N THR C 112 -13.97 -8.04 -7.17
CA THR C 112 -14.14 -6.71 -7.73
C THR C 112 -15.47 -6.15 -7.23
N LYS C 113 -15.41 -5.21 -6.29
CA LYS C 113 -16.60 -4.63 -5.68
C LYS C 113 -16.94 -3.31 -6.35
N TYR C 114 -18.24 -3.00 -6.39
CA TYR C 114 -18.75 -1.83 -7.08
C TYR C 114 -19.47 -0.91 -6.11
N THR C 115 -19.49 0.38 -6.47
CA THR C 115 -20.21 1.39 -5.70
C THR C 115 -21.07 2.24 -6.63
N PHE C 116 -21.25 3.52 -6.33
CA PHE C 116 -22.00 4.41 -7.20
C PHE C 116 -21.46 5.83 -7.06
N ASP C 117 -21.34 6.53 -8.19
CA ASP C 117 -20.54 7.75 -8.25
C ASP C 117 -21.37 8.98 -8.68
N ASN C 118 -21.86 9.02 -9.91
CA ASN C 118 -22.51 10.23 -10.42
C ASN C 118 -23.88 10.43 -9.78
N TRP C 119 -23.93 11.16 -8.68
CA TRP C 119 -25.20 11.45 -8.03
C TRP C 119 -25.86 12.66 -8.68
N GLY C 120 -27.19 12.60 -8.80
CA GLY C 120 -27.96 13.74 -9.26
C GLY C 120 -28.13 14.75 -8.15
N GLN C 121 -28.92 15.79 -8.45
CA GLN C 121 -29.16 16.83 -7.46
C GLN C 121 -30.08 16.33 -6.35
N GLY C 122 -31.09 15.54 -6.70
CA GLY C 122 -31.97 14.96 -5.71
C GLY C 122 -33.39 15.47 -5.79
N THR C 123 -34.33 14.69 -5.27
CA THR C 123 -35.72 15.10 -5.17
C THR C 123 -36.20 14.81 -3.75
N LEU C 124 -36.75 15.83 -3.10
CA LEU C 124 -37.15 15.73 -1.70
C LEU C 124 -38.58 15.23 -1.60
N VAL C 125 -38.75 14.09 -0.93
CA VAL C 125 -40.06 13.53 -0.66
C VAL C 125 -40.41 13.86 0.79
N THR C 126 -41.55 14.51 0.99
CA THR C 126 -42.03 14.88 2.31
C THR C 126 -43.34 14.14 2.58
N VAL C 127 -43.36 13.31 3.60
CA VAL C 127 -44.55 12.53 3.96
C VAL C 127 -45.32 13.35 5.00
N SER C 128 -46.40 13.98 4.55
CA SER C 128 -47.20 14.83 5.43
C SER C 128 -48.62 14.87 4.89
N SER C 129 -49.58 15.04 5.81
CA SER C 129 -50.99 15.13 5.46
C SER C 129 -51.41 16.53 5.03
N ALA C 130 -50.49 17.50 5.06
CA ALA C 130 -50.81 18.87 4.66
C ALA C 130 -50.82 18.99 3.14
N SER C 131 -51.53 20.01 2.66
CA SER C 131 -51.68 20.24 1.24
C SER C 131 -50.51 21.06 0.70
N THR C 132 -50.24 20.88 -0.58
CA THR C 132 -49.20 21.66 -1.26
C THR C 132 -49.70 23.08 -1.52
N LYS C 133 -48.93 24.06 -1.08
CA LYS C 133 -49.27 25.46 -1.29
C LYS C 133 -48.10 26.16 -1.98
N GLY C 134 -48.39 26.83 -3.10
CA GLY C 134 -47.39 27.56 -3.83
C GLY C 134 -46.88 28.76 -3.08
N PRO C 135 -45.71 29.26 -3.46
CA PRO C 135 -45.08 30.37 -2.75
C PRO C 135 -45.56 31.73 -3.23
N SER C 136 -45.33 32.73 -2.38
CA SER C 136 -45.58 34.13 -2.70
C SER C 136 -44.23 34.85 -2.69
N VAL C 137 -43.87 35.43 -3.83
CA VAL C 137 -42.57 36.07 -4.01
C VAL C 137 -42.74 37.58 -3.94
N PHE C 138 -42.05 38.21 -2.99
CA PHE C 138 -42.06 39.66 -2.85
C PHE C 138 -40.66 40.21 -3.03
N PRO C 139 -40.52 41.42 -3.56
CA PRO C 139 -39.19 41.96 -3.83
C PRO C 139 -38.62 42.76 -2.66
N LEU C 140 -37.38 42.47 -2.29
CA LEU C 140 -36.67 43.26 -1.28
C LEU C 140 -35.85 44.31 -2.03
N ALA C 141 -36.50 45.44 -2.30
CA ALA C 141 -35.92 46.45 -3.18
C ALA C 141 -34.75 47.15 -2.49
N PRO C 142 -33.70 47.52 -3.23
CA PRO C 142 -32.62 48.29 -2.63
C PRO C 142 -33.01 49.74 -2.39
N SER C 143 -32.40 50.34 -1.38
CA SER C 143 -32.68 51.72 -1.00
C SER C 143 -31.45 52.31 -0.32
N SER C 144 -31.59 53.54 0.18
CA SER C 144 -30.50 54.15 0.94
C SER C 144 -30.22 53.40 2.24
N LYS C 145 -31.21 52.70 2.77
CA LYS C 145 -31.05 51.90 3.98
C LYS C 145 -30.48 50.51 3.70
N SER C 146 -30.22 50.21 2.43
CA SER C 146 -29.61 48.95 2.01
C SER C 146 -28.22 49.16 1.43
N THR C 147 -27.64 50.35 1.63
CA THR C 147 -26.37 50.72 1.02
C THR C 147 -25.32 50.95 2.10
N SER C 148 -24.21 50.23 1.99
CA SER C 148 -23.03 50.42 2.83
C SER C 148 -21.83 50.46 1.92
N GLY C 149 -21.15 51.60 1.88
CA GLY C 149 -20.12 51.74 0.87
C GLY C 149 -20.75 51.80 -0.51
N GLY C 150 -19.97 51.38 -1.50
CA GLY C 150 -20.44 51.35 -2.87
C GLY C 150 -21.33 50.17 -3.17
N THR C 151 -21.66 49.40 -2.13
CA THR C 151 -22.39 48.15 -2.26
C THR C 151 -23.86 48.34 -1.85
N ALA C 152 -24.75 47.76 -2.65
CA ALA C 152 -26.19 47.76 -2.39
C ALA C 152 -26.69 46.32 -2.36
N ALA C 153 -27.43 45.97 -1.31
CA ALA C 153 -27.99 44.63 -1.14
C ALA C 153 -29.47 44.62 -1.51
N LEU C 154 -29.89 43.56 -2.20
CA LEU C 154 -31.26 43.37 -2.64
C LEU C 154 -31.57 41.87 -2.64
N GLY C 155 -32.85 41.58 -2.80
CA GLY C 155 -33.26 40.19 -2.81
C GLY C 155 -34.75 40.02 -3.00
N CYS C 156 -35.19 38.79 -2.77
CA CYS C 156 -36.59 38.44 -2.87
C CYS C 156 -36.99 37.56 -1.70
N LEU C 157 -38.15 37.88 -1.13
CA LEU C 157 -38.71 37.16 0.01
C LEU C 157 -39.78 36.17 -0.48
N VAL C 158 -39.58 34.90 -0.19
CA VAL C 158 -40.48 33.83 -0.60
C VAL C 158 -41.20 33.33 0.65
N LYS C 159 -42.52 33.44 0.67
CA LYS C 159 -43.31 33.16 1.86
C LYS C 159 -44.44 32.19 1.56
N ASP C 160 -44.82 31.44 2.59
CA ASP C 160 -46.07 30.67 2.61
C ASP C 160 -46.09 29.57 1.55
N TYR C 161 -45.07 28.72 1.57
CA TYR C 161 -44.99 27.60 0.65
C TYR C 161 -44.80 26.30 1.42
N PHE C 162 -45.32 25.21 0.84
CA PHE C 162 -45.24 23.88 1.42
C PHE C 162 -45.47 22.86 0.32
N PRO C 163 -44.71 21.76 0.28
CA PRO C 163 -43.64 21.37 1.19
C PRO C 163 -42.31 21.99 0.79
N GLU C 164 -41.21 21.59 1.39
CA GLU C 164 -39.93 22.06 0.88
C GLU C 164 -39.54 21.30 -0.38
N PRO C 165 -38.62 21.83 -1.17
CA PRO C 165 -37.94 23.12 -1.03
C PRO C 165 -38.27 24.12 -2.13
N VAL C 166 -37.74 25.33 -2.03
CA VAL C 166 -37.75 26.29 -3.13
C VAL C 166 -36.31 26.58 -3.46
N THR C 167 -35.98 26.58 -4.75
CA THR C 167 -34.65 26.95 -5.22
C THR C 167 -34.71 28.34 -5.84
N VAL C 168 -33.74 29.18 -5.51
CA VAL C 168 -33.73 30.57 -5.96
C VAL C 168 -32.44 30.84 -6.70
N SER C 169 -32.54 31.09 -7.99
CA SER C 169 -31.43 31.54 -8.81
C SER C 169 -31.66 32.99 -9.21
N TRP C 170 -30.58 33.65 -9.66
CA TRP C 170 -30.62 35.05 -10.04
C TRP C 170 -30.16 35.18 -11.49
N ASN C 171 -30.95 35.90 -12.29
CA ASN C 171 -30.65 36.13 -13.71
C ASN C 171 -30.43 34.82 -14.46
N SER C 172 -31.25 33.81 -14.16
CA SER C 172 -31.21 32.52 -14.83
C SER C 172 -29.86 31.83 -14.63
N GLY C 173 -29.27 32.02 -13.45
CA GLY C 173 -28.03 31.37 -13.11
C GLY C 173 -26.78 32.19 -13.39
N ALA C 174 -26.90 33.29 -14.13
CA ALA C 174 -25.73 34.09 -14.45
C ALA C 174 -25.23 34.92 -13.27
N LEU C 175 -26.04 35.06 -12.22
CA LEU C 175 -25.66 35.83 -11.03
C LEU C 175 -25.50 34.86 -9.86
N THR C 176 -24.25 34.64 -9.45
CA THR C 176 -23.95 33.77 -8.31
C THR C 176 -23.08 34.41 -7.24
N SER C 177 -22.30 35.44 -7.58
CA SER C 177 -21.42 36.07 -6.60
C SER C 177 -22.22 36.98 -5.69
N GLY C 178 -22.04 36.81 -4.37
CA GLY C 178 -22.73 37.61 -3.39
C GLY C 178 -24.13 37.15 -3.04
N VAL C 179 -24.60 36.05 -3.62
CA VAL C 179 -25.94 35.56 -3.35
C VAL C 179 -25.93 34.76 -2.05
N HIS C 180 -26.93 35.01 -1.20
CA HIS C 180 -27.08 34.28 0.06
C HIS C 180 -28.54 33.82 0.17
N THR C 181 -28.81 32.59 -0.25
CA THR C 181 -30.11 31.98 -0.05
C THR C 181 -30.11 31.30 1.32
N PHE C 182 -30.91 31.80 2.24
CA PHE C 182 -30.90 31.35 3.62
C PHE C 182 -31.71 30.07 3.77
N PRO C 183 -31.35 29.23 4.75
CA PRO C 183 -32.20 28.07 5.06
C PRO C 183 -33.62 28.51 5.40
N ALA C 184 -34.58 27.72 4.94
CA ALA C 184 -35.98 28.08 5.14
C ALA C 184 -36.36 28.02 6.62
N VAL C 185 -37.35 28.84 6.98
CA VAL C 185 -37.86 28.89 8.34
C VAL C 185 -39.30 28.37 8.34
N LEU C 186 -39.67 27.73 9.45
CA LEU C 186 -41.02 27.21 9.64
C LEU C 186 -41.87 28.29 10.28
N GLN C 187 -42.84 28.82 9.53
CA GLN C 187 -43.74 29.82 10.08
C GLN C 187 -44.75 29.17 11.02
N SER C 188 -45.43 30.03 11.79
CA SER C 188 -46.40 29.56 12.77
C SER C 188 -47.54 28.77 12.14
N SER C 189 -47.77 28.90 10.84
CA SER C 189 -48.85 28.20 10.16
C SER C 189 -48.40 26.86 9.57
N GLY C 190 -47.18 26.42 9.89
CA GLY C 190 -46.63 25.22 9.30
C GLY C 190 -46.12 25.38 7.89
N LEU C 191 -46.27 26.56 7.29
CA LEU C 191 -45.75 26.83 5.96
C LEU C 191 -44.33 27.38 6.09
N TYR C 192 -43.56 27.20 5.03
CA TYR C 192 -42.16 27.60 5.01
C TYR C 192 -42.00 28.96 4.33
N SER C 193 -40.91 29.63 4.66
CA SER C 193 -40.59 30.94 4.10
C SER C 193 -39.08 31.05 3.96
N LEU C 194 -38.63 31.66 2.87
CA LEU C 194 -37.21 31.82 2.62
C LEU C 194 -36.94 33.21 2.05
N SER C 195 -35.68 33.64 2.14
CA SER C 195 -35.24 34.90 1.56
C SER C 195 -33.90 34.67 0.89
N SER C 196 -33.75 35.21 -0.32
CA SER C 196 -32.47 35.18 -1.03
C SER C 196 -32.02 36.61 -1.27
N VAL C 197 -30.79 36.93 -0.86
CA VAL C 197 -30.26 38.28 -1.00
C VAL C 197 -28.98 38.23 -1.84
N VAL C 198 -28.62 39.38 -2.39
CA VAL C 198 -27.42 39.52 -3.20
C VAL C 198 -26.92 40.96 -3.10
N THR C 199 -25.61 41.12 -2.99
CA THR C 199 -24.98 42.44 -2.94
C THR C 199 -24.42 42.78 -4.31
N VAL C 200 -24.72 44.00 -4.77
CA VAL C 200 -24.32 44.45 -6.11
C VAL C 200 -23.75 45.86 -5.99
N PRO C 201 -23.02 46.32 -7.01
CA PRO C 201 -22.59 47.72 -7.00
C PRO C 201 -23.77 48.67 -7.07
N SER C 202 -23.80 49.64 -6.16
CA SER C 202 -24.93 50.57 -6.11
C SER C 202 -24.96 51.47 -7.33
N SER C 203 -23.82 51.75 -7.95
CA SER C 203 -23.79 52.63 -9.11
C SER C 203 -24.47 51.99 -10.32
N SER C 204 -24.47 50.66 -10.40
CA SER C 204 -25.07 49.95 -11.52
C SER C 204 -26.53 49.60 -11.28
N LEU C 205 -27.17 50.19 -10.26
CA LEU C 205 -28.54 49.82 -9.93
C LEU C 205 -29.55 50.23 -11.00
N GLY C 206 -29.19 51.16 -11.87
CA GLY C 206 -30.12 51.61 -12.89
C GLY C 206 -29.79 51.03 -14.25
N THR C 207 -28.53 50.65 -14.45
CA THR C 207 -28.08 50.08 -15.71
C THR C 207 -28.12 48.55 -15.72
N GLN C 208 -28.30 47.91 -14.57
CA GLN C 208 -28.34 46.45 -14.48
C GLN C 208 -29.74 45.95 -14.12
N THR C 209 -30.03 44.72 -14.56
CA THR C 209 -31.32 44.07 -14.32
C THR C 209 -31.12 42.84 -13.44
N TYR C 210 -31.84 42.79 -12.32
CA TYR C 210 -31.75 41.68 -11.37
C TYR C 210 -33.13 41.04 -11.24
N ILE C 211 -33.23 39.78 -11.64
CA ILE C 211 -34.48 39.04 -11.64
C ILE C 211 -34.30 37.83 -10.75
N CYS C 212 -35.23 37.65 -9.85
CA CYS C 212 -35.24 36.52 -8.94
C CYS C 212 -36.04 35.38 -9.55
N ASN C 213 -35.40 34.22 -9.71
CA ASN C 213 -36.02 33.02 -10.29
C ASN C 213 -36.31 32.01 -9.18
N VAL C 214 -37.59 31.88 -8.81
CA VAL C 214 -38.01 30.94 -7.78
C VAL C 214 -38.63 29.71 -8.44
N ASN C 215 -38.21 28.54 -8.01
CA ASN C 215 -38.75 27.28 -8.53
C ASN C 215 -39.23 26.48 -7.33
N HIS C 216 -40.54 26.26 -7.26
CA HIS C 216 -41.13 25.40 -6.24
C HIS C 216 -41.50 24.11 -6.96
N LYS C 217 -40.52 23.20 -7.02
CA LYS C 217 -40.72 21.94 -7.72
C LYS C 217 -41.85 21.08 -7.15
N PRO C 218 -42.11 21.06 -5.83
CA PRO C 218 -43.26 20.26 -5.35
C PRO C 218 -44.58 20.65 -5.98
N SER C 219 -44.84 21.95 -6.19
CA SER C 219 -46.07 22.41 -6.82
C SER C 219 -45.88 22.82 -8.27
N ASN C 220 -44.68 22.60 -8.83
CA ASN C 220 -44.37 22.99 -10.21
C ASN C 220 -44.65 24.47 -10.44
N THR C 221 -44.22 25.29 -9.49
CA THR C 221 -44.46 26.73 -9.51
C THR C 221 -43.17 27.43 -9.89
N LYS C 222 -43.22 28.22 -10.96
CA LYS C 222 -42.10 29.02 -11.44
C LYS C 222 -42.50 30.49 -11.38
N VAL C 223 -41.88 31.26 -10.49
CA VAL C 223 -42.16 32.67 -10.33
C VAL C 223 -40.88 33.46 -10.60
N ASP C 224 -40.98 34.46 -11.46
CA ASP C 224 -39.87 35.37 -11.75
C ASP C 224 -40.26 36.78 -11.35
N LYS C 225 -39.41 37.41 -10.54
CA LYS C 225 -39.68 38.74 -10.01
C LYS C 225 -38.44 39.61 -10.18
N LYS C 226 -38.64 40.82 -10.71
CA LYS C 226 -37.56 41.78 -10.90
C LYS C 226 -37.46 42.71 -9.70
N VAL C 227 -36.24 42.89 -9.19
CA VAL C 227 -35.99 43.72 -8.03
C VAL C 227 -35.48 45.08 -8.52
N GLU C 228 -36.34 46.09 -8.42
CA GLU C 228 -36.03 47.45 -8.86
C GLU C 228 -35.84 48.36 -7.67
N PRO C 229 -34.94 49.34 -7.74
CA PRO C 229 -34.82 50.30 -6.65
C PRO C 229 -36.04 51.21 -6.54
N LYS C 230 -36.43 51.52 -5.32
CA LYS C 230 -37.51 52.47 -5.05
C LYS C 230 -37.04 53.58 -4.12
N ASP D 1 -25.40 -5.97 9.65
CA ASP D 1 -24.76 -5.20 8.58
C ASP D 1 -23.37 -4.73 9.00
N ILE D 2 -22.71 -4.00 8.11
CA ILE D 2 -21.42 -3.37 8.40
C ILE D 2 -21.71 -1.93 8.79
N GLN D 3 -21.39 -1.58 10.03
CA GLN D 3 -21.64 -0.25 10.55
C GLN D 3 -20.37 0.59 10.44
N MET D 4 -20.49 1.76 9.82
CA MET D 4 -19.37 2.69 9.68
C MET D 4 -19.53 3.80 10.70
N THR D 5 -18.43 4.15 11.36
CA THR D 5 -18.43 5.16 12.42
C THR D 5 -17.29 6.13 12.16
N GLN D 6 -17.62 7.41 12.08
CA GLN D 6 -16.65 8.46 11.82
C GLN D 6 -16.36 9.24 13.10
N SER D 7 -15.16 9.83 13.16
CA SER D 7 -14.75 10.60 14.30
C SER D 7 -13.81 11.70 13.82
N PRO D 8 -14.00 12.95 14.26
CA PRO D 8 -15.09 13.45 15.11
C PRO D 8 -16.37 13.70 14.30
N SER D 9 -17.39 14.31 14.90
CA SER D 9 -18.58 14.69 14.17
C SER D 9 -18.53 16.12 13.66
N THR D 10 -17.69 16.96 14.25
CA THR D 10 -17.53 18.35 13.83
C THR D 10 -16.08 18.74 14.05
N LEU D 11 -15.49 19.41 13.05
CA LEU D 11 -14.08 19.76 13.08
C LEU D 11 -13.89 21.20 12.66
N SER D 12 -13.14 21.96 13.45
CA SER D 12 -12.77 23.34 13.14
C SER D 12 -11.26 23.42 12.91
N ALA D 13 -10.86 24.20 11.92
CA ALA D 13 -9.45 24.32 11.57
C ALA D 13 -9.23 25.55 10.70
N SER D 14 -7.99 26.01 10.67
CA SER D 14 -7.64 27.20 9.89
C SER D 14 -7.26 26.79 8.46
N VAL D 15 -7.08 27.81 7.62
CA VAL D 15 -6.65 27.59 6.24
C VAL D 15 -5.18 27.19 6.22
N GLY D 16 -4.84 26.25 5.35
CA GLY D 16 -3.49 25.74 5.28
C GLY D 16 -3.12 24.75 6.35
N ASP D 17 -4.09 24.28 7.14
CA ASP D 17 -3.84 23.33 8.22
C ASP D 17 -4.14 21.91 7.76
N ARG D 18 -3.42 20.97 8.36
CA ARG D 18 -3.65 19.55 8.08
C ARG D 18 -4.87 19.07 8.84
N VAL D 19 -5.77 18.36 8.15
CA VAL D 19 -7.01 17.90 8.72
C VAL D 19 -7.14 16.40 8.43
N THR D 20 -7.43 15.62 9.48
CA THR D 20 -7.57 14.19 9.35
C THR D 20 -8.85 13.74 10.04
N ILE D 21 -9.64 12.91 9.35
CA ILE D 21 -10.89 12.37 9.86
C ILE D 21 -10.80 10.86 9.81
N THR D 22 -11.20 10.20 10.90
CA THR D 22 -11.07 8.75 11.02
C THR D 22 -12.42 8.07 10.78
N CYS D 23 -12.34 6.85 10.23
CA CYS D 23 -13.53 6.07 9.89
C CYS D 23 -13.27 4.61 10.25
N ARG D 24 -14.06 4.08 11.18
CA ARG D 24 -13.96 2.69 11.60
C ARG D 24 -15.11 1.87 11.03
N ALA D 25 -14.81 0.62 10.68
CA ALA D 25 -15.80 -0.32 10.19
C ALA D 25 -16.00 -1.44 11.20
N SER D 26 -17.25 -1.87 11.37
CA SER D 26 -17.57 -2.91 12.33
C SER D 26 -16.91 -4.24 11.98
N GLN D 27 -16.51 -4.44 10.73
CA GLN D 27 -15.84 -5.66 10.31
C GLN D 27 -14.83 -5.31 9.21
N SER D 28 -14.06 -6.32 8.82
CA SER D 28 -13.07 -6.14 7.75
C SER D 28 -13.80 -6.00 6.42
N ILE D 29 -13.59 -4.88 5.74
CA ILE D 29 -14.19 -4.63 4.44
C ILE D 29 -13.14 -4.69 3.33
N ASN D 30 -12.00 -5.32 3.60
CA ASN D 30 -10.87 -5.32 2.65
C ASN D 30 -10.50 -3.84 2.44
N GLY D 31 -10.29 -3.40 1.22
CA GLY D 31 -10.05 -1.99 0.99
C GLY D 31 -11.22 -1.31 0.30
N TRP D 32 -12.42 -1.84 0.50
CA TRP D 32 -13.61 -1.33 -0.19
C TRP D 32 -14.25 -0.22 0.64
N LEU D 33 -13.49 0.86 0.79
CA LEU D 33 -13.92 2.06 1.52
C LEU D 33 -13.92 3.24 0.56
N ALA D 34 -15.05 3.95 0.49
CA ALA D 34 -15.18 5.12 -0.37
C ALA D 34 -15.45 6.36 0.46
N TRP D 35 -14.91 7.49 0.01
CA TRP D 35 -15.08 8.78 0.67
C TRP D 35 -15.90 9.71 -0.22
N TYR D 36 -16.94 10.31 0.35
CA TYR D 36 -17.78 11.27 -0.33
C TYR D 36 -17.69 12.64 0.33
N GLN D 37 -17.86 13.68 -0.47
CA GLN D 37 -17.86 15.06 0.00
C GLN D 37 -19.18 15.73 -0.38
N GLN D 38 -19.87 16.29 0.61
CA GLN D 38 -21.13 16.99 0.39
C GLN D 38 -20.97 18.46 0.76
N LYS D 39 -20.95 19.32 -0.25
CA LYS D 39 -20.90 20.76 -0.04
C LYS D 39 -22.29 21.30 0.19
N PRO D 40 -22.41 22.50 0.79
CA PRO D 40 -23.74 23.03 1.14
C PRO D 40 -24.62 23.17 -0.10
N GLY D 41 -25.86 22.69 0.01
CA GLY D 41 -26.81 22.77 -1.07
C GLY D 41 -26.53 21.87 -2.25
N LYS D 42 -25.43 21.12 -2.23
CA LYS D 42 -25.07 20.23 -3.32
C LYS D 42 -25.09 18.78 -2.86
N ALA D 43 -25.18 17.87 -3.82
CA ALA D 43 -25.21 16.45 -3.53
C ALA D 43 -23.81 15.94 -3.21
N PRO D 44 -23.71 14.78 -2.57
CA PRO D 44 -22.39 14.20 -2.29
C PRO D 44 -21.60 13.98 -3.57
N LYS D 45 -20.28 14.12 -3.45
CA LYS D 45 -19.36 14.07 -4.57
C LYS D 45 -18.34 12.97 -4.34
N PHE D 46 -18.14 12.12 -5.35
CA PHE D 46 -17.21 11.01 -5.24
C PHE D 46 -15.78 11.54 -5.15
N LEU D 47 -15.10 11.23 -4.05
CA LEU D 47 -13.75 11.72 -3.79
C LEU D 47 -12.72 10.61 -3.87
N ILE D 48 -12.79 9.63 -2.98
CA ILE D 48 -11.80 8.57 -2.89
C ILE D 48 -12.50 7.21 -2.89
N TYR D 49 -11.91 6.25 -3.59
CA TYR D 49 -12.33 4.87 -3.55
C TYR D 49 -11.10 4.01 -3.29
N LYS D 50 -11.33 2.77 -2.86
CA LYS D 50 -10.27 1.87 -2.43
C LYS D 50 -9.49 2.45 -1.26
N ALA D 51 -10.11 3.39 -0.54
CA ALA D 51 -9.59 4.02 0.68
C ALA D 51 -8.49 5.02 0.38
N SER D 52 -7.90 4.96 -0.82
CA SER D 52 -6.79 5.85 -1.14
C SER D 52 -6.78 6.38 -2.56
N ILE D 53 -7.49 5.78 -3.51
CA ILE D 53 -7.42 6.21 -4.90
C ILE D 53 -8.30 7.45 -5.05
N LEU D 54 -7.67 8.60 -5.30
CA LEU D 54 -8.41 9.82 -5.55
C LEU D 54 -9.14 9.75 -6.88
N GLU D 55 -10.32 10.35 -6.93
CA GLU D 55 -11.08 10.45 -8.16
C GLU D 55 -10.41 11.47 -9.09
N SER D 56 -10.70 11.34 -10.38
CA SER D 56 -10.17 12.29 -11.37
C SER D 56 -10.69 13.69 -11.08
N GLY D 57 -9.79 14.66 -11.04
CA GLY D 57 -10.13 16.03 -10.75
C GLY D 57 -10.10 16.41 -9.28
N ILE D 58 -9.85 15.46 -8.39
CA ILE D 58 -9.76 15.77 -6.96
C ILE D 58 -8.42 16.44 -6.69
N PRO D 59 -8.39 17.56 -5.97
CA PRO D 59 -7.12 18.25 -5.73
C PRO D 59 -6.11 17.35 -5.04
N SER D 60 -4.83 17.62 -5.30
CA SER D 60 -3.75 16.80 -4.76
C SER D 60 -3.64 16.89 -3.25
N ARG D 61 -4.28 17.87 -2.62
CA ARG D 61 -4.22 18.00 -1.16
C ARG D 61 -5.01 16.91 -0.45
N PHE D 62 -5.85 16.16 -1.16
CA PHE D 62 -6.60 15.07 -0.58
C PHE D 62 -5.82 13.76 -0.66
N SER D 63 -6.02 12.91 0.34
CA SER D 63 -5.33 11.63 0.40
C SER D 63 -6.14 10.70 1.28
N GLY D 64 -5.85 9.41 1.17
CA GLY D 64 -6.54 8.40 1.96
C GLY D 64 -5.63 7.26 2.33
N SER D 65 -5.99 6.59 3.43
CA SER D 65 -5.24 5.44 3.90
C SER D 65 -6.20 4.51 4.64
N GLY D 66 -5.72 3.29 4.93
CA GLY D 66 -6.54 2.31 5.61
C GLY D 66 -5.69 1.21 6.20
N SER D 67 -6.20 0.62 7.28
CA SER D 67 -5.50 -0.45 7.99
C SER D 67 -6.51 -1.50 8.44
N GLY D 68 -7.19 -2.12 7.47
CA GLY D 68 -8.12 -3.18 7.76
C GLY D 68 -9.51 -2.69 8.12
N THR D 69 -9.64 -2.10 9.32
CA THR D 69 -10.91 -1.57 9.78
C THR D 69 -10.88 -0.08 10.05
N GLU D 70 -9.71 0.55 10.07
CA GLU D 70 -9.57 1.99 10.29
C GLU D 70 -9.10 2.65 9.01
N PHE D 71 -9.79 3.72 8.62
CA PHE D 71 -9.47 4.48 7.42
C PHE D 71 -9.44 5.96 7.77
N THR D 72 -8.67 6.73 7.00
CA THR D 72 -8.54 8.16 7.25
C THR D 72 -8.53 8.94 5.95
N LEU D 73 -9.23 10.06 5.95
CA LEU D 73 -9.10 11.09 4.91
C LEU D 73 -8.24 12.22 5.45
N THR D 74 -7.34 12.71 4.60
CA THR D 74 -6.40 13.75 5.01
C THR D 74 -6.41 14.89 4.01
N ILE D 75 -6.62 16.10 4.52
CA ILE D 75 -6.45 17.33 3.75
C ILE D 75 -5.18 18.00 4.24
N SER D 76 -4.16 18.05 3.38
CA SER D 76 -2.88 18.62 3.79
C SER D 76 -2.98 20.12 4.03
N SER D 77 -3.65 20.83 3.12
CA SER D 77 -3.82 22.29 3.23
C SER D 77 -5.31 22.58 3.13
N LEU D 78 -5.96 22.81 4.28
CA LEU D 78 -7.38 23.11 4.29
C LEU D 78 -7.65 24.42 3.57
N GLN D 79 -8.68 24.42 2.73
CA GLN D 79 -9.04 25.55 1.90
C GLN D 79 -10.47 25.98 2.20
N PRO D 80 -10.82 27.24 1.90
CA PRO D 80 -12.20 27.69 2.11
C PRO D 80 -13.25 26.80 1.46
N ASP D 81 -13.03 26.40 0.20
CA ASP D 81 -13.99 25.57 -0.51
C ASP D 81 -14.05 24.14 0.00
N ASP D 82 -13.13 23.75 0.90
CA ASP D 82 -13.17 22.42 1.49
C ASP D 82 -14.21 22.30 2.60
N PHE D 83 -14.91 23.39 2.91
CA PHE D 83 -16.02 23.36 3.87
C PHE D 83 -17.11 22.42 3.40
N ALA D 84 -17.31 21.31 4.11
CA ALA D 84 -18.29 20.32 3.69
C ALA D 84 -18.43 19.29 4.80
N THR D 85 -19.32 18.33 4.58
CA THR D 85 -19.42 17.14 5.42
C THR D 85 -18.95 15.95 4.60
N TYR D 86 -17.98 15.23 5.14
CA TYR D 86 -17.33 14.14 4.44
C TYR D 86 -17.79 12.81 5.01
N TYR D 87 -18.29 11.94 4.13
CA TYR D 87 -18.81 10.64 4.51
C TYR D 87 -17.88 9.54 4.01
N CYS D 88 -17.74 8.48 4.80
CA CYS D 88 -17.04 7.27 4.38
C CYS D 88 -18.05 6.17 4.17
N GLN D 89 -17.94 5.48 3.04
CA GLN D 89 -18.86 4.41 2.68
C GLN D 89 -18.10 3.12 2.44
N GLN D 90 -18.66 2.00 2.91
CA GLN D 90 -18.15 0.69 2.58
C GLN D 90 -19.01 0.10 1.48
N TYR D 91 -18.37 -0.46 0.46
CA TYR D 91 -19.08 -1.14 -0.62
C TYR D 91 -18.64 -2.60 -0.72
N SER D 92 -18.35 -3.23 0.42
CA SER D 92 -18.01 -4.64 0.44
C SER D 92 -19.28 -5.50 0.51
N SER D 93 -20.03 -5.38 1.59
CA SER D 93 -21.32 -6.05 1.75
C SER D 93 -22.40 -4.96 1.71
N TYR D 94 -23.07 -4.86 0.58
CA TYR D 94 -24.05 -3.79 0.32
C TYR D 94 -23.33 -2.45 0.43
N TRP D 95 -24.05 -1.39 0.80
CA TRP D 95 -23.48 -0.05 0.87
C TRP D 95 -24.02 0.65 2.11
N THR D 96 -23.11 1.00 3.02
CA THR D 96 -23.46 1.67 4.26
C THR D 96 -22.53 2.86 4.44
N PHE D 97 -23.05 3.94 5.00
CA PHE D 97 -22.31 5.18 5.16
C PHE D 97 -22.04 5.45 6.64
N GLY D 98 -21.15 6.42 6.88
CA GLY D 98 -20.93 6.94 8.21
C GLY D 98 -21.78 8.16 8.50
N GLN D 99 -21.67 8.64 9.73
CA GLN D 99 -22.48 9.78 10.17
C GLN D 99 -22.05 11.08 9.52
N GLY D 100 -20.84 11.14 8.98
CA GLY D 100 -20.34 12.36 8.37
C GLY D 100 -19.52 13.17 9.36
N THR D 101 -18.67 14.02 8.80
CA THR D 101 -17.84 14.90 9.60
C THR D 101 -17.80 16.28 8.96
N LYS D 102 -18.29 17.28 9.68
CA LYS D 102 -18.31 18.66 9.20
C LYS D 102 -16.97 19.32 9.49
N VAL D 103 -16.33 19.85 8.45
CA VAL D 103 -15.03 20.50 8.57
C VAL D 103 -15.29 22.00 8.54
N GLU D 104 -15.52 22.59 9.70
CA GLU D 104 -15.65 24.04 9.76
C GLU D 104 -14.27 24.69 9.68
N ILE D 105 -14.25 25.94 9.22
CA ILE D 105 -13.01 26.67 8.99
C ILE D 105 -12.96 27.86 9.96
N LYS D 106 -11.85 27.98 10.69
CA LYS D 106 -11.62 29.12 11.56
C LYS D 106 -10.92 30.21 10.77
N ARG D 107 -11.51 31.40 10.74
CA ARG D 107 -10.93 32.54 10.06
C ARG D 107 -10.81 33.71 11.02
N THR D 108 -10.49 34.89 10.50
CA THR D 108 -10.40 36.08 11.34
C THR D 108 -11.78 36.65 11.63
N VAL D 109 -11.83 37.53 12.63
CA VAL D 109 -13.10 38.16 13.00
C VAL D 109 -13.52 39.12 11.89
N ALA D 110 -14.79 39.03 11.50
CA ALA D 110 -15.35 39.87 10.46
C ALA D 110 -16.65 40.49 10.96
N ALA D 111 -16.75 41.82 10.88
CA ALA D 111 -17.94 42.51 11.30
C ALA D 111 -19.05 42.35 10.26
N PRO D 112 -20.31 42.28 10.70
CA PRO D 112 -21.40 42.09 9.75
C PRO D 112 -21.79 43.40 9.07
N SER D 113 -22.08 43.30 7.78
CA SER D 113 -22.70 44.40 7.04
C SER D 113 -24.21 44.34 7.25
N VAL D 114 -24.76 45.34 7.91
CA VAL D 114 -26.16 45.35 8.31
C VAL D 114 -26.97 46.11 7.26
N PHE D 115 -28.01 45.46 6.75
CA PHE D 115 -28.94 46.07 5.82
C PHE D 115 -30.36 45.79 6.28
N ILE D 116 -31.25 46.75 6.05
CA ILE D 116 -32.65 46.62 6.43
C ILE D 116 -33.51 46.86 5.19
N PHE D 117 -34.62 46.13 5.10
CA PHE D 117 -35.51 46.18 3.95
C PHE D 117 -36.92 46.51 4.43
N PRO D 118 -37.49 47.65 4.05
CA PRO D 118 -38.90 47.90 4.34
C PRO D 118 -39.78 46.92 3.60
N PRO D 119 -41.00 46.68 4.08
CA PRO D 119 -41.90 45.76 3.37
C PRO D 119 -42.27 46.30 2.00
N SER D 120 -42.68 45.38 1.12
CA SER D 120 -42.97 45.71 -0.26
C SER D 120 -44.43 46.10 -0.42
N ASP D 121 -44.70 46.92 -1.43
CA ASP D 121 -46.06 47.35 -1.70
C ASP D 121 -46.96 46.18 -2.07
N GLU D 122 -46.41 45.18 -2.77
CA GLU D 122 -47.21 44.01 -3.12
C GLU D 122 -47.65 43.25 -1.88
N GLN D 123 -46.75 43.10 -0.90
CA GLN D 123 -47.12 42.40 0.33
C GLN D 123 -48.12 43.22 1.15
N LEU D 124 -47.91 44.54 1.23
CA LEU D 124 -48.82 45.37 2.01
C LEU D 124 -50.23 45.37 1.41
N LYS D 125 -50.33 45.29 0.07
CA LYS D 125 -51.63 45.19 -0.57
C LYS D 125 -52.33 43.86 -0.28
N SER D 126 -51.62 42.90 0.33
CA SER D 126 -52.19 41.60 0.65
C SER D 126 -52.58 41.46 2.11
N GLY D 127 -52.09 42.34 2.98
CA GLY D 127 -52.50 42.35 4.38
C GLY D 127 -51.39 42.21 5.39
N THR D 128 -50.17 41.83 4.97
CA THR D 128 -49.08 41.62 5.90
C THR D 128 -47.93 42.58 5.59
N ALA D 129 -47.02 42.70 6.55
CA ALA D 129 -45.84 43.54 6.40
C ALA D 129 -44.65 42.82 7.01
N SER D 130 -43.71 42.39 6.17
CA SER D 130 -42.49 41.73 6.61
C SER D 130 -41.33 42.68 6.46
N VAL D 131 -40.71 43.05 7.58
CA VAL D 131 -39.52 43.90 7.59
C VAL D 131 -38.32 42.98 7.75
N VAL D 132 -37.41 43.00 6.79
CA VAL D 132 -36.29 42.08 6.72
C VAL D 132 -35.00 42.82 7.07
N CYS D 133 -34.23 42.26 8.00
CA CYS D 133 -32.92 42.78 8.37
C CYS D 133 -31.86 41.76 7.95
N LEU D 134 -30.81 42.24 7.29
CA LEU D 134 -29.78 41.38 6.73
C LEU D 134 -28.45 41.64 7.44
N LEU D 135 -27.82 40.57 7.91
CA LEU D 135 -26.48 40.60 8.47
C LEU D 135 -25.59 39.84 7.48
N ASN D 136 -24.71 40.55 6.81
CA ASN D 136 -23.99 39.99 5.66
C ASN D 136 -22.52 39.77 6.00
N ASN D 137 -22.05 38.55 5.75
CA ASN D 137 -20.64 38.18 5.82
C ASN D 137 -19.98 38.57 7.15
N PHE D 138 -20.26 37.81 8.19
CA PHE D 138 -19.65 38.05 9.50
C PHE D 138 -19.06 36.75 10.04
N TYR D 139 -18.07 36.91 10.92
CA TYR D 139 -17.45 35.78 11.60
C TYR D 139 -17.05 36.26 13.00
N PRO D 140 -17.32 35.48 14.04
CA PRO D 140 -17.85 34.11 14.04
C PRO D 140 -19.36 34.02 13.81
N ARG D 141 -19.91 32.84 14.10
CA ARG D 141 -21.28 32.51 13.73
C ARG D 141 -22.30 33.20 14.64
N GLU D 142 -21.92 33.52 15.88
CA GLU D 142 -22.87 33.99 16.88
C GLU D 142 -23.11 35.49 16.70
N ALA D 143 -24.39 35.86 16.52
CA ALA D 143 -24.78 37.25 16.44
C ALA D 143 -26.18 37.40 17.03
N LYS D 144 -26.42 38.55 17.65
CA LYS D 144 -27.68 38.83 18.33
C LYS D 144 -28.36 40.00 17.64
N VAL D 145 -29.63 39.83 17.29
CA VAL D 145 -30.41 40.82 16.56
C VAL D 145 -31.67 41.13 17.34
N GLN D 146 -31.91 42.41 17.58
CA GLN D 146 -33.09 42.88 18.31
C GLN D 146 -33.89 43.84 17.43
N TRP D 147 -35.21 43.68 17.44
CA TRP D 147 -36.13 44.55 16.72
C TRP D 147 -36.72 45.59 17.67
N LYS D 148 -36.81 46.83 17.20
CA LYS D 148 -37.33 47.92 18.00
C LYS D 148 -38.25 48.76 17.13
N VAL D 149 -39.55 48.65 17.38
CA VAL D 149 -40.57 49.42 16.67
C VAL D 149 -40.98 50.59 17.55
N ASP D 150 -40.72 51.80 17.09
CA ASP D 150 -40.92 53.02 17.89
C ASP D 150 -40.18 52.91 19.22
N ASN D 151 -38.96 52.40 19.17
CA ASN D 151 -38.10 52.19 20.33
C ASN D 151 -38.71 51.22 21.33
N ALA D 152 -39.55 50.30 20.85
CA ALA D 152 -40.14 49.26 21.70
C ALA D 152 -39.59 47.92 21.25
N LEU D 153 -38.81 47.28 22.13
CA LEU D 153 -38.24 45.97 21.84
C LEU D 153 -39.36 44.97 21.59
N GLN D 154 -39.41 44.44 20.36
CA GLN D 154 -40.48 43.53 19.99
C GLN D 154 -40.16 42.10 20.42
N SER D 155 -41.21 41.32 20.62
CA SER D 155 -41.07 39.94 21.03
C SER D 155 -42.21 39.11 20.44
N GLY D 156 -41.89 37.92 19.97
CA GLY D 156 -42.89 37.02 19.45
C GLY D 156 -43.38 37.31 18.05
N ASN D 157 -42.59 38.00 17.24
CA ASN D 157 -43.04 38.36 15.90
C ASN D 157 -41.92 38.31 14.86
N SER D 158 -40.74 37.80 15.20
CA SER D 158 -39.62 37.74 14.28
C SER D 158 -39.12 36.30 14.13
N GLN D 159 -38.43 36.05 13.02
CA GLN D 159 -37.84 34.75 12.73
C GLN D 159 -36.45 34.97 12.16
N GLU D 160 -35.54 34.04 12.45
CA GLU D 160 -34.16 34.15 12.04
C GLU D 160 -33.71 32.92 11.25
N SER D 161 -32.63 33.09 10.49
CA SER D 161 -32.05 32.01 9.71
C SER D 161 -30.60 32.37 9.38
N VAL D 162 -29.70 31.43 9.62
CA VAL D 162 -28.26 31.63 9.40
C VAL D 162 -27.83 30.76 8.22
N THR D 163 -26.98 31.31 7.36
CA THR D 163 -26.43 30.55 6.26
C THR D 163 -25.29 29.66 6.74
N GLU D 164 -25.05 28.58 5.99
CA GLU D 164 -23.88 27.76 6.22
C GLU D 164 -22.62 28.59 5.96
N GLN D 165 -21.48 28.09 6.44
CA GLN D 165 -20.23 28.82 6.26
C GLN D 165 -19.93 28.97 4.77
N ASP D 166 -19.51 30.17 4.38
CA ASP D 166 -19.29 30.45 2.97
C ASP D 166 -18.10 29.68 2.45
N SER D 167 -18.15 29.31 1.17
CA SER D 167 -17.09 28.57 0.54
C SER D 167 -15.98 29.46 -0.02
N LYS D 168 -16.10 30.78 0.15
CA LYS D 168 -15.07 31.71 -0.31
C LYS D 168 -14.43 32.47 0.85
N ASP D 169 -15.20 33.24 1.61
CA ASP D 169 -14.66 34.01 2.73
C ASP D 169 -14.95 33.37 4.09
N SER D 170 -15.59 32.19 4.11
CA SER D 170 -15.85 31.44 5.34
C SER D 170 -16.57 32.29 6.38
N THR D 171 -17.52 33.09 5.93
CA THR D 171 -18.33 33.92 6.81
C THR D 171 -19.74 33.34 6.89
N TYR D 172 -20.58 33.99 7.69
CA TYR D 172 -21.98 33.61 7.84
C TYR D 172 -22.86 34.82 7.57
N SER D 173 -24.10 34.54 7.19
CA SER D 173 -25.12 35.57 7.02
C SER D 173 -26.37 35.17 7.78
N LEU D 174 -27.09 36.18 8.29
CA LEU D 174 -28.28 35.95 9.08
C LEU D 174 -29.42 36.78 8.51
N SER D 175 -30.62 36.19 8.48
CA SER D 175 -31.81 36.84 7.95
C SER D 175 -32.86 36.88 9.05
N SER D 176 -33.14 38.07 9.57
CA SER D 176 -34.18 38.29 10.56
C SER D 176 -35.34 39.02 9.93
N THR D 177 -36.54 38.44 10.04
CA THR D 177 -37.74 38.99 9.41
C THR D 177 -38.77 39.29 10.48
N LEU D 178 -39.21 40.55 10.55
CA LEU D 178 -40.24 40.99 11.47
C LEU D 178 -41.56 41.06 10.71
N THR D 179 -42.48 40.15 11.02
CA THR D 179 -43.75 40.06 10.31
C THR D 179 -44.85 40.69 11.17
N LEU D 180 -45.59 41.61 10.56
CA LEU D 180 -46.71 42.27 11.22
C LEU D 180 -47.87 42.33 10.23
N SER D 181 -49.05 42.66 10.75
CA SER D 181 -50.18 42.94 9.88
C SER D 181 -50.07 44.34 9.31
N LYS D 182 -50.80 44.58 8.21
CA LYS D 182 -50.83 45.91 7.63
C LYS D 182 -51.38 46.93 8.62
N ALA D 183 -52.28 46.50 9.50
CA ALA D 183 -52.77 47.39 10.55
C ALA D 183 -51.65 47.77 11.52
N ASP D 184 -51.07 46.76 12.18
CA ASP D 184 -49.99 47.01 13.14
C ASP D 184 -48.83 47.75 12.50
N TYR D 185 -48.55 47.48 11.22
CA TYR D 185 -47.45 48.19 10.57
C TYR D 185 -47.77 49.67 10.39
N GLU D 186 -49.05 50.00 10.14
CA GLU D 186 -49.45 51.40 9.98
C GLU D 186 -49.68 52.10 11.31
N LYS D 187 -49.60 51.40 12.42
CA LYS D 187 -49.74 51.99 13.74
C LYS D 187 -48.42 52.47 14.32
N HIS D 188 -47.35 52.51 13.52
CA HIS D 188 -46.02 52.85 14.02
C HIS D 188 -45.23 53.53 12.90
N LYS D 189 -44.07 54.09 13.29
CA LYS D 189 -43.23 54.85 12.38
C LYS D 189 -41.84 54.27 12.23
N VAL D 190 -41.11 54.08 13.33
CA VAL D 190 -39.69 53.72 13.29
C VAL D 190 -39.57 52.21 13.44
N TYR D 191 -38.97 51.57 12.43
CA TYR D 191 -38.68 50.15 12.46
C TYR D 191 -37.17 49.99 12.42
N ALA D 192 -36.60 49.46 13.50
CA ALA D 192 -35.16 49.41 13.68
C ALA D 192 -34.67 47.98 13.81
N CYS D 193 -33.36 47.81 13.58
CA CYS D 193 -32.70 46.52 13.69
C CYS D 193 -31.38 46.74 14.40
N GLU D 194 -31.24 46.19 15.60
CA GLU D 194 -30.04 46.36 16.40
C GLU D 194 -29.25 45.06 16.39
N VAL D 195 -27.97 45.16 16.04
CA VAL D 195 -27.11 44.00 15.84
C VAL D 195 -25.97 44.03 16.86
N THR D 196 -25.68 42.87 17.44
CA THR D 196 -24.56 42.70 18.36
C THR D 196 -23.68 41.56 17.87
N HIS D 197 -22.36 41.78 17.86
CA HIS D 197 -21.42 40.81 17.32
C HIS D 197 -20.05 41.07 17.92
N GLN D 198 -19.16 40.08 17.78
CA GLN D 198 -17.79 40.23 18.29
C GLN D 198 -17.09 41.41 17.64
N GLY D 199 -17.24 41.56 16.33
CA GLY D 199 -16.61 42.66 15.63
C GLY D 199 -17.24 44.01 15.81
N LEU D 200 -18.31 44.09 16.60
CA LEU D 200 -19.00 45.36 16.85
C LEU D 200 -18.65 45.83 18.26
N SER D 201 -17.93 46.93 18.36
CA SER D 201 -17.61 47.51 19.66
C SER D 201 -18.88 48.03 20.33
N SER D 202 -19.79 48.60 19.55
CA SER D 202 -21.08 49.07 20.03
C SER D 202 -22.14 48.64 19.03
N PRO D 203 -23.37 48.41 19.50
CA PRO D 203 -24.43 47.93 18.59
C PRO D 203 -24.67 48.88 17.44
N VAL D 204 -24.88 48.31 16.26
CA VAL D 204 -25.15 49.06 15.03
C VAL D 204 -26.65 49.01 14.78
N THR D 205 -27.28 50.18 14.66
CA THR D 205 -28.72 50.29 14.50
C THR D 205 -29.04 50.75 13.09
N LYS D 206 -29.76 49.92 12.34
CA LYS D 206 -30.32 50.28 11.05
C LYS D 206 -31.83 50.43 11.19
N SER D 207 -32.37 51.51 10.66
CA SER D 207 -33.79 51.83 10.85
C SER D 207 -34.31 52.61 9.66
N PHE D 208 -35.63 52.55 9.47
CA PHE D 208 -36.31 53.36 8.48
C PHE D 208 -37.62 53.86 9.05
N ASN D 209 -38.15 54.91 8.44
CA ASN D 209 -39.45 55.47 8.82
C ASN D 209 -40.51 55.00 7.82
N ARG D 210 -41.66 54.57 8.34
CA ARG D 210 -42.76 54.20 7.46
C ARG D 210 -43.20 55.38 6.61
N GLY D 211 -43.18 55.21 5.30
CA GLY D 211 -43.48 56.28 4.37
C GLY D 211 -42.29 57.05 3.86
N GLU D 212 -41.07 56.57 4.10
CA GLU D 212 -39.87 57.26 3.67
C GLU D 212 -39.47 56.87 2.25
N GLN E 1 0.66 -27.17 3.95
CA GLN E 1 1.27 -25.88 3.67
C GLN E 1 1.34 -25.60 2.17
N VAL E 2 1.83 -24.43 1.81
CA VAL E 2 1.91 -24.02 0.40
C VAL E 2 3.16 -24.62 -0.22
N GLN E 3 2.97 -25.49 -1.21
CA GLN E 3 4.07 -26.15 -1.91
C GLN E 3 3.83 -26.09 -3.41
N LEU E 4 4.76 -25.48 -4.13
CA LEU E 4 4.73 -25.44 -5.59
C LEU E 4 5.83 -26.36 -6.12
N VAL E 5 5.46 -27.22 -7.08
CA VAL E 5 6.37 -28.23 -7.62
C VAL E 5 6.39 -28.12 -9.14
N GLU E 6 7.58 -27.98 -9.71
CA GLU E 6 7.79 -27.87 -11.14
C GLU E 6 8.21 -29.22 -11.72
N SER E 7 7.94 -29.39 -13.01
CA SER E 7 8.34 -30.60 -13.71
C SER E 7 8.44 -30.30 -15.20
N GLY E 8 9.12 -31.18 -15.92
CA GLY E 8 9.25 -31.06 -17.36
C GLY E 8 10.60 -30.61 -17.87
N GLY E 9 11.63 -30.57 -17.03
CA GLY E 9 12.92 -30.11 -17.46
C GLY E 9 13.84 -31.24 -17.90
N GLY E 10 14.80 -30.89 -18.75
CA GLY E 10 15.74 -31.87 -19.27
C GLY E 10 16.52 -31.34 -20.45
N VAL E 11 16.80 -32.20 -21.43
CA VAL E 11 17.45 -31.77 -22.66
C VAL E 11 16.38 -31.40 -23.68
N VAL E 12 16.65 -30.35 -24.46
CA VAL E 12 15.83 -30.00 -25.61
C VAL E 12 16.77 -29.69 -26.76
N GLN E 13 16.43 -30.17 -27.94
CA GLN E 13 17.20 -29.85 -29.12
C GLN E 13 17.04 -28.37 -29.44
N PRO E 14 18.14 -27.64 -29.70
CA PRO E 14 18.01 -26.21 -30.01
C PRO E 14 17.08 -25.95 -31.19
N GLY E 15 15.97 -25.28 -30.92
CA GLY E 15 14.97 -25.04 -31.94
C GLY E 15 13.85 -26.07 -31.90
N ARG E 16 13.39 -26.40 -30.69
CA ARG E 16 12.31 -27.36 -30.48
C ARG E 16 11.37 -26.80 -29.41
N SER E 17 10.50 -27.66 -28.92
CA SER E 17 9.45 -27.27 -27.98
C SER E 17 9.56 -28.08 -26.70
N LEU E 18 9.13 -27.47 -25.60
CA LEU E 18 9.12 -28.12 -24.30
C LEU E 18 8.04 -27.46 -23.46
N ARG E 19 7.35 -28.26 -22.65
CA ARG E 19 6.32 -27.75 -21.76
C ARG E 19 6.73 -28.02 -20.32
N LEU E 20 6.59 -27.01 -19.47
CA LEU E 20 6.84 -27.14 -18.05
C LEU E 20 5.50 -27.13 -17.32
N SER E 21 5.44 -27.85 -16.20
CA SER E 21 4.22 -27.97 -15.41
C SER E 21 4.54 -27.68 -13.96
N CYS E 22 3.81 -26.74 -13.38
CA CYS E 22 3.94 -26.37 -11.98
C CYS E 22 2.72 -26.86 -11.22
N GLU E 23 2.92 -27.80 -10.30
CA GLU E 23 1.83 -28.33 -9.50
C GLU E 23 1.70 -27.49 -8.23
N ALA E 24 0.45 -27.25 -7.82
CA ALA E 24 0.16 -26.35 -6.71
C ALA E 24 -0.62 -27.09 -5.63
N SER E 25 -0.27 -26.81 -4.37
CA SER E 25 -0.93 -27.43 -3.23
C SER E 25 -0.76 -26.52 -2.02
N GLY E 26 -1.81 -26.43 -1.20
CA GLY E 26 -1.79 -25.67 0.03
C GLY E 26 -2.55 -24.36 -0.01
N PHE E 27 -3.07 -23.94 -1.17
CA PHE E 27 -3.86 -22.72 -1.25
C PHE E 27 -4.84 -22.86 -2.40
N THR E 28 -5.75 -21.90 -2.50
CA THR E 28 -6.74 -21.89 -3.57
C THR E 28 -6.07 -21.35 -4.82
N PHE E 29 -5.68 -22.27 -5.72
CA PHE E 29 -4.92 -21.88 -6.91
C PHE E 29 -5.70 -20.93 -7.81
N SER E 30 -7.03 -21.05 -7.84
CA SER E 30 -7.84 -20.20 -8.70
C SER E 30 -8.00 -18.78 -8.16
N ASN E 31 -7.38 -18.46 -7.03
CA ASN E 31 -7.47 -17.14 -6.45
C ASN E 31 -6.22 -16.29 -6.63
N PHE E 32 -5.10 -16.88 -7.03
CA PHE E 32 -3.83 -16.18 -7.10
C PHE E 32 -3.29 -16.18 -8.52
N GLY E 33 -2.62 -15.08 -8.88
CA GLY E 33 -1.83 -15.05 -10.10
C GLY E 33 -0.52 -15.79 -9.93
N MET E 34 0.09 -16.16 -11.06
CA MET E 34 1.29 -16.97 -11.05
C MET E 34 2.35 -16.35 -11.94
N HIS E 35 3.61 -16.64 -11.60
CA HIS E 35 4.75 -16.15 -12.34
C HIS E 35 5.65 -17.32 -12.73
N TRP E 36 6.41 -17.13 -13.80
CA TRP E 36 7.50 -18.02 -14.18
C TRP E 36 8.79 -17.22 -14.12
N VAL E 37 9.74 -17.69 -13.31
CA VAL E 37 11.05 -17.06 -13.21
C VAL E 37 12.10 -18.09 -13.58
N ARG E 38 13.20 -17.62 -14.15
CA ARG E 38 14.30 -18.49 -14.53
C ARG E 38 15.61 -17.89 -14.05
N GLN E 39 16.55 -18.76 -13.71
CA GLN E 39 17.87 -18.35 -13.24
C GLN E 39 18.93 -18.96 -14.15
N THR E 40 19.69 -18.11 -14.79
CA THR E 40 20.81 -18.56 -15.58
C THR E 40 22.10 -18.44 -14.79
N PRO E 41 23.06 -19.35 -15.00
CA PRO E 41 24.30 -19.28 -14.21
C PRO E 41 25.10 -18.02 -14.46
N VAL E 42 24.95 -17.38 -15.61
CA VAL E 42 25.80 -16.25 -15.99
C VAL E 42 25.05 -14.93 -15.88
N LYS E 43 23.79 -14.87 -16.33
CA LYS E 43 23.04 -13.63 -16.34
C LYS E 43 22.22 -13.40 -15.07
N GLY E 44 22.02 -14.44 -14.25
CA GLY E 44 21.31 -14.29 -13.00
C GLY E 44 19.82 -14.56 -13.06
N LEU E 45 19.04 -13.85 -12.26
CA LEU E 45 17.60 -14.05 -12.21
C LEU E 45 16.90 -13.21 -13.27
N GLU E 46 15.89 -13.79 -13.91
CA GLU E 46 15.21 -13.13 -15.02
C GLU E 46 13.75 -13.53 -15.02
N TRP E 47 12.87 -12.55 -14.88
CA TRP E 47 11.43 -12.79 -14.97
C TRP E 47 11.06 -13.18 -16.40
N VAL E 48 10.09 -14.10 -16.51
CA VAL E 48 9.69 -14.67 -17.80
C VAL E 48 8.27 -14.30 -18.16
N ALA E 49 7.31 -14.55 -17.27
CA ALA E 49 5.91 -14.33 -17.61
C ALA E 49 5.08 -14.28 -16.34
N ILE E 50 3.90 -13.66 -16.47
CA ILE E 50 2.90 -13.60 -15.41
C ILE E 50 1.55 -13.94 -16.01
N ILE E 51 0.71 -14.64 -15.24
CA ILE E 51 -0.65 -14.96 -15.65
C ILE E 51 -1.60 -14.58 -14.53
N TRP E 52 -2.79 -14.10 -14.90
CA TRP E 52 -3.78 -13.69 -13.91
C TRP E 52 -4.42 -14.92 -13.27
N PHE E 53 -5.32 -14.66 -12.32
CA PHE E 53 -5.90 -15.74 -11.52
C PHE E 53 -6.75 -16.68 -12.36
N ASP E 54 -7.47 -16.15 -13.34
CA ASP E 54 -8.29 -16.97 -14.23
C ASP E 54 -7.64 -17.18 -15.60
N GLY E 55 -6.47 -16.61 -15.84
CA GLY E 55 -5.82 -16.71 -17.12
C GLY E 55 -6.31 -15.74 -18.17
N SER E 56 -7.07 -14.72 -17.78
CA SER E 56 -7.60 -13.78 -18.76
C SER E 56 -6.49 -12.98 -19.42
N TYR E 57 -5.55 -12.48 -18.62
CA TYR E 57 -4.44 -11.68 -19.13
C TYR E 57 -3.12 -12.35 -18.80
N LYS E 58 -2.15 -12.16 -19.70
CA LYS E 58 -0.83 -12.75 -19.56
C LYS E 58 0.20 -11.81 -20.17
N TYR E 59 1.28 -11.56 -19.44
CA TYR E 59 2.35 -10.68 -19.89
C TYR E 59 3.67 -11.41 -19.85
N TYR E 60 4.52 -11.14 -20.84
CA TYR E 60 5.79 -11.83 -21.01
C TYR E 60 6.93 -10.82 -21.11
N THR E 61 8.14 -11.30 -20.84
CA THR E 61 9.34 -10.53 -21.13
C THR E 61 9.64 -10.57 -22.63
N ASP E 62 10.41 -9.59 -23.08
CA ASP E 62 10.63 -9.42 -24.52
C ASP E 62 11.33 -10.63 -25.14
N SER E 63 12.34 -11.16 -24.46
CA SER E 63 13.17 -12.22 -25.05
C SER E 63 12.36 -13.49 -25.36
N VAL E 64 11.24 -13.70 -24.69
CA VAL E 64 10.45 -14.92 -24.86
C VAL E 64 9.16 -14.67 -25.64
N LYS E 65 8.86 -13.43 -26.00
CA LYS E 65 7.63 -13.14 -26.72
C LYS E 65 7.62 -13.86 -28.05
N GLY E 66 6.47 -14.43 -28.40
CA GLY E 66 6.34 -15.22 -29.59
C GLY E 66 6.94 -16.61 -29.51
N ARG E 67 7.53 -16.97 -28.37
CA ARG E 67 8.14 -18.29 -28.23
C ARG E 67 7.58 -19.04 -27.04
N PHE E 68 7.26 -18.32 -25.97
CA PHE E 68 6.73 -18.93 -24.76
C PHE E 68 5.24 -18.58 -24.62
N THR E 69 4.50 -19.48 -23.98
CA THR E 69 3.09 -19.28 -23.70
C THR E 69 2.78 -19.81 -22.31
N ILE E 70 2.40 -18.92 -21.40
CA ILE E 70 2.00 -19.31 -20.05
C ILE E 70 0.50 -19.59 -20.05
N SER E 71 0.11 -20.66 -19.37
CA SER E 71 -1.29 -21.08 -19.31
C SER E 71 -1.52 -21.79 -17.98
N ARG E 72 -2.78 -22.08 -17.71
CA ARG E 72 -3.14 -22.70 -16.45
C ARG E 72 -4.44 -23.47 -16.58
N ASP E 73 -4.59 -24.48 -15.74
CA ASP E 73 -5.81 -25.30 -15.65
C ASP E 73 -6.25 -25.24 -14.18
N ASN E 74 -7.07 -24.23 -13.85
CA ASN E 74 -7.46 -24.01 -12.47
C ASN E 74 -8.26 -25.18 -11.90
N SER E 75 -8.80 -26.05 -12.73
CA SER E 75 -9.47 -27.25 -12.24
C SER E 75 -8.47 -28.32 -11.79
N LYS E 76 -7.23 -28.24 -12.24
CA LYS E 76 -6.19 -29.18 -11.85
C LYS E 76 -5.14 -28.54 -10.95
N ASN E 77 -5.25 -27.25 -10.65
CA ASN E 77 -4.26 -26.52 -9.84
C ASN E 77 -2.86 -26.67 -10.42
N THR E 78 -2.76 -26.55 -11.75
CA THR E 78 -1.51 -26.78 -12.46
C THR E 78 -1.20 -25.60 -13.36
N LEU E 79 0.01 -25.07 -13.23
CA LEU E 79 0.53 -24.02 -14.10
C LEU E 79 1.35 -24.64 -15.22
N TYR E 80 1.34 -24.00 -16.38
CA TYR E 80 2.02 -24.52 -17.56
C TYR E 80 2.88 -23.44 -18.20
N LEU E 81 4.00 -23.86 -18.78
CA LEU E 81 4.87 -22.98 -19.55
C LEU E 81 5.27 -23.71 -20.83
N GLN E 82 4.61 -23.38 -21.93
CA GLN E 82 4.95 -23.97 -23.24
C GLN E 82 6.09 -23.17 -23.85
N MET E 83 7.27 -23.79 -23.91
CA MET E 83 8.47 -23.14 -24.41
C MET E 83 8.73 -23.63 -25.84
N ASN E 84 8.53 -22.76 -26.81
CA ASN E 84 8.71 -23.11 -28.22
C ASN E 84 9.90 -22.35 -28.80
N SER E 85 10.43 -22.89 -29.90
CA SER E 85 11.57 -22.31 -30.61
C SER E 85 12.70 -21.98 -29.64
N LEU E 86 13.09 -22.98 -28.84
CA LEU E 86 14.04 -22.77 -27.77
C LEU E 86 15.42 -22.41 -28.30
N ARG E 87 16.05 -21.43 -27.65
CA ARG E 87 17.38 -20.96 -28.01
C ARG E 87 18.39 -21.42 -26.96
N ALA E 88 19.64 -21.02 -27.16
CA ALA E 88 20.67 -21.28 -26.17
C ALA E 88 20.51 -20.40 -24.94
N GLU E 89 19.97 -19.19 -25.11
CA GLU E 89 19.73 -18.28 -24.00
C GLU E 89 18.67 -18.79 -23.04
N ASP E 90 17.90 -19.82 -23.41
CA ASP E 90 16.82 -20.33 -22.58
C ASP E 90 17.27 -21.38 -21.58
N THR E 91 18.53 -21.83 -21.65
CA THR E 91 19.04 -22.80 -20.68
C THR E 91 19.11 -22.16 -19.30
N ALA E 92 18.20 -22.58 -18.42
CA ALA E 92 18.13 -22.00 -17.08
C ALA E 92 17.30 -22.92 -16.18
N VAL E 93 17.29 -22.59 -14.89
CA VAL E 93 16.43 -23.25 -13.93
C VAL E 93 15.16 -22.43 -13.81
N TYR E 94 14.01 -23.05 -14.08
CA TYR E 94 12.73 -22.34 -14.11
C TYR E 94 11.94 -22.64 -12.84
N TYR E 95 11.63 -21.58 -12.09
CA TYR E 95 10.75 -21.65 -10.93
C TYR E 95 9.39 -21.07 -11.27
N CYS E 96 8.36 -21.59 -10.61
CA CYS E 96 7.05 -20.96 -10.61
C CYS E 96 6.82 -20.29 -9.25
N ALA E 97 6.23 -19.09 -9.28
CA ALA E 97 6.02 -18.32 -8.08
C ALA E 97 4.58 -17.81 -8.03
N ARG E 98 4.09 -17.64 -6.80
CA ARG E 98 2.74 -17.10 -6.57
C ARG E 98 2.82 -15.60 -6.36
N ALA E 99 1.80 -14.89 -6.86
CA ALA E 99 1.77 -13.43 -6.73
C ALA E 99 1.69 -13.02 -5.26
N ARG E 100 2.31 -11.89 -4.95
CA ARG E 100 2.39 -11.39 -3.58
C ARG E 100 2.22 -9.88 -3.59
N LYS E 101 1.42 -9.38 -2.64
CA LYS E 101 1.25 -7.94 -2.48
C LYS E 101 2.51 -7.33 -1.89
N GLY E 102 3.09 -6.36 -2.58
CA GLY E 102 4.31 -5.71 -2.13
C GLY E 102 4.10 -4.74 -0.99
N GLN E 103 3.12 -5.03 -0.15
CA GLN E 103 2.77 -4.20 1.01
C GLN E 103 2.07 -5.11 2.00
N ARG E 104 2.02 -4.67 3.26
CA ARG E 104 1.28 -5.39 4.28
C ARG E 104 -0.17 -5.56 3.83
N SER E 105 -0.73 -6.74 4.12
CA SER E 105 -2.04 -7.09 3.58
C SER E 105 -3.13 -6.17 4.11
N ASP E 106 -2.99 -5.66 5.33
CA ASP E 106 -4.02 -4.81 5.91
C ASP E 106 -3.95 -3.37 5.40
N TYR E 107 -2.82 -2.95 4.83
CA TYR E 107 -2.70 -1.59 4.34
C TYR E 107 -3.29 -1.47 2.94
N TYR E 108 -3.97 -0.35 2.69
CA TYR E 108 -4.59 -0.07 1.40
C TYR E 108 -4.20 1.33 0.97
N GLY E 109 -3.38 1.43 -0.08
CA GLY E 109 -2.86 2.70 -0.55
C GLY E 109 -3.18 2.93 -2.00
N SER E 110 -2.73 4.09 -2.49
CA SER E 110 -3.01 4.50 -3.86
C SER E 110 -2.42 3.52 -4.86
N GLU E 111 -1.09 3.40 -4.86
CA GLU E 111 -0.38 2.48 -5.76
C GLU E 111 0.01 1.26 -4.95
N THR E 112 -0.59 0.11 -5.26
CA THR E 112 -0.30 -1.14 -4.57
C THR E 112 0.35 -2.09 -5.58
N LYS E 113 1.68 -2.14 -5.56
CA LYS E 113 2.43 -3.00 -6.47
C LYS E 113 2.47 -4.43 -5.94
N TYR E 114 2.57 -5.38 -6.87
CA TYR E 114 2.61 -6.79 -6.54
C TYR E 114 3.89 -7.42 -7.08
N THR E 115 4.40 -8.40 -6.33
CA THR E 115 5.55 -9.19 -6.75
C THR E 115 5.20 -10.67 -6.70
N PHE E 116 6.15 -11.52 -6.27
CA PHE E 116 5.87 -12.95 -6.15
C PHE E 116 6.77 -13.53 -5.07
N ASP E 117 6.21 -14.44 -4.26
CA ASP E 117 6.84 -14.87 -3.01
C ASP E 117 7.16 -16.36 -3.00
N ASN E 118 6.17 -17.23 -2.99
CA ASN E 118 6.39 -18.66 -2.81
C ASN E 118 7.01 -19.26 -4.07
N TRP E 119 8.33 -19.40 -4.08
CA TRP E 119 9.04 -20.03 -5.18
C TRP E 119 9.14 -21.54 -4.93
N GLY E 120 9.00 -22.31 -6.00
CA GLY E 120 9.17 -23.74 -5.93
C GLY E 120 10.64 -24.12 -5.91
N GLN E 121 10.89 -25.43 -6.02
CA GLN E 121 12.26 -25.91 -6.02
C GLN E 121 12.95 -25.65 -7.35
N GLY E 122 12.21 -25.76 -8.45
CA GLY E 122 12.76 -25.45 -9.75
C GLY E 122 12.89 -26.64 -10.67
N THR E 123 12.91 -26.39 -11.98
CA THR E 123 13.15 -27.42 -12.99
C THR E 123 14.18 -26.90 -13.97
N LEU E 124 15.25 -27.67 -14.16
CA LEU E 124 16.37 -27.23 -14.98
C LEU E 124 16.16 -27.66 -16.43
N VAL E 125 16.12 -26.69 -17.33
CA VAL E 125 16.01 -26.93 -18.76
C VAL E 125 17.38 -26.71 -19.38
N THR E 126 17.90 -27.73 -20.05
CA THR E 126 19.20 -27.66 -20.72
C THR E 126 18.96 -27.76 -22.22
N VAL E 127 19.27 -26.69 -22.94
CA VAL E 127 19.10 -26.66 -24.39
C VAL E 127 20.41 -27.13 -25.01
N SER E 128 20.42 -28.38 -25.49
CA SER E 128 21.62 -28.95 -26.10
C SER E 128 21.20 -30.04 -27.07
N SER E 129 22.02 -30.23 -28.10
CA SER E 129 21.77 -31.26 -29.10
C SER E 129 22.29 -32.63 -28.68
N ALA E 130 22.91 -32.74 -27.50
CA ALA E 130 23.42 -34.02 -27.04
C ALA E 130 22.28 -34.87 -26.46
N SER E 131 22.53 -36.18 -26.39
CA SER E 131 21.52 -37.13 -25.97
C SER E 131 21.53 -37.32 -24.46
N THR E 132 20.39 -37.73 -23.93
CA THR E 132 20.26 -38.00 -22.51
C THR E 132 20.91 -39.35 -22.18
N LYS E 133 21.76 -39.36 -21.16
CA LYS E 133 22.41 -40.57 -20.69
C LYS E 133 22.18 -40.70 -19.20
N GLY E 134 21.63 -41.83 -18.78
CA GLY E 134 21.39 -42.10 -17.39
C GLY E 134 22.68 -42.31 -16.62
N PRO E 135 22.61 -42.16 -15.30
CA PRO E 135 23.81 -42.25 -14.47
C PRO E 135 24.14 -43.69 -14.07
N SER E 136 25.39 -43.87 -13.65
CA SER E 136 25.88 -45.14 -13.13
C SER E 136 26.28 -44.92 -11.67
N VAL E 137 25.65 -45.65 -10.76
CA VAL E 137 25.85 -45.47 -9.32
C VAL E 137 26.74 -46.57 -8.81
N PHE E 138 27.89 -46.20 -8.23
CA PHE E 138 28.83 -47.11 -7.62
C PHE E 138 29.01 -46.76 -6.15
N PRO E 139 29.27 -47.75 -5.29
CA PRO E 139 29.37 -47.47 -3.85
C PRO E 139 30.78 -47.13 -3.39
N LEU E 140 30.92 -46.03 -2.65
CA LEU E 140 32.18 -45.68 -2.00
C LEU E 140 32.15 -46.24 -0.59
N ALA E 141 32.54 -47.51 -0.45
CA ALA E 141 32.36 -48.22 0.80
C ALA E 141 33.34 -47.72 1.86
N PRO E 142 32.91 -47.69 3.12
CA PRO E 142 33.84 -47.31 4.20
C PRO E 142 34.82 -48.44 4.48
N SER E 143 36.00 -48.06 4.97
CA SER E 143 37.06 -49.00 5.27
C SER E 143 37.94 -48.40 6.36
N SER E 144 39.05 -49.08 6.65
CA SER E 144 40.02 -48.52 7.57
C SER E 144 40.62 -47.23 7.02
N LYS E 145 40.63 -47.08 5.71
CA LYS E 145 41.10 -45.87 5.06
C LYS E 145 40.02 -44.80 5.00
N SER E 146 38.82 -45.11 5.49
CA SER E 146 37.71 -44.17 5.53
C SER E 146 37.32 -43.78 6.95
N THR E 147 38.12 -44.15 7.95
CA THR E 147 37.81 -43.91 9.35
C THR E 147 38.87 -43.00 9.96
N SER E 148 38.43 -41.89 10.55
CA SER E 148 39.30 -40.99 11.29
C SER E 148 38.62 -40.67 12.61
N GLY E 149 39.24 -41.08 13.71
CA GLY E 149 38.57 -40.98 14.99
C GLY E 149 37.38 -41.93 15.02
N GLY E 150 36.36 -41.53 15.76
CA GLY E 150 35.14 -42.31 15.80
C GLY E 150 34.25 -42.17 14.59
N THR E 151 34.70 -41.43 13.58
CA THR E 151 33.91 -41.10 12.40
C THR E 151 34.34 -41.95 11.21
N ALA E 152 33.36 -42.45 10.48
CA ALA E 152 33.58 -43.21 9.25
C ALA E 152 32.86 -42.53 8.11
N ALA E 153 33.57 -42.30 7.01
CA ALA E 153 33.01 -41.65 5.84
C ALA E 153 32.66 -42.67 4.77
N LEU E 154 31.51 -42.49 4.12
CA LEU E 154 31.07 -43.36 3.05
C LEU E 154 30.31 -42.52 2.05
N GLY E 155 30.02 -43.11 0.88
CA GLY E 155 29.30 -42.36 -0.12
C GLY E 155 29.03 -43.19 -1.36
N CYS E 156 28.58 -42.50 -2.41
CA CYS E 156 28.27 -43.12 -3.68
C CYS E 156 28.80 -42.25 -4.82
N LEU E 157 29.36 -42.91 -5.83
CA LEU E 157 29.89 -42.24 -7.01
C LEU E 157 28.88 -42.35 -8.15
N VAL E 158 28.45 -41.19 -8.67
CA VAL E 158 27.51 -41.11 -9.78
C VAL E 158 28.27 -40.64 -11.00
N LYS E 159 28.30 -41.46 -12.05
CA LYS E 159 29.14 -41.19 -13.21
C LYS E 159 28.36 -41.29 -14.51
N ASP E 160 28.84 -40.55 -15.51
CA ASP E 160 28.45 -40.72 -16.91
C ASP E 160 26.97 -40.41 -17.14
N TYR E 161 26.54 -39.23 -16.69
CA TYR E 161 25.15 -38.82 -16.89
C TYR E 161 25.10 -37.46 -17.57
N PHE E 162 24.04 -37.27 -18.35
CA PHE E 162 23.76 -36.03 -19.06
C PHE E 162 22.28 -36.02 -19.38
N PRO E 163 21.60 -34.89 -19.20
CA PRO E 163 22.11 -33.60 -18.72
C PRO E 163 22.16 -33.52 -17.22
N GLU E 164 22.45 -32.33 -16.66
CA GLU E 164 22.23 -32.12 -15.24
C GLU E 164 20.75 -31.88 -14.98
N PRO E 165 20.30 -32.06 -13.73
CA PRO E 165 21.08 -32.50 -12.56
C PRO E 165 20.71 -33.89 -12.07
N VAL E 166 21.42 -34.39 -11.07
CA VAL E 166 20.99 -35.56 -10.30
C VAL E 166 20.81 -35.14 -8.85
N THR E 167 19.78 -35.67 -8.21
CA THR E 167 19.53 -35.43 -6.80
C THR E 167 19.86 -36.69 -6.01
N VAL E 168 20.57 -36.52 -4.90
CA VAL E 168 21.04 -37.64 -4.10
C VAL E 168 20.59 -37.44 -2.66
N SER E 169 19.68 -38.29 -2.20
CA SER E 169 19.27 -38.34 -0.81
C SER E 169 19.79 -39.64 -0.20
N TRP E 170 19.79 -39.69 1.14
CA TRP E 170 20.28 -40.84 1.88
C TRP E 170 19.17 -41.38 2.78
N ASN E 171 18.92 -42.69 2.69
CA ASN E 171 17.90 -43.35 3.48
C ASN E 171 16.53 -42.70 3.27
N SER E 172 16.25 -42.31 2.03
CA SER E 172 14.97 -41.70 1.64
C SER E 172 14.74 -40.39 2.39
N GLY E 173 15.82 -39.64 2.60
CA GLY E 173 15.75 -38.34 3.22
C GLY E 173 15.95 -38.31 4.72
N ALA E 174 15.93 -39.47 5.38
CA ALA E 174 16.09 -39.51 6.83
C ALA E 174 17.52 -39.25 7.28
N LEU E 175 18.50 -39.33 6.36
CA LEU E 175 19.90 -39.08 6.67
C LEU E 175 20.32 -37.80 5.97
N THR E 176 20.50 -36.73 6.74
CA THR E 176 20.94 -35.45 6.19
C THR E 176 22.16 -34.86 6.89
N SER E 177 22.43 -35.21 8.15
CA SER E 177 23.55 -34.64 8.86
C SER E 177 24.86 -35.26 8.40
N GLY E 178 25.81 -34.41 8.03
CA GLY E 178 27.09 -34.87 7.54
C GLY E 178 27.12 -35.20 6.06
N VAL E 179 26.02 -35.00 5.35
CA VAL E 179 25.97 -35.33 3.93
C VAL E 179 26.60 -34.19 3.14
N HIS E 180 27.46 -34.55 2.18
CA HIS E 180 28.11 -33.59 1.30
C HIS E 180 27.98 -34.10 -0.14
N THR E 181 26.97 -33.63 -0.85
CA THR E 181 26.84 -33.90 -2.27
C THR E 181 27.64 -32.86 -3.03
N PHE E 182 28.69 -33.30 -3.71
CA PHE E 182 29.60 -32.36 -4.35
C PHE E 182 29.03 -31.86 -5.67
N PRO E 183 29.38 -30.64 -6.07
CA PRO E 183 28.98 -30.16 -7.40
C PRO E 183 29.55 -31.07 -8.48
N ALA E 184 28.75 -31.27 -9.53
CA ALA E 184 29.14 -32.17 -10.60
C ALA E 184 30.33 -31.61 -11.38
N VAL E 185 31.12 -32.51 -11.95
CA VAL E 185 32.25 -32.14 -12.78
C VAL E 185 31.95 -32.58 -14.21
N LEU E 186 32.47 -31.81 -15.17
CA LEU E 186 32.31 -32.13 -16.59
C LEU E 186 33.45 -33.04 -17.00
N GLN E 187 33.12 -34.29 -17.33
CA GLN E 187 34.14 -35.22 -17.78
C GLN E 187 34.61 -34.86 -19.19
N SER E 188 35.74 -35.44 -19.58
CA SER E 188 36.29 -35.18 -20.90
C SER E 188 35.36 -35.61 -22.03
N SER E 189 34.39 -36.47 -21.73
CA SER E 189 33.43 -36.96 -22.71
C SER E 189 32.16 -36.13 -22.77
N GLY E 190 32.12 -34.99 -22.08
CA GLY E 190 30.92 -34.18 -22.01
C GLY E 190 29.87 -34.69 -21.04
N LEU E 191 30.09 -35.83 -20.41
CA LEU E 191 29.19 -36.37 -19.41
C LEU E 191 29.59 -35.88 -18.02
N TYR E 192 28.61 -35.86 -17.12
CA TYR E 192 28.81 -35.36 -15.76
C TYR E 192 29.05 -36.49 -14.78
N SER E 193 29.72 -36.17 -13.68
CA SER E 193 29.97 -37.12 -12.61
C SER E 193 30.04 -36.37 -11.30
N LEU E 194 29.40 -36.91 -10.26
CA LEU E 194 29.44 -36.33 -8.94
C LEU E 194 29.53 -37.43 -7.90
N SER E 195 29.84 -37.04 -6.67
CA SER E 195 29.91 -37.94 -5.53
C SER E 195 29.20 -37.30 -4.35
N SER E 196 28.42 -38.10 -3.64
CA SER E 196 27.77 -37.68 -2.39
C SER E 196 28.32 -38.52 -1.25
N VAL E 197 28.85 -37.88 -0.22
CA VAL E 197 29.46 -38.57 0.90
C VAL E 197 28.74 -38.16 2.18
N VAL E 198 28.91 -38.99 3.21
CA VAL E 198 28.30 -38.74 4.51
C VAL E 198 29.18 -39.37 5.59
N THR E 199 29.33 -38.66 6.71
CA THR E 199 30.09 -39.14 7.84
C THR E 199 29.13 -39.72 8.88
N VAL E 200 29.44 -40.91 9.37
CA VAL E 200 28.57 -41.64 10.30
C VAL E 200 29.43 -42.17 11.44
N PRO E 201 28.80 -42.58 12.54
CA PRO E 201 29.58 -43.25 13.60
C PRO E 201 30.14 -44.57 13.10
N SER E 202 31.46 -44.74 13.30
CA SER E 202 32.13 -45.95 12.82
C SER E 202 31.69 -47.18 13.59
N SER E 203 31.32 -47.04 14.86
CA SER E 203 30.93 -48.20 15.66
C SER E 203 29.61 -48.80 15.18
N SER E 204 28.73 -47.99 14.60
CA SER E 204 27.42 -48.43 14.15
C SER E 204 27.43 -48.91 12.71
N LEU E 205 28.61 -49.17 12.13
CA LEU E 205 28.69 -49.55 10.71
C LEU E 205 28.07 -50.91 10.44
N GLY E 206 27.87 -51.74 11.46
CA GLY E 206 27.32 -53.06 11.27
C GLY E 206 25.86 -53.14 11.67
N THR E 207 25.45 -52.24 12.56
CA THR E 207 24.07 -52.20 13.03
C THR E 207 23.19 -51.26 12.21
N GLN E 208 23.78 -50.38 11.42
CA GLN E 208 23.03 -49.41 10.63
C GLN E 208 23.13 -49.73 9.14
N THR E 209 22.08 -49.34 8.41
CA THR E 209 22.00 -49.52 6.97
C THR E 209 21.97 -48.14 6.32
N TYR E 210 22.91 -47.91 5.40
CA TYR E 210 23.01 -46.64 4.69
C TYR E 210 22.84 -46.88 3.20
N ILE E 211 21.77 -46.31 2.63
CA ILE E 211 21.45 -46.47 1.22
C ILE E 211 21.42 -45.08 0.58
N CYS E 212 22.14 -44.92 -0.53
CA CYS E 212 22.16 -43.68 -1.28
C CYS E 212 21.10 -43.73 -2.39
N ASN E 213 20.24 -42.72 -2.43
CA ASN E 213 19.14 -42.65 -3.39
C ASN E 213 19.44 -41.59 -4.43
N VAL E 214 19.77 -42.02 -5.64
CA VAL E 214 20.12 -41.15 -6.75
C VAL E 214 18.93 -41.05 -7.69
N ASN E 215 18.58 -39.81 -8.07
CA ASN E 215 17.49 -39.56 -9.01
C ASN E 215 17.97 -38.66 -10.14
N HIS E 216 18.00 -39.20 -11.36
CA HIS E 216 18.27 -38.42 -12.56
C HIS E 216 16.94 -38.29 -13.31
N LYS E 217 16.18 -37.25 -12.98
CA LYS E 217 14.87 -37.06 -13.59
C LYS E 217 14.89 -36.94 -15.11
N PRO E 218 15.89 -36.30 -15.75
CA PRO E 218 15.88 -36.25 -17.23
C PRO E 218 15.81 -37.62 -17.90
N SER E 219 16.46 -38.63 -17.35
CA SER E 219 16.41 -39.98 -17.91
C SER E 219 15.45 -40.88 -17.15
N ASN E 220 14.67 -40.32 -16.22
CA ASN E 220 13.71 -41.08 -15.42
C ASN E 220 14.39 -42.25 -14.71
N THR E 221 15.56 -41.97 -14.13
CA THR E 221 16.38 -42.99 -13.48
C THR E 221 16.31 -42.82 -11.97
N LYS E 222 15.86 -43.85 -11.27
CA LYS E 222 15.88 -43.90 -9.81
C LYS E 222 16.71 -45.11 -9.41
N VAL E 223 17.85 -44.86 -8.76
CA VAL E 223 18.75 -45.91 -8.33
C VAL E 223 18.91 -45.83 -6.82
N ASP E 224 18.70 -46.97 -6.15
CA ASP E 224 18.98 -47.12 -4.73
C ASP E 224 20.17 -48.05 -4.57
N LYS E 225 21.19 -47.60 -3.85
CA LYS E 225 22.43 -48.34 -3.69
C LYS E 225 22.83 -48.37 -2.24
N LYS E 226 23.06 -49.56 -1.70
CA LYS E 226 23.44 -49.73 -0.31
C LYS E 226 24.97 -49.73 -0.20
N VAL E 227 25.49 -48.94 0.73
CA VAL E 227 26.92 -48.81 0.96
C VAL E 227 27.26 -49.67 2.17
N GLU E 228 27.89 -50.81 1.93
CA GLU E 228 28.22 -51.71 3.02
C GLU E 228 29.73 -51.74 3.25
N PRO E 229 30.18 -51.85 4.50
CA PRO E 229 31.62 -51.97 4.74
C PRO E 229 32.16 -53.31 4.27
N LYS E 230 33.36 -53.29 3.70
CA LYS E 230 34.06 -54.50 3.34
C LYS E 230 35.47 -54.50 3.94
N ASP F 1 14.24 -0.61 -19.84
CA ASP F 1 13.82 -1.26 -18.60
C ASP F 1 14.53 -0.64 -17.40
N ILE F 2 14.25 -1.15 -16.22
CA ILE F 2 14.91 -0.74 -14.99
C ILE F 2 16.04 -1.71 -14.69
N GLN F 3 17.27 -1.20 -14.69
CA GLN F 3 18.44 -2.01 -14.41
C GLN F 3 18.84 -1.86 -12.94
N MET F 4 18.97 -2.99 -12.26
CA MET F 4 19.38 -3.01 -10.86
C MET F 4 20.84 -3.41 -10.77
N THR F 5 21.59 -2.71 -9.91
CA THR F 5 23.02 -2.95 -9.74
C THR F 5 23.32 -3.04 -8.25
N GLN F 6 23.90 -4.15 -7.83
CA GLN F 6 24.22 -4.39 -6.43
C GLN F 6 25.70 -4.20 -6.17
N SER F 7 26.03 -3.87 -4.92
CA SER F 7 27.41 -3.66 -4.52
C SER F 7 27.57 -4.07 -3.06
N PRO F 8 28.59 -4.84 -2.72
CA PRO F 8 29.57 -5.47 -3.62
C PRO F 8 29.01 -6.73 -4.26
N SER F 9 29.83 -7.47 -5.01
CA SER F 9 29.41 -8.76 -5.55
C SER F 9 29.80 -9.93 -4.67
N THR F 10 30.78 -9.73 -3.78
CA THR F 10 31.20 -10.77 -2.84
C THR F 10 31.60 -10.08 -1.54
N LEU F 11 31.15 -10.63 -0.42
CA LEU F 11 31.38 -10.01 0.88
C LEU F 11 31.83 -11.07 1.87
N SER F 12 32.92 -10.79 2.57
CA SER F 12 33.43 -11.66 3.63
C SER F 12 33.31 -10.93 4.96
N ALA F 13 32.91 -11.67 5.99
CA ALA F 13 32.72 -11.09 7.31
C ALA F 13 32.65 -12.23 8.33
N SER F 14 32.93 -11.87 9.59
CA SER F 14 32.91 -12.85 10.66
C SER F 14 31.51 -12.97 11.25
N VAL F 15 31.33 -13.96 12.12
CA VAL F 15 30.06 -14.13 12.81
C VAL F 15 29.91 -13.02 13.84
N GLY F 16 28.69 -12.50 13.98
CA GLY F 16 28.43 -11.41 14.88
C GLY F 16 28.86 -10.05 14.37
N ASP F 17 29.23 -9.95 13.09
CA ASP F 17 29.64 -8.69 12.49
C ASP F 17 28.47 -8.07 11.73
N ARG F 18 28.45 -6.74 11.67
CA ARG F 18 27.42 -6.04 10.92
C ARG F 18 27.77 -6.03 9.44
N VAL F 19 26.78 -6.36 8.60
CA VAL F 19 26.97 -6.49 7.16
C VAL F 19 25.89 -5.67 6.46
N THR F 20 26.30 -4.86 5.50
CA THR F 20 25.36 -4.03 4.74
C THR F 20 25.67 -4.19 3.25
N ILE F 21 24.61 -4.40 2.46
CA ILE F 21 24.72 -4.58 1.02
C ILE F 21 23.88 -3.50 0.34
N THR F 22 24.45 -2.87 -0.68
CA THR F 22 23.80 -1.76 -1.36
C THR F 22 23.19 -2.20 -2.69
N CYS F 23 22.10 -1.55 -3.06
CA CYS F 23 21.35 -1.87 -4.28
C CYS F 23 20.90 -0.58 -4.95
N ARG F 24 21.35 -0.35 -6.19
CA ARG F 24 20.95 0.81 -6.95
C ARG F 24 19.93 0.45 -8.02
N ALA F 25 19.00 1.38 -8.25
CA ALA F 25 18.00 1.28 -9.29
C ALA F 25 18.28 2.34 -10.35
N SER F 26 18.13 1.95 -11.62
CA SER F 26 18.41 2.88 -12.72
C SER F 26 17.47 4.08 -12.71
N GLN F 27 16.30 3.96 -12.09
CA GLN F 27 15.35 5.05 -11.99
C GLN F 27 14.57 4.88 -10.69
N SER F 28 13.68 5.83 -10.42
CA SER F 28 12.88 5.78 -9.20
C SER F 28 11.90 4.62 -9.27
N ILE F 29 12.02 3.69 -8.32
CA ILE F 29 11.13 2.56 -8.22
C ILE F 29 10.19 2.70 -7.03
N ASN F 30 10.00 3.94 -6.56
CA ASN F 30 9.21 4.24 -5.36
C ASN F 30 9.89 3.49 -4.21
N GLY F 31 9.13 2.80 -3.36
CA GLY F 31 9.74 1.96 -2.34
C GLY F 31 9.49 0.50 -2.66
N TRP F 32 9.30 0.20 -3.94
CA TRP F 32 8.97 -1.16 -4.38
C TRP F 32 10.24 -1.97 -4.63
N LEU F 33 10.99 -2.17 -3.55
CA LEU F 33 12.22 -2.95 -3.59
C LEU F 33 12.05 -4.16 -2.68
N ALA F 34 12.31 -5.35 -3.22
CA ALA F 34 12.22 -6.59 -2.48
C ALA F 34 13.59 -7.25 -2.41
N TRP F 35 13.85 -7.89 -1.28
CA TRP F 35 15.11 -8.60 -1.05
C TRP F 35 14.86 -10.10 -0.99
N TYR F 36 15.64 -10.85 -1.76
CA TYR F 36 15.55 -12.30 -1.79
C TYR F 36 16.87 -12.89 -1.28
N GLN F 37 16.76 -14.04 -0.63
CA GLN F 37 17.92 -14.77 -0.11
C GLN F 37 17.92 -16.17 -0.72
N GLN F 38 19.03 -16.53 -1.37
CA GLN F 38 19.18 -17.85 -1.98
C GLN F 38 20.30 -18.61 -1.30
N LYS F 39 19.93 -19.62 -0.52
CA LYS F 39 20.89 -20.50 0.12
C LYS F 39 21.30 -21.61 -0.84
N PRO F 40 22.43 -22.28 -0.59
CA PRO F 40 22.92 -23.28 -1.55
C PRO F 40 21.91 -24.38 -1.80
N GLY F 41 21.70 -24.70 -3.08
CA GLY F 41 20.79 -25.74 -3.47
C GLY F 41 19.32 -25.43 -3.30
N LYS F 42 18.98 -24.27 -2.75
CA LYS F 42 17.59 -23.90 -2.51
C LYS F 42 17.22 -22.69 -3.36
N ALA F 43 15.92 -22.51 -3.55
CA ALA F 43 15.40 -21.40 -4.32
C ALA F 43 15.49 -20.10 -3.52
N PRO F 44 15.43 -18.95 -4.20
CA PRO F 44 15.39 -17.68 -3.48
C PRO F 44 14.21 -17.60 -2.53
N LYS F 45 14.42 -16.90 -1.42
CA LYS F 45 13.46 -16.84 -0.33
C LYS F 45 13.07 -15.39 -0.08
N PHE F 46 11.77 -15.14 -0.01
CA PHE F 46 11.26 -13.78 0.20
C PHE F 46 11.65 -13.30 1.59
N LEU F 47 12.41 -12.20 1.65
CA LEU F 47 12.91 -11.66 2.91
C LEU F 47 12.24 -10.33 3.28
N ILE F 48 12.43 -9.30 2.46
CA ILE F 48 11.95 -7.96 2.76
C ILE F 48 11.18 -7.44 1.57
N TYR F 49 10.07 -6.75 1.83
CA TYR F 49 9.32 -6.06 0.80
C TYR F 49 9.08 -4.62 1.24
N LYS F 50 8.76 -3.77 0.28
CA LYS F 50 8.64 -2.32 0.48
C LYS F 50 9.94 -1.72 1.00
N ALA F 51 11.05 -2.43 0.77
CA ALA F 51 12.40 -1.98 1.12
C ALA F 51 12.69 -2.07 2.62
N SER F 52 11.66 -2.21 3.46
CA SER F 52 11.88 -2.21 4.90
C SER F 52 11.00 -3.20 5.66
N ILE F 53 9.92 -3.71 5.09
CA ILE F 53 9.01 -4.59 5.81
C ILE F 53 9.55 -6.02 5.73
N LEU F 54 9.93 -6.57 6.87
CA LEU F 54 10.38 -7.96 6.91
C LEU F 54 9.21 -8.92 6.71
N GLU F 55 9.50 -10.05 6.07
CA GLU F 55 8.51 -11.10 5.93
C GLU F 55 8.31 -11.81 7.26
N SER F 56 7.13 -12.41 7.43
CA SER F 56 6.82 -13.16 8.63
C SER F 56 7.80 -14.31 8.80
N GLY F 57 8.37 -14.43 10.00
CA GLY F 57 9.34 -15.46 10.29
C GLY F 57 10.77 -15.11 9.98
N ILE F 58 11.03 -13.94 9.40
CA ILE F 58 12.40 -13.53 9.12
C ILE F 58 13.04 -13.03 10.40
N PRO F 59 14.23 -13.51 10.77
CA PRO F 59 14.85 -13.08 12.02
C PRO F 59 15.03 -11.58 12.09
N SER F 60 15.00 -11.06 13.32
CA SER F 60 15.08 -9.62 13.54
C SER F 60 16.44 -9.04 13.17
N ARG F 61 17.47 -9.87 12.96
CA ARG F 61 18.77 -9.36 12.59
C ARG F 61 18.81 -8.80 11.17
N PHE F 62 17.80 -9.06 10.35
CA PHE F 62 17.74 -8.53 9.01
C PHE F 62 16.98 -7.20 9.00
N SER F 63 17.40 -6.30 8.11
CA SER F 63 16.76 -5.01 7.98
C SER F 63 17.03 -4.44 6.60
N GLY F 64 16.20 -3.48 6.21
CA GLY F 64 16.34 -2.83 4.92
C GLY F 64 15.88 -1.39 4.98
N SER F 65 16.42 -0.59 4.06
CA SER F 65 16.04 0.80 3.93
C SER F 65 16.26 1.24 2.48
N GLY F 66 15.60 2.33 2.10
CA GLY F 66 15.69 2.83 0.74
C GLY F 66 15.18 4.24 0.62
N SER F 67 15.68 4.96 -0.38
CA SER F 67 15.33 6.35 -0.61
C SER F 67 15.27 6.61 -2.11
N GLY F 68 14.38 5.90 -2.80
CA GLY F 68 14.15 6.14 -4.21
C GLY F 68 15.02 5.33 -5.15
N THR F 69 16.33 5.60 -5.16
CA THR F 69 17.25 4.91 -6.04
C THR F 69 18.35 4.15 -5.31
N GLU F 70 18.51 4.36 -4.00
CA GLU F 70 19.54 3.70 -3.21
C GLU F 70 18.87 2.85 -2.14
N PHE F 71 19.26 1.59 -2.05
CA PHE F 71 18.67 0.65 -1.09
C PHE F 71 19.77 -0.16 -0.44
N THR F 72 19.53 -0.60 0.79
CA THR F 72 20.50 -1.39 1.53
C THR F 72 19.83 -2.50 2.31
N LEU F 73 20.46 -3.67 2.32
CA LEU F 73 20.12 -4.78 3.19
C LEU F 73 21.18 -4.88 4.28
N THR F 74 20.75 -5.07 5.52
CA THR F 74 21.66 -5.06 6.66
C THR F 74 21.39 -6.25 7.57
N ILE F 75 22.44 -7.01 7.86
CA ILE F 75 22.42 -8.02 8.91
C ILE F 75 23.27 -7.50 10.06
N SER F 76 22.64 -7.29 11.22
CA SER F 76 23.35 -6.72 12.35
C SER F 76 24.37 -7.71 12.92
N SER F 77 23.98 -8.98 13.07
CA SER F 77 24.86 -10.03 13.58
C SER F 77 24.87 -11.18 12.57
N LEU F 78 25.94 -11.27 11.79
CA LEU F 78 26.06 -12.32 10.79
C LEU F 78 26.11 -13.69 11.46
N GLN F 79 25.39 -14.65 10.89
CA GLN F 79 25.29 -15.99 11.41
C GLN F 79 25.70 -17.03 10.37
N PRO F 80 26.11 -18.23 10.79
CA PRO F 80 26.49 -19.26 9.81
C PRO F 80 25.44 -19.56 8.75
N ASP F 81 24.17 -19.68 9.14
CA ASP F 81 23.13 -19.99 8.16
C ASP F 81 22.82 -18.82 7.24
N ASP F 82 23.40 -17.64 7.49
CA ASP F 82 23.21 -16.49 6.62
C ASP F 82 24.06 -16.54 5.36
N PHE F 83 24.95 -17.54 5.24
CA PHE F 83 25.71 -17.71 3.99
C PHE F 83 24.77 -17.95 2.83
N ALA F 84 24.71 -17.01 1.90
CA ALA F 84 23.79 -17.07 0.77
C ALA F 84 24.15 -15.95 -0.20
N THR F 85 23.41 -15.89 -1.31
CA THR F 85 23.49 -14.78 -2.24
C THR F 85 22.18 -14.00 -2.17
N TYR F 86 22.28 -12.70 -1.93
CA TYR F 86 21.11 -11.85 -1.72
C TYR F 86 20.86 -11.00 -2.95
N TYR F 87 19.65 -11.09 -3.48
CA TYR F 87 19.24 -10.34 -4.66
C TYR F 87 18.21 -9.29 -4.27
N CYS F 88 18.27 -8.14 -4.92
CA CYS F 88 17.26 -7.09 -4.77
C CYS F 88 16.44 -7.01 -6.05
N GLN F 89 15.12 -6.96 -5.89
CA GLN F 89 14.19 -6.91 -7.01
C GLN F 89 13.30 -5.68 -6.89
N GLN F 90 13.05 -5.03 -8.02
CA GLN F 90 12.07 -3.96 -8.12
C GLN F 90 10.79 -4.52 -8.72
N TYR F 91 9.66 -4.17 -8.13
CA TYR F 91 8.36 -4.56 -8.66
C TYR F 91 7.51 -3.34 -9.00
N SER F 92 8.16 -2.29 -9.50
CA SER F 92 7.46 -1.09 -9.96
C SER F 92 7.00 -1.26 -11.40
N SER F 93 7.95 -1.34 -12.32
CA SER F 93 7.68 -1.60 -13.73
C SER F 93 8.22 -3.00 -14.05
N TYR F 94 7.31 -3.96 -14.15
CA TYR F 94 7.67 -5.37 -14.31
C TYR F 94 8.51 -5.78 -13.09
N TRP F 95 9.39 -6.77 -13.27
CA TRP F 95 10.20 -7.29 -12.16
C TRP F 95 11.60 -7.57 -12.67
N THR F 96 12.58 -6.85 -12.13
CA THR F 96 13.98 -7.03 -12.52
C THR F 96 14.85 -7.12 -11.26
N PHE F 97 15.89 -7.93 -11.36
CA PHE F 97 16.77 -8.23 -10.24
C PHE F 97 18.16 -7.64 -10.47
N GLY F 98 18.95 -7.66 -9.40
CA GLY F 98 20.37 -7.35 -9.49
C GLY F 98 21.20 -8.61 -9.66
N GLN F 99 22.50 -8.42 -9.82
CA GLN F 99 23.39 -9.56 -10.06
C GLN F 99 23.55 -10.43 -8.81
N GLY F 100 23.20 -9.92 -7.64
CA GLY F 100 23.33 -10.66 -6.40
C GLY F 100 24.60 -10.34 -5.67
N THR F 101 24.60 -10.63 -4.36
CA THR F 101 25.77 -10.43 -3.51
C THR F 101 25.93 -11.65 -2.63
N LYS F 102 27.04 -12.37 -2.79
CA LYS F 102 27.31 -13.56 -2.01
C LYS F 102 28.02 -13.14 -0.72
N VAL F 103 27.45 -13.53 0.41
CA VAL F 103 28.00 -13.18 1.73
C VAL F 103 28.69 -14.43 2.27
N GLU F 104 29.97 -14.55 1.95
CA GLU F 104 30.77 -15.62 2.53
C GLU F 104 31.12 -15.30 3.97
N ILE F 105 31.40 -16.34 4.75
CA ILE F 105 31.63 -16.23 6.18
C ILE F 105 33.09 -16.56 6.48
N LYS F 106 33.76 -15.67 7.18
CA LYS F 106 35.13 -15.89 7.62
C LYS F 106 35.11 -16.54 9.00
N ARG F 107 35.75 -17.69 9.12
CA ARG F 107 35.86 -18.39 10.39
C ARG F 107 37.31 -18.71 10.71
N THR F 108 37.53 -19.54 11.73
CA THR F 108 38.88 -19.96 12.08
C THR F 108 39.36 -21.08 11.16
N VAL F 109 40.66 -21.30 11.17
CA VAL F 109 41.26 -22.35 10.35
C VAL F 109 40.85 -23.72 10.89
N ALA F 110 40.42 -24.60 9.99
CA ALA F 110 39.99 -25.95 10.34
C ALA F 110 40.70 -26.94 9.42
N ALA F 111 41.35 -27.94 10.02
CA ALA F 111 42.06 -28.93 9.25
C ALA F 111 41.09 -29.92 8.60
N PRO F 112 41.40 -30.41 7.40
CA PRO F 112 40.50 -31.34 6.72
C PRO F 112 40.68 -32.77 7.22
N SER F 113 39.56 -33.48 7.33
CA SER F 113 39.60 -34.92 7.55
C SER F 113 39.78 -35.61 6.20
N VAL F 114 40.91 -36.29 6.03
CA VAL F 114 41.29 -36.87 4.74
C VAL F 114 40.86 -38.32 4.71
N PHE F 115 40.08 -38.69 3.68
CA PHE F 115 39.64 -40.05 3.46
C PHE F 115 39.90 -40.43 2.00
N ILE F 116 40.22 -41.70 1.79
CA ILE F 116 40.44 -42.24 0.46
C ILE F 116 39.53 -43.44 0.28
N PHE F 117 39.01 -43.62 -0.93
CA PHE F 117 38.07 -44.70 -1.24
C PHE F 117 38.63 -45.51 -2.41
N PRO F 118 38.95 -46.78 -2.21
CA PRO F 118 39.34 -47.63 -3.35
C PRO F 118 38.17 -47.79 -4.31
N PRO F 119 38.45 -48.08 -5.58
CA PRO F 119 37.36 -48.29 -6.53
C PRO F 119 36.56 -49.55 -6.20
N SER F 120 35.33 -49.57 -6.69
CA SER F 120 34.41 -50.65 -6.39
C SER F 120 34.52 -51.75 -7.44
N ASP F 121 34.21 -52.99 -7.01
CA ASP F 121 34.22 -54.10 -7.95
C ASP F 121 33.21 -53.91 -9.07
N GLU F 122 32.07 -53.27 -8.76
CA GLU F 122 31.07 -53.02 -9.80
C GLU F 122 31.61 -52.10 -10.87
N GLN F 123 32.35 -51.06 -10.48
CA GLN F 123 32.96 -50.18 -11.46
C GLN F 123 34.08 -50.87 -12.22
N LEU F 124 34.91 -51.65 -11.52
CA LEU F 124 36.03 -52.32 -12.17
C LEU F 124 35.55 -53.32 -13.22
N LYS F 125 34.42 -53.98 -12.97
CA LYS F 125 33.86 -54.91 -13.94
C LYS F 125 33.35 -54.22 -15.19
N SER F 126 33.30 -52.88 -15.21
CA SER F 126 32.81 -52.14 -16.37
C SER F 126 33.93 -51.57 -17.22
N GLY F 127 35.15 -51.49 -16.71
CA GLY F 127 36.30 -51.06 -17.47
C GLY F 127 37.05 -49.88 -16.89
N THR F 128 36.51 -49.18 -15.91
CA THR F 128 37.14 -48.00 -15.35
C THR F 128 37.43 -48.22 -13.86
N ALA F 129 38.31 -47.38 -13.32
CA ALA F 129 38.66 -47.39 -11.91
C ALA F 129 38.78 -45.96 -11.43
N SER F 130 37.85 -45.51 -10.60
CA SER F 130 37.86 -44.18 -10.02
C SER F 130 38.27 -44.27 -8.56
N VAL F 131 39.42 -43.67 -8.22
CA VAL F 131 39.89 -43.58 -6.85
C VAL F 131 39.53 -42.20 -6.33
N VAL F 132 38.74 -42.15 -5.26
CA VAL F 132 38.19 -40.91 -4.74
C VAL F 132 38.90 -40.57 -3.43
N CYS F 133 39.39 -39.33 -3.33
CA CYS F 133 39.98 -38.81 -2.11
C CYS F 133 39.08 -37.71 -1.57
N LEU F 134 38.75 -37.78 -0.28
CA LEU F 134 37.80 -36.87 0.34
C LEU F 134 38.48 -36.02 1.39
N LEU F 135 38.30 -34.70 1.28
CA LEU F 135 38.73 -33.74 2.29
C LEU F 135 37.47 -33.12 2.89
N ASN F 136 37.17 -33.42 4.15
CA ASN F 136 35.89 -33.06 4.74
C ASN F 136 36.05 -31.96 5.76
N ASN F 137 35.22 -30.91 5.64
CA ASN F 137 35.13 -29.83 6.61
C ASN F 137 36.47 -29.16 6.89
N PHE F 138 36.94 -28.33 5.96
CA PHE F 138 38.19 -27.60 6.15
C PHE F 138 37.96 -26.12 5.87
N TYR F 139 38.80 -25.29 6.49
CA TYR F 139 38.81 -23.86 6.29
C TYR F 139 40.24 -23.37 6.43
N PRO F 140 40.73 -22.51 5.52
CA PRO F 140 40.01 -21.84 4.41
C PRO F 140 39.77 -22.76 3.23
N ARG F 141 39.28 -22.22 2.11
CA ARG F 141 38.92 -23.07 0.97
C ARG F 141 40.13 -23.57 0.19
N GLU F 142 41.27 -22.89 0.28
CA GLU F 142 42.43 -23.27 -0.51
C GLU F 142 43.05 -24.55 0.07
N ALA F 143 43.12 -25.59 -0.75
CA ALA F 143 43.69 -26.87 -0.36
C ALA F 143 44.41 -27.48 -1.54
N LYS F 144 45.47 -28.24 -1.24
CA LYS F 144 46.31 -28.85 -2.25
C LYS F 144 46.19 -30.37 -2.18
N VAL F 145 45.88 -30.99 -3.32
CA VAL F 145 45.72 -32.43 -3.41
C VAL F 145 46.60 -32.94 -4.55
N GLN F 146 47.48 -33.88 -4.24
CA GLN F 146 48.35 -34.50 -5.24
C GLN F 146 48.16 -36.01 -5.21
N TRP F 147 48.10 -36.62 -6.38
CA TRP F 147 47.98 -38.07 -6.51
C TRP F 147 49.35 -38.69 -6.75
N LYS F 148 49.60 -39.81 -6.08
CA LYS F 148 50.90 -40.50 -6.16
C LYS F 148 50.61 -42.00 -6.30
N VAL F 149 50.80 -42.52 -7.51
CA VAL F 149 50.64 -43.94 -7.79
C VAL F 149 52.03 -44.56 -7.86
N ASP F 150 52.31 -45.48 -6.93
CA ASP F 150 53.64 -46.08 -6.78
C ASP F 150 54.71 -45.00 -6.64
N ASN F 151 54.40 -43.99 -5.83
CA ASN F 151 55.30 -42.87 -5.55
C ASN F 151 55.62 -42.07 -6.81
N ALA F 152 54.72 -42.08 -7.79
CA ALA F 152 54.86 -41.32 -9.02
C ALA F 152 53.76 -40.27 -9.04
N LEU F 153 54.15 -39.00 -8.97
CA LEU F 153 53.21 -37.90 -8.99
C LEU F 153 52.40 -37.93 -10.28
N GLN F 154 51.09 -38.08 -10.15
CA GLN F 154 50.21 -38.20 -11.30
C GLN F 154 49.79 -36.84 -11.82
N SER F 155 49.49 -36.78 -13.11
CA SER F 155 49.07 -35.54 -13.75
C SER F 155 48.15 -35.85 -14.92
N GLY F 156 47.10 -35.05 -15.07
CA GLY F 156 46.22 -35.17 -16.21
C GLY F 156 45.19 -36.28 -16.11
N ASN F 157 44.88 -36.74 -14.91
CA ASN F 157 43.93 -37.84 -14.74
C ASN F 157 43.02 -37.66 -13.53
N SER F 158 43.01 -36.50 -12.89
CA SER F 158 42.19 -36.26 -11.73
C SER F 158 41.28 -35.05 -11.96
N GLN F 159 40.21 -34.99 -11.18
CA GLN F 159 39.25 -33.89 -11.22
C GLN F 159 38.89 -33.50 -9.80
N GLU F 160 38.60 -32.22 -9.60
CA GLU F 160 38.27 -31.69 -8.28
C GLU F 160 36.91 -31.01 -8.30
N SER F 161 36.32 -30.89 -7.11
CA SER F 161 35.06 -30.20 -6.92
C SER F 161 34.93 -29.87 -5.44
N VAL F 162 34.62 -28.61 -5.14
CA VAL F 162 34.47 -28.12 -3.77
C VAL F 162 33.01 -27.78 -3.53
N THR F 163 32.52 -28.13 -2.35
CA THR F 163 31.16 -27.78 -1.97
C THR F 163 31.09 -26.32 -1.53
N GLU F 164 29.89 -25.74 -1.64
CA GLU F 164 29.67 -24.42 -1.11
C GLU F 164 29.87 -24.42 0.40
N GLN F 165 30.07 -23.22 0.95
CA GLN F 165 30.32 -23.10 2.38
C GLN F 165 29.11 -23.59 3.18
N ASP F 166 29.39 -24.34 4.24
CA ASP F 166 28.35 -24.94 5.04
C ASP F 166 27.57 -23.88 5.83
N SER F 167 26.29 -24.15 6.06
CA SER F 167 25.44 -23.26 6.82
C SER F 167 25.51 -23.50 8.32
N LYS F 168 26.34 -24.44 8.77
CA LYS F 168 26.49 -24.72 10.19
C LYS F 168 27.90 -24.41 10.68
N ASP F 169 28.93 -25.08 10.16
CA ASP F 169 30.30 -24.83 10.57
C ASP F 169 31.08 -23.98 9.58
N SER F 170 30.45 -23.54 8.50
CA SER F 170 31.05 -22.62 7.53
C SER F 170 32.38 -23.14 6.99
N THR F 171 32.45 -24.44 6.75
CA THR F 171 33.64 -25.08 6.18
C THR F 171 33.38 -25.50 4.75
N TYR F 172 34.40 -26.08 4.12
CA TYR F 172 34.30 -26.57 2.76
C TYR F 172 34.73 -28.04 2.73
N SER F 173 34.27 -28.75 1.70
CA SER F 173 34.69 -30.11 1.44
C SER F 173 35.15 -30.22 -0.02
N LEU F 174 36.15 -31.07 -0.25
CA LEU F 174 36.75 -31.21 -1.57
C LEU F 174 36.77 -32.69 -1.96
N SER F 175 36.48 -32.95 -3.24
CA SER F 175 36.43 -34.31 -3.79
C SER F 175 37.41 -34.39 -4.96
N SER F 176 38.48 -35.16 -4.78
CA SER F 176 39.44 -35.43 -5.84
C SER F 176 39.27 -36.88 -6.29
N THR F 177 39.05 -37.07 -7.59
CA THR F 177 38.80 -38.38 -8.16
C THR F 177 39.83 -38.69 -9.23
N LEU F 178 40.55 -39.80 -9.05
CA LEU F 178 41.54 -40.26 -10.01
C LEU F 178 40.92 -41.37 -10.86
N THR F 179 40.70 -41.09 -12.14
CA THR F 179 40.04 -42.02 -13.05
C THR F 179 41.08 -42.73 -13.89
N LEU F 180 41.02 -44.07 -13.90
CA LEU F 180 41.93 -44.89 -14.67
C LEU F 180 41.14 -46.01 -15.35
N SER F 181 41.79 -46.68 -16.30
CA SER F 181 41.21 -47.90 -16.84
C SER F 181 41.51 -49.05 -15.88
N LYS F 182 40.72 -50.12 -16.01
CA LYS F 182 40.99 -51.30 -15.18
C LYS F 182 42.37 -51.88 -15.46
N ALA F 183 42.85 -51.73 -16.70
CA ALA F 183 44.21 -52.16 -17.03
C ALA F 183 45.23 -51.31 -16.30
N ASP F 184 45.24 -49.99 -16.55
CA ASP F 184 46.18 -49.10 -15.89
C ASP F 184 46.09 -49.19 -14.38
N TYR F 185 44.89 -49.43 -13.85
CA TYR F 185 44.73 -49.55 -12.40
C TYR F 185 45.43 -50.79 -11.87
N GLU F 186 45.41 -51.88 -12.62
CA GLU F 186 46.02 -53.13 -12.18
C GLU F 186 47.51 -53.22 -12.52
N LYS F 187 48.06 -52.22 -13.20
CA LYS F 187 49.49 -52.16 -13.48
C LYS F 187 50.27 -51.47 -12.36
N HIS F 188 49.65 -51.24 -11.21
CA HIS F 188 50.30 -50.58 -10.09
C HIS F 188 49.75 -51.16 -8.80
N LYS F 189 50.38 -50.77 -7.69
CA LYS F 189 50.01 -51.29 -6.37
C LYS F 189 49.60 -50.20 -5.40
N VAL F 190 50.44 -49.18 -5.22
CA VAL F 190 50.23 -48.17 -4.18
C VAL F 190 49.52 -46.97 -4.81
N TYR F 191 48.34 -46.66 -4.29
CA TYR F 191 47.59 -45.47 -4.68
C TYR F 191 47.45 -44.56 -3.48
N ALA F 192 48.05 -43.38 -3.58
CA ALA F 192 48.15 -42.46 -2.45
C ALA F 192 47.46 -41.14 -2.77
N CYS F 193 47.13 -40.41 -1.70
CA CYS F 193 46.53 -39.08 -1.80
C CYS F 193 47.20 -38.19 -0.77
N GLU F 194 47.95 -37.20 -1.23
CA GLU F 194 48.70 -36.31 -0.36
C GLU F 194 48.00 -34.96 -0.29
N VAL F 195 47.74 -34.51 0.93
CA VAL F 195 46.96 -33.29 1.17
C VAL F 195 47.85 -32.27 1.86
N THR F 196 47.76 -31.02 1.42
CA THR F 196 48.44 -29.90 2.05
C THR F 196 47.41 -28.82 2.35
N HIS F 197 47.46 -28.29 3.57
CA HIS F 197 46.50 -27.29 4.00
C HIS F 197 47.15 -26.41 5.07
N GLN F 198 46.58 -25.22 5.25
CA GLN F 198 47.11 -24.30 6.25
C GLN F 198 46.93 -24.85 7.66
N GLY F 199 45.83 -25.59 7.90
CA GLY F 199 45.55 -26.17 9.18
C GLY F 199 46.21 -27.50 9.47
N LEU F 200 47.03 -28.00 8.54
CA LEU F 200 47.75 -29.25 8.73
C LEU F 200 49.19 -28.96 9.13
N SER F 201 49.63 -29.56 10.23
CA SER F 201 51.01 -29.37 10.67
C SER F 201 52.00 -29.86 9.64
N SER F 202 51.71 -30.99 9.00
CA SER F 202 52.52 -31.54 7.94
C SER F 202 51.61 -32.14 6.91
N PRO F 203 52.03 -32.29 5.66
CA PRO F 203 51.19 -32.88 4.63
C PRO F 203 50.75 -34.29 5.01
N VAL F 204 49.45 -34.54 4.88
CA VAL F 204 48.84 -35.81 5.27
C VAL F 204 48.68 -36.67 4.03
N THR F 205 49.25 -37.87 4.05
CA THR F 205 49.20 -38.80 2.93
C THR F 205 48.35 -40.00 3.32
N LYS F 206 47.24 -40.18 2.61
CA LYS F 206 46.38 -41.36 2.73
C LYS F 206 46.60 -42.24 1.52
N SER F 207 46.76 -43.54 1.75
CA SER F 207 47.11 -44.43 0.66
C SER F 207 46.55 -45.83 0.93
N PHE F 208 46.36 -46.57 -0.16
CA PHE F 208 45.99 -47.98 -0.08
C PHE F 208 46.73 -48.73 -1.16
N ASN F 209 46.87 -50.04 -0.96
CA ASN F 209 47.47 -50.93 -1.94
C ASN F 209 46.37 -51.70 -2.66
N ARG F 210 46.48 -51.80 -3.98
CA ARG F 210 45.56 -52.61 -4.75
C ARG F 210 45.61 -54.06 -4.29
N GLY F 211 44.46 -54.60 -3.92
CA GLY F 211 44.34 -55.96 -3.45
C GLY F 211 44.08 -56.11 -1.96
N GLU F 212 44.37 -55.06 -1.18
CA GLU F 212 44.16 -55.10 0.28
C GLU F 212 42.77 -55.61 0.67
N GLN G 1 60.19 -41.62 -8.01
CA GLN G 1 60.59 -42.13 -9.33
C GLN G 1 61.76 -41.33 -9.89
N VAL G 2 62.24 -41.74 -11.06
CA VAL G 2 63.37 -41.08 -11.71
C VAL G 2 62.85 -39.85 -12.44
N GLN G 3 63.30 -38.68 -12.03
CA GLN G 3 62.86 -37.41 -12.62
C GLN G 3 64.08 -36.55 -12.90
N LEU G 4 64.27 -36.20 -14.17
CA LEU G 4 65.30 -35.26 -14.58
C LEU G 4 64.65 -33.94 -14.98
N VAL G 5 65.18 -32.84 -14.46
CA VAL G 5 64.62 -31.51 -14.67
C VAL G 5 65.72 -30.59 -15.17
N GLU G 6 65.47 -29.95 -16.31
CA GLU G 6 66.41 -29.00 -16.89
C GLU G 6 66.01 -27.58 -16.54
N SER G 7 67.01 -26.69 -16.50
CA SER G 7 66.76 -25.28 -16.21
C SER G 7 67.92 -24.47 -16.77
N GLY G 8 67.68 -23.16 -16.91
CA GLY G 8 68.69 -22.24 -17.37
C GLY G 8 68.52 -21.75 -18.79
N GLY G 9 67.37 -22.03 -19.43
CA GLY G 9 67.18 -21.64 -20.81
C GLY G 9 66.48 -20.30 -20.96
N GLY G 10 66.67 -19.72 -22.14
CA GLY G 10 66.10 -18.42 -22.46
C GLY G 10 66.70 -17.84 -23.72
N VAL G 11 66.88 -16.53 -23.77
CA VAL G 11 67.55 -15.89 -24.90
C VAL G 11 69.04 -15.78 -24.62
N VAL G 12 69.81 -15.92 -25.68
CA VAL G 12 71.25 -15.64 -25.66
C VAL G 12 71.57 -14.81 -26.89
N GLN G 13 72.39 -13.80 -26.71
CA GLN G 13 72.83 -13.02 -27.85
C GLN G 13 73.68 -13.89 -28.77
N PRO G 14 73.43 -13.87 -30.08
CA PRO G 14 74.22 -14.70 -30.99
C PRO G 14 75.72 -14.48 -30.83
N GLY G 15 76.41 -15.51 -30.36
CA GLY G 15 77.83 -15.41 -30.06
C GLY G 15 78.09 -15.08 -28.61
N ARG G 16 77.31 -15.70 -27.71
CA ARG G 16 77.47 -15.49 -26.27
C ARG G 16 77.38 -16.85 -25.58
N SER G 17 77.20 -16.83 -24.26
CA SER G 17 77.23 -18.04 -23.46
C SER G 17 75.95 -18.21 -22.65
N LEU G 18 75.62 -19.47 -22.39
CA LEU G 18 74.48 -19.85 -21.56
C LEU G 18 74.78 -21.22 -20.97
N ARG G 19 74.37 -21.43 -19.72
CA ARG G 19 74.58 -22.71 -19.05
C ARG G 19 73.25 -23.35 -18.71
N LEU G 20 73.14 -24.65 -18.97
CA LEU G 20 71.97 -25.44 -18.62
C LEU G 20 72.31 -26.36 -17.46
N SER G 21 71.31 -26.64 -16.63
CA SER G 21 71.47 -27.48 -15.46
C SER G 21 70.37 -28.53 -15.43
N CYS G 22 70.76 -29.79 -15.31
CA CYS G 22 69.84 -30.91 -15.25
C CYS G 22 69.86 -31.46 -13.83
N GLU G 23 68.73 -31.36 -13.13
CA GLU G 23 68.61 -31.86 -11.77
C GLU G 23 68.17 -33.32 -11.80
N ALA G 24 68.72 -34.12 -10.89
CA ALA G 24 68.49 -35.55 -10.86
C ALA G 24 67.91 -35.98 -9.51
N SER G 25 66.94 -36.89 -9.56
CA SER G 25 66.31 -37.40 -8.35
C SER G 25 65.73 -38.77 -8.65
N GLY G 26 65.85 -39.68 -7.68
CA GLY G 26 65.30 -41.02 -7.79
C GLY G 26 66.31 -42.11 -8.06
N PHE G 27 67.58 -41.76 -8.31
CA PHE G 27 68.60 -42.76 -8.56
C PHE G 27 69.95 -42.21 -8.12
N THR G 28 70.96 -43.08 -8.13
CA THR G 28 72.32 -42.68 -7.78
C THR G 28 72.95 -42.03 -9.01
N PHE G 29 73.00 -40.70 -9.01
CA PHE G 29 73.49 -39.95 -10.16
C PHE G 29 74.93 -40.29 -10.49
N SER G 30 75.74 -40.64 -9.48
CA SER G 30 77.14 -40.96 -9.69
C SER G 30 77.36 -42.35 -10.28
N ASN G 31 76.29 -43.09 -10.59
CA ASN G 31 76.41 -44.42 -11.15
C ASN G 31 76.08 -44.49 -12.63
N PHE G 32 75.49 -43.45 -13.21
CA PHE G 32 75.01 -43.49 -14.58
C PHE G 32 75.71 -42.43 -15.43
N GLY G 33 75.94 -42.75 -16.70
CA GLY G 33 76.33 -41.75 -17.65
C GLY G 33 75.15 -40.89 -18.07
N MET G 34 75.46 -39.72 -18.62
CA MET G 34 74.43 -38.75 -18.95
C MET G 34 74.63 -38.25 -20.38
N HIS G 35 73.52 -37.85 -21.00
CA HIS G 35 73.52 -37.31 -22.35
C HIS G 35 72.83 -35.96 -22.37
N TRP G 36 73.21 -35.14 -23.35
CA TRP G 36 72.48 -33.93 -23.69
C TRP G 36 71.94 -34.10 -25.10
N VAL G 37 70.64 -33.98 -25.26
CA VAL G 37 70.00 -34.07 -26.56
C VAL G 37 69.22 -32.78 -26.79
N ARG G 38 69.11 -32.39 -28.06
CA ARG G 38 68.37 -31.19 -28.42
C ARG G 38 67.45 -31.50 -29.59
N GLN G 39 66.30 -30.82 -29.60
CA GLN G 39 65.31 -30.96 -30.65
C GLN G 39 65.08 -29.61 -31.29
N THR G 40 65.35 -29.54 -32.56
CA THR G 40 65.17 -28.36 -33.40
C THR G 40 63.85 -28.45 -34.16
N PRO G 41 63.24 -27.32 -34.52
CA PRO G 41 61.93 -27.36 -35.16
C PRO G 41 61.90 -28.12 -36.48
N VAL G 42 62.98 -28.09 -37.26
CA VAL G 42 63.01 -28.70 -38.59
C VAL G 42 64.00 -29.85 -38.66
N LYS G 43 65.23 -29.64 -38.17
CA LYS G 43 66.25 -30.69 -38.25
C LYS G 43 65.97 -31.86 -37.33
N GLY G 44 65.09 -31.69 -36.34
CA GLY G 44 64.67 -32.79 -35.50
C GLY G 44 65.55 -33.04 -34.29
N LEU G 45 65.70 -34.30 -33.91
CA LEU G 45 66.47 -34.68 -32.74
C LEU G 45 67.95 -34.81 -33.10
N GLU G 46 68.81 -34.35 -32.19
CA GLU G 46 70.24 -34.31 -32.43
C GLU G 46 70.97 -34.58 -31.13
N TRP G 47 71.78 -35.63 -31.10
CA TRP G 47 72.63 -35.88 -29.94
C TRP G 47 73.69 -34.80 -29.85
N VAL G 48 74.01 -34.38 -28.63
CA VAL G 48 74.90 -33.24 -28.38
C VAL G 48 76.18 -33.70 -27.67
N ALA G 49 76.05 -34.40 -26.55
CA ALA G 49 77.21 -34.77 -25.77
C ALA G 49 76.85 -35.89 -24.82
N ILE G 50 77.88 -36.63 -24.39
CA ILE G 50 77.76 -37.67 -23.38
C ILE G 50 78.91 -37.51 -22.40
N ILE G 51 78.64 -37.76 -21.13
CA ILE G 51 79.66 -37.73 -20.09
C ILE G 51 79.57 -39.03 -19.28
N TRP G 52 80.73 -39.53 -18.85
CA TRP G 52 80.77 -40.76 -18.09
C TRP G 52 80.27 -40.51 -16.66
N PHE G 53 80.20 -41.59 -15.88
CA PHE G 53 79.58 -41.52 -14.56
C PHE G 53 80.37 -40.60 -13.62
N ASP G 54 81.70 -40.61 -13.72
CA ASP G 54 82.55 -39.75 -12.91
C ASP G 54 83.06 -38.53 -13.67
N GLY G 55 82.70 -38.38 -14.93
CA GLY G 55 83.17 -37.27 -15.73
C GLY G 55 84.56 -37.45 -16.30
N SER G 56 85.11 -38.66 -16.26
CA SER G 56 86.47 -38.87 -16.76
C SER G 56 86.54 -38.69 -18.27
N TYR G 57 85.56 -39.22 -19.00
CA TYR G 57 85.53 -39.15 -20.46
C TYR G 57 84.29 -38.40 -20.92
N LYS G 58 84.46 -37.60 -21.97
CA LYS G 58 83.38 -36.83 -22.56
C LYS G 58 83.48 -36.91 -24.08
N TYR G 59 82.33 -37.08 -24.73
CA TYR G 59 82.27 -37.08 -26.18
C TYR G 59 81.18 -36.12 -26.64
N TYR G 60 81.47 -35.40 -27.73
CA TYR G 60 80.57 -34.39 -28.26
C TYR G 60 80.30 -34.68 -29.74
N THR G 61 79.20 -34.14 -30.24
CA THR G 61 78.98 -34.13 -31.67
C THR G 61 79.84 -33.05 -32.33
N ASP G 62 80.08 -33.22 -33.63
CA ASP G 62 81.01 -32.34 -34.34
C ASP G 62 80.55 -30.89 -34.31
N SER G 63 79.26 -30.65 -34.53
CA SER G 63 78.76 -29.28 -34.68
C SER G 63 78.99 -28.44 -33.43
N VAL G 64 79.14 -29.07 -32.25
CA VAL G 64 79.28 -28.35 -30.99
C VAL G 64 80.68 -28.41 -30.43
N LYS G 65 81.60 -29.13 -31.07
CA LYS G 65 82.95 -29.26 -30.55
C LYS G 65 83.65 -27.91 -30.49
N GLY G 66 84.38 -27.68 -29.40
CA GLY G 66 85.03 -26.41 -29.17
C GLY G 66 84.11 -25.30 -28.72
N ARG G 67 82.82 -25.57 -28.57
CA ARG G 67 81.83 -24.57 -28.16
C ARG G 67 81.03 -24.99 -26.94
N PHE G 68 80.74 -26.28 -26.78
CA PHE G 68 79.98 -26.78 -25.64
C PHE G 68 80.93 -27.54 -24.70
N THR G 69 80.57 -27.54 -23.43
CA THR G 69 81.34 -28.29 -22.43
C THR G 69 80.34 -28.98 -21.50
N ILE G 70 80.33 -30.31 -21.55
CA ILE G 70 79.48 -31.10 -20.66
C ILE G 70 80.26 -31.39 -19.39
N SER G 71 79.59 -31.23 -18.25
CA SER G 71 80.23 -31.43 -16.96
C SER G 71 79.16 -31.86 -15.96
N ARG G 72 79.61 -32.25 -14.77
CA ARG G 72 78.69 -32.74 -13.77
C ARG G 72 79.30 -32.55 -12.38
N ASP G 73 78.43 -32.39 -11.39
CA ASP G 73 78.80 -32.27 -9.99
C ASP G 73 78.06 -33.37 -9.24
N ASN G 74 78.69 -34.54 -9.14
CA ASN G 74 78.04 -35.70 -8.54
C ASN G 74 77.68 -35.47 -7.07
N SER G 75 78.27 -34.46 -6.43
CA SER G 75 77.89 -34.12 -5.06
C SER G 75 76.59 -33.32 -5.02
N LYS G 76 76.18 -32.71 -6.13
CA LYS G 76 74.93 -31.97 -6.21
C LYS G 76 73.88 -32.66 -7.08
N ASN G 77 74.19 -33.81 -7.66
CA ASN G 77 73.28 -34.51 -8.57
C ASN G 77 72.84 -33.61 -9.72
N THR G 78 73.78 -32.84 -10.26
CA THR G 78 73.49 -31.81 -11.25
C THR G 78 74.36 -32.01 -12.47
N LEU G 79 73.73 -32.07 -13.63
CA LEU G 79 74.42 -32.12 -14.92
C LEU G 79 74.48 -30.71 -15.51
N TYR G 80 75.56 -30.44 -16.25
CA TYR G 80 75.79 -29.12 -16.80
C TYR G 80 76.13 -29.20 -18.28
N LEU G 81 75.71 -28.18 -19.02
CA LEU G 81 76.09 -28.00 -20.42
C LEU G 81 76.41 -26.52 -20.62
N GLN G 82 77.71 -26.18 -20.63
CA GLN G 82 78.14 -24.81 -20.87
C GLN G 82 78.20 -24.58 -22.38
N MET G 83 77.28 -23.75 -22.88
CA MET G 83 77.16 -23.50 -24.31
C MET G 83 77.79 -22.15 -24.62
N ASN G 84 78.92 -22.17 -25.34
CA ASN G 84 79.65 -20.96 -25.69
C ASN G 84 79.61 -20.74 -27.19
N SER G 85 79.85 -19.49 -27.59
CA SER G 85 79.86 -19.08 -29.00
C SER G 85 78.62 -19.57 -29.73
N LEU G 86 77.46 -19.28 -29.14
CA LEU G 86 76.20 -19.82 -29.65
C LEU G 86 75.86 -19.25 -31.02
N ARG G 87 75.37 -20.11 -31.90
CA ARG G 87 74.97 -19.76 -33.26
C ARG G 87 73.44 -19.79 -33.36
N ALA G 88 72.95 -19.51 -34.57
CA ALA G 88 71.52 -19.62 -34.82
C ALA G 88 71.06 -21.07 -34.86
N GLU G 89 71.93 -21.98 -35.31
CA GLU G 89 71.60 -23.40 -35.37
C GLU G 89 71.40 -24.01 -33.99
N ASP G 90 71.77 -23.30 -32.92
CA ASP G 90 71.67 -23.84 -31.57
C ASP G 90 70.32 -23.60 -30.91
N THR G 91 69.44 -22.82 -31.55
CA THR G 91 68.10 -22.60 -31.02
C THR G 91 67.32 -23.92 -31.05
N ALA G 92 67.10 -24.51 -29.87
CA ALA G 92 66.43 -25.80 -29.79
C ALA G 92 65.97 -26.05 -28.36
N VAL G 93 65.20 -27.11 -28.18
CA VAL G 93 64.81 -27.59 -26.86
C VAL G 93 65.81 -28.65 -26.43
N TYR G 94 66.46 -28.44 -25.29
CA TYR G 94 67.49 -29.32 -24.80
C TYR G 94 66.95 -30.22 -23.68
N TYR G 95 67.00 -31.53 -23.91
CA TYR G 95 66.66 -32.52 -22.90
C TYR G 95 67.95 -33.15 -22.37
N CYS G 96 67.92 -33.55 -21.10
CA CYS G 96 68.96 -34.39 -20.54
C CYS G 96 68.42 -35.81 -20.38
N ALA G 97 69.26 -36.80 -20.68
CA ALA G 97 68.87 -38.19 -20.62
C ALA G 97 69.91 -39.00 -19.87
N ARG G 98 69.44 -40.07 -19.22
CA ARG G 98 70.32 -40.99 -18.50
C ARG G 98 70.70 -42.14 -19.41
N ALA G 99 71.94 -42.61 -19.26
CA ALA G 99 72.44 -43.70 -20.08
C ALA G 99 71.65 -44.98 -19.83
N ARG G 100 71.45 -45.76 -20.89
CA ARG G 100 70.62 -46.95 -20.84
C ARG G 100 71.24 -48.05 -21.70
N LYS G 101 71.32 -49.26 -21.12
CA LYS G 101 71.86 -50.39 -21.85
C LYS G 101 70.88 -50.83 -22.93
N GLY G 102 71.33 -50.85 -24.18
CA GLY G 102 70.49 -51.22 -25.30
C GLY G 102 70.19 -52.70 -25.39
N GLN G 103 70.11 -53.37 -24.24
CA GLN G 103 69.84 -54.79 -24.13
C GLN G 103 69.23 -55.03 -22.76
N ARG G 104 68.51 -56.16 -22.65
CA ARG G 104 67.98 -56.55 -21.35
C ARG G 104 69.11 -56.70 -20.34
N SER G 105 68.83 -56.30 -19.10
CA SER G 105 69.90 -56.19 -18.10
C SER G 105 70.54 -57.54 -17.79
N ASP G 106 69.79 -58.63 -17.93
CA ASP G 106 70.33 -59.95 -17.59
C ASP G 106 71.23 -60.52 -18.67
N TYR G 107 71.08 -60.08 -19.92
CA TYR G 107 71.87 -60.66 -21.00
C TYR G 107 73.26 -60.03 -21.05
N TYR G 108 74.25 -60.86 -21.37
CA TYR G 108 75.64 -60.43 -21.49
C TYR G 108 76.19 -60.97 -22.80
N GLY G 109 76.45 -60.08 -23.75
CA GLY G 109 76.93 -60.46 -25.06
C GLY G 109 78.24 -59.77 -25.40
N SER G 110 78.74 -60.10 -26.59
CA SER G 110 80.02 -59.56 -27.04
C SER G 110 79.96 -58.03 -27.16
N GLU G 111 79.07 -57.53 -28.00
CA GLU G 111 78.93 -56.11 -28.24
C GLU G 111 77.69 -55.61 -27.51
N THR G 112 77.89 -54.81 -26.46
CA THR G 112 76.81 -54.27 -25.66
C THR G 112 76.75 -52.75 -25.88
N LYS G 113 75.90 -52.33 -26.81
CA LYS G 113 75.70 -50.91 -27.06
C LYS G 113 74.76 -50.32 -26.02
N TYR G 114 74.89 -49.03 -25.79
CA TYR G 114 74.02 -48.33 -24.86
C TYR G 114 73.33 -47.18 -25.58
N THR G 115 72.01 -47.12 -25.46
CA THR G 115 71.28 -45.94 -25.91
C THR G 115 71.21 -44.94 -24.76
N PHE G 116 70.05 -44.31 -24.56
CA PHE G 116 69.79 -43.49 -23.39
C PHE G 116 68.30 -43.24 -23.28
N ASP G 117 67.80 -43.19 -22.05
CA ASP G 117 66.36 -43.11 -21.77
C ASP G 117 66.12 -42.07 -20.68
N ASN G 118 64.91 -42.12 -20.10
CA ASN G 118 64.51 -41.24 -19.00
C ASN G 118 64.82 -39.78 -19.32
N TRP G 119 64.40 -39.36 -20.50
CA TRP G 119 64.59 -37.97 -20.90
C TRP G 119 63.80 -37.05 -19.98
N GLY G 120 64.30 -35.82 -19.82
CA GLY G 120 63.65 -34.83 -19.00
C GLY G 120 62.57 -34.08 -19.77
N GLN G 121 62.08 -33.01 -19.14
CA GLN G 121 61.03 -32.21 -19.76
C GLN G 121 61.57 -31.39 -20.92
N GLY G 122 62.76 -30.81 -20.76
CA GLY G 122 63.36 -29.98 -21.78
C GLY G 122 63.46 -28.53 -21.39
N THR G 123 64.46 -27.84 -21.94
CA THR G 123 64.62 -26.40 -21.75
C THR G 123 64.83 -25.75 -23.11
N LEU G 124 64.03 -24.74 -23.42
CA LEU G 124 64.05 -24.12 -24.73
C LEU G 124 65.06 -22.98 -24.75
N VAL G 125 66.06 -23.11 -25.60
CA VAL G 125 67.08 -22.09 -25.80
C VAL G 125 66.77 -21.36 -27.10
N THR G 126 66.63 -20.04 -27.02
CA THR G 126 66.36 -19.20 -28.18
C THR G 126 67.54 -18.26 -28.37
N VAL G 127 68.20 -18.36 -29.53
CA VAL G 127 69.34 -17.49 -29.85
C VAL G 127 68.79 -16.31 -30.64
N SER G 128 68.69 -15.16 -29.98
CA SER G 128 68.15 -13.96 -30.60
C SER G 128 68.69 -12.74 -29.89
N SER G 129 68.84 -11.65 -30.64
CA SER G 129 69.33 -10.39 -30.09
C SER G 129 68.23 -9.56 -29.44
N ALA G 130 66.98 -10.04 -29.45
CA ALA G 130 65.89 -9.31 -28.83
C ALA G 130 65.90 -9.51 -27.32
N SER G 131 65.26 -8.58 -26.61
CA SER G 131 65.24 -8.61 -25.16
C SER G 131 64.11 -9.50 -24.65
N THR G 132 64.29 -10.01 -23.43
CA THR G 132 63.25 -10.79 -22.78
C THR G 132 62.15 -9.86 -22.29
N LYS G 133 60.91 -10.19 -22.63
CA LYS G 133 59.74 -9.43 -22.22
C LYS G 133 58.78 -10.36 -21.51
N GLY G 134 58.43 -10.02 -20.28
CA GLY G 134 57.50 -10.81 -19.50
C GLY G 134 56.10 -10.75 -20.07
N PRO G 135 55.27 -11.73 -19.72
CA PRO G 135 53.92 -11.79 -20.26
C PRO G 135 52.92 -10.95 -19.48
N SER G 136 51.84 -10.60 -20.16
CA SER G 136 50.68 -9.95 -19.54
C SER G 136 49.50 -10.89 -19.65
N VAL G 137 48.96 -11.29 -18.50
CA VAL G 137 47.87 -12.26 -18.43
C VAL G 137 46.57 -11.51 -18.16
N PHE G 138 45.61 -11.66 -19.08
CA PHE G 138 44.30 -11.07 -18.95
C PHE G 138 43.25 -12.17 -18.92
N PRO G 139 42.13 -11.96 -18.22
CA PRO G 139 41.15 -13.05 -18.06
C PRO G 139 40.08 -13.09 -19.13
N LEU G 140 39.84 -14.30 -19.67
CA LEU G 140 38.74 -14.55 -20.60
C LEU G 140 37.56 -15.04 -19.78
N ALA G 141 36.77 -14.11 -19.27
CA ALA G 141 35.71 -14.45 -18.33
C ALA G 141 34.57 -15.18 -19.04
N PRO G 142 33.93 -16.14 -18.37
CA PRO G 142 32.75 -16.78 -18.96
C PRO G 142 31.55 -15.85 -18.95
N SER G 143 30.66 -16.06 -19.92
CA SER G 143 29.48 -15.21 -20.06
C SER G 143 28.37 -16.03 -20.73
N SER G 144 27.26 -15.35 -21.03
CA SER G 144 26.17 -15.99 -21.76
C SER G 144 26.59 -16.40 -23.16
N LYS G 145 27.55 -15.69 -23.75
CA LYS G 145 28.07 -16.01 -25.08
C LYS G 145 29.15 -17.07 -25.06
N SER G 146 29.51 -17.57 -23.88
CA SER G 146 30.49 -18.64 -23.74
C SER G 146 29.87 -19.93 -23.20
N THR G 147 28.53 -20.00 -23.14
CA THR G 147 27.84 -21.15 -22.56
C THR G 147 26.97 -21.79 -23.64
N SER G 148 27.20 -23.08 -23.90
CA SER G 148 26.38 -23.84 -24.83
C SER G 148 26.08 -25.22 -24.26
N GLY G 149 24.81 -25.49 -23.98
CA GLY G 149 24.40 -26.76 -23.40
C GLY G 149 24.94 -27.04 -22.01
N GLY G 150 24.74 -26.10 -21.09
CA GLY G 150 25.22 -26.27 -19.73
C GLY G 150 26.72 -26.27 -19.58
N THR G 151 27.47 -26.05 -20.66
CA THR G 151 28.92 -26.05 -20.65
C THR G 151 29.39 -24.61 -20.72
N ALA G 152 30.38 -24.27 -19.90
CA ALA G 152 30.93 -22.92 -19.89
C ALA G 152 32.42 -22.97 -20.16
N ALA G 153 32.86 -22.18 -21.14
CA ALA G 153 34.26 -22.08 -21.49
C ALA G 153 34.83 -20.80 -20.89
N LEU G 154 36.04 -20.91 -20.34
CA LEU G 154 36.72 -19.77 -19.75
C LEU G 154 38.21 -19.94 -20.01
N GLY G 155 38.97 -18.87 -19.75
CA GLY G 155 40.40 -18.96 -19.96
C GLY G 155 41.11 -17.69 -19.59
N CYS G 156 42.38 -17.64 -19.97
CA CYS G 156 43.24 -16.49 -19.74
C CYS G 156 44.05 -16.22 -20.99
N LEU G 157 44.19 -14.93 -21.32
CA LEU G 157 44.95 -14.50 -22.49
C LEU G 157 46.34 -14.02 -22.05
N VAL G 158 47.37 -14.64 -22.60
CA VAL G 158 48.76 -14.29 -22.32
C VAL G 158 49.34 -13.60 -23.55
N LYS G 159 49.75 -12.33 -23.38
CA LYS G 159 50.17 -11.50 -24.50
C LYS G 159 51.53 -10.87 -24.24
N ASP G 160 52.24 -10.59 -25.33
CA ASP G 160 53.43 -9.72 -25.32
C ASP G 160 54.56 -10.29 -24.47
N TYR G 161 54.94 -11.54 -24.77
CA TYR G 161 56.04 -12.18 -24.08
C TYR G 161 57.06 -12.71 -25.08
N PHE G 162 58.32 -12.71 -24.67
CA PHE G 162 59.42 -13.21 -25.47
C PHE G 162 60.57 -13.54 -24.53
N PRO G 163 61.28 -14.65 -24.72
CA PRO G 163 61.14 -15.65 -25.80
C PRO G 163 60.07 -16.67 -25.46
N GLU G 164 59.96 -17.73 -26.25
CA GLU G 164 59.08 -18.80 -25.84
C GLU G 164 59.79 -19.66 -24.79
N PRO G 165 59.05 -20.45 -24.01
CA PRO G 165 57.58 -20.54 -23.98
C PRO G 165 56.99 -20.07 -22.66
N VAL G 166 55.66 -20.07 -22.56
CA VAL G 166 54.96 -19.98 -21.28
C VAL G 166 54.18 -21.28 -21.10
N THR G 167 54.26 -21.85 -19.91
CA THR G 167 53.47 -23.02 -19.57
C THR G 167 52.31 -22.59 -18.70
N VAL G 168 51.11 -23.05 -19.03
CA VAL G 168 49.88 -22.61 -18.39
C VAL G 168 49.19 -23.82 -17.78
N SER G 169 49.12 -23.87 -16.45
CA SER G 169 48.36 -24.85 -15.70
C SER G 169 47.16 -24.17 -15.08
N TRP G 170 46.19 -24.97 -14.64
CA TRP G 170 44.96 -24.47 -14.03
C TRP G 170 44.81 -25.07 -12.64
N ASN G 171 44.58 -24.20 -11.66
CA ASN G 171 44.41 -24.60 -10.26
C ASN G 171 45.60 -25.42 -9.78
N SER G 172 46.80 -24.99 -10.19
CA SER G 172 48.07 -25.61 -9.78
C SER G 172 48.15 -27.06 -10.22
N GLY G 173 47.61 -27.35 -11.41
CA GLY G 173 47.69 -28.67 -12.00
C GLY G 173 46.52 -29.58 -11.70
N ALA G 174 45.67 -29.23 -10.73
CA ALA G 174 44.54 -30.09 -10.37
C ALA G 174 43.43 -30.07 -11.42
N LEU G 175 43.43 -29.09 -12.32
CA LEU G 175 42.44 -28.98 -13.37
C LEU G 175 43.12 -29.24 -14.72
N THR G 176 42.84 -30.40 -15.31
CA THR G 176 43.41 -30.76 -16.60
C THR G 176 42.38 -31.17 -17.64
N SER G 177 41.19 -31.62 -17.25
CA SER G 177 40.20 -32.08 -18.21
C SER G 177 39.51 -30.89 -18.87
N GLY G 178 39.47 -30.90 -20.20
CA GLY G 178 38.88 -29.83 -20.97
C GLY G 178 39.78 -28.66 -21.24
N VAL G 179 41.03 -28.70 -20.80
CA VAL G 179 41.95 -27.59 -21.01
C VAL G 179 42.54 -27.68 -22.41
N HIS G 180 42.58 -26.55 -23.10
CA HIS G 180 43.16 -26.45 -24.44
C HIS G 180 44.09 -25.24 -24.45
N THR G 181 45.37 -25.47 -24.20
CA THR G 181 46.38 -24.43 -24.33
C THR G 181 46.85 -24.38 -25.78
N PHE G 182 46.57 -23.28 -26.46
CA PHE G 182 46.84 -23.18 -27.88
C PHE G 182 48.32 -22.86 -28.13
N PRO G 183 48.87 -23.32 -29.27
CA PRO G 183 50.22 -22.91 -29.64
C PRO G 183 50.30 -21.39 -29.79
N ALA G 184 51.44 -20.84 -29.38
CA ALA G 184 51.62 -19.40 -29.41
C ALA G 184 51.69 -18.89 -30.85
N VAL G 185 51.27 -17.65 -31.04
CA VAL G 185 51.32 -17.00 -32.34
C VAL G 185 52.33 -15.87 -32.26
N LEU G 186 52.99 -15.61 -33.39
CA LEU G 186 53.97 -14.52 -33.48
C LEU G 186 53.22 -13.25 -33.87
N GLN G 187 53.14 -12.30 -32.95
CA GLN G 187 52.49 -11.04 -33.24
C GLN G 187 53.37 -10.18 -34.14
N SER G 188 52.76 -9.14 -34.72
CA SER G 188 53.47 -8.25 -35.63
C SER G 188 54.66 -7.57 -34.97
N SER G 189 54.71 -7.52 -33.65
CA SER G 189 55.81 -6.87 -32.93
C SER G 189 56.93 -7.83 -32.57
N GLY G 190 56.88 -9.07 -33.06
CA GLY G 190 57.87 -10.07 -32.70
C GLY G 190 57.66 -10.71 -31.34
N LEU G 191 56.67 -10.27 -30.58
CA LEU G 191 56.34 -10.88 -29.31
C LEU G 191 55.32 -11.99 -29.51
N TYR G 192 55.31 -12.96 -28.59
CA TYR G 192 54.43 -14.11 -28.69
C TYR G 192 53.19 -13.91 -27.84
N SER G 193 52.11 -14.59 -28.23
CA SER G 193 50.86 -14.53 -27.52
C SER G 193 50.13 -15.86 -27.66
N LEU G 194 49.53 -16.33 -26.57
CA LEU G 194 48.77 -17.56 -26.58
C LEU G 194 47.52 -17.40 -25.71
N SER G 195 46.61 -18.37 -25.84
CA SER G 195 45.41 -18.41 -25.04
C SER G 195 45.22 -19.84 -24.54
N SER G 196 44.86 -19.97 -23.26
CA SER G 196 44.53 -21.26 -22.66
C SER G 196 43.07 -21.22 -22.22
N VAL G 197 42.27 -22.18 -22.69
CA VAL G 197 40.85 -22.23 -22.37
C VAL G 197 40.53 -23.56 -21.71
N VAL G 198 39.39 -23.60 -21.03
CA VAL G 198 38.90 -24.80 -20.37
C VAL G 198 37.38 -24.73 -20.29
N THR G 199 36.74 -25.86 -20.53
CA THR G 199 35.28 -25.97 -20.44
C THR G 199 34.89 -26.57 -19.09
N VAL G 200 33.93 -25.94 -18.42
CA VAL G 200 33.52 -26.36 -17.09
C VAL G 200 31.99 -26.38 -17.05
N PRO G 201 31.41 -27.05 -16.06
CA PRO G 201 29.95 -26.98 -15.89
C PRO G 201 29.51 -25.56 -15.57
N SER G 202 28.51 -25.07 -16.31
CA SER G 202 28.05 -23.71 -16.11
C SER G 202 27.38 -23.55 -14.76
N SER G 203 26.77 -24.62 -14.23
CA SER G 203 26.09 -24.52 -12.94
C SER G 203 27.07 -24.30 -11.79
N SER G 204 28.31 -24.75 -11.95
CA SER G 204 29.33 -24.64 -10.91
C SER G 204 30.15 -23.36 -11.00
N LEU G 205 29.69 -22.37 -11.78
CA LEU G 205 30.47 -21.16 -11.99
C LEU G 205 30.60 -20.31 -10.74
N GLY G 206 29.74 -20.50 -9.76
CA GLY G 206 29.79 -19.69 -8.55
C GLY G 206 30.37 -20.40 -7.34
N THR G 207 30.27 -21.73 -7.31
CA THR G 207 30.78 -22.52 -6.20
C THR G 207 32.20 -23.03 -6.43
N GLN G 208 32.72 -22.94 -7.65
CA GLN G 208 34.06 -23.42 -7.98
C GLN G 208 34.98 -22.24 -8.25
N THR G 209 36.27 -22.45 -7.98
CA THR G 209 37.29 -21.44 -8.19
C THR G 209 38.23 -21.92 -9.30
N TYR G 210 38.36 -21.13 -10.35
CA TYR G 210 39.22 -21.45 -11.48
C TYR G 210 40.29 -20.38 -11.57
N ILE G 211 41.54 -20.78 -11.38
CA ILE G 211 42.68 -19.86 -11.40
C ILE G 211 43.63 -20.28 -12.51
N CYS G 212 44.03 -19.34 -13.35
CA CYS G 212 44.97 -19.63 -14.43
C CYS G 212 46.38 -19.34 -13.91
N ASN G 213 47.25 -20.34 -13.99
CA ASN G 213 48.62 -20.26 -13.50
C ASN G 213 49.57 -20.22 -14.70
N VAL G 214 50.11 -19.06 -14.99
CA VAL G 214 51.03 -18.86 -16.11
C VAL G 214 52.46 -18.80 -15.58
N ASN G 215 53.36 -19.54 -16.22
CA ASN G 215 54.77 -19.56 -15.85
C ASN G 215 55.59 -19.27 -17.10
N HIS G 216 56.29 -18.13 -17.09
CA HIS G 216 57.24 -17.79 -18.15
C HIS G 216 58.64 -18.00 -17.57
N LYS G 217 59.13 -19.24 -17.70
CA LYS G 217 60.44 -19.57 -17.17
C LYS G 217 61.58 -18.75 -17.76
N PRO G 218 61.58 -18.37 -19.05
CA PRO G 218 62.69 -17.53 -19.54
C PRO G 218 62.90 -16.25 -18.75
N SER G 219 61.84 -15.58 -18.33
CA SER G 219 61.94 -14.38 -17.50
C SER G 219 61.66 -14.65 -16.03
N ASN G 220 61.48 -15.91 -15.65
CA ASN G 220 61.16 -16.30 -14.27
C ASN G 220 59.91 -15.58 -13.78
N THR G 221 58.89 -15.54 -14.63
CA THR G 221 57.64 -14.83 -14.34
C THR G 221 56.55 -15.85 -14.04
N LYS G 222 55.95 -15.74 -12.85
CA LYS G 222 54.82 -16.57 -12.46
C LYS G 222 53.64 -15.65 -12.15
N VAL G 223 52.61 -15.72 -12.98
CA VAL G 223 51.40 -14.92 -12.83
C VAL G 223 50.22 -15.87 -12.66
N ASP G 224 49.46 -15.68 -11.58
CA ASP G 224 48.24 -16.45 -11.33
C ASP G 224 47.05 -15.50 -11.39
N LYS G 225 46.04 -15.87 -12.16
CA LYS G 225 44.89 -15.02 -12.39
C LYS G 225 43.61 -15.82 -12.20
N LYS G 226 42.61 -15.20 -11.58
CA LYS G 226 41.32 -15.84 -11.32
C LYS G 226 40.33 -15.42 -12.40
N VAL G 227 39.67 -16.39 -13.01
CA VAL G 227 38.71 -16.14 -14.08
C VAL G 227 37.32 -16.24 -13.49
N GLU G 228 36.67 -15.09 -13.31
CA GLU G 228 35.36 -14.99 -12.70
C GLU G 228 34.30 -14.56 -13.71
N PRO G 229 33.06 -15.02 -13.56
CA PRO G 229 31.98 -14.52 -14.42
C PRO G 229 31.71 -13.05 -14.17
N LYS G 230 31.25 -12.36 -15.21
CA LYS G 230 30.96 -10.93 -15.13
C LYS G 230 29.49 -10.63 -15.39
N ASP H 1 78.49 -40.11 -40.84
CA ASP H 1 77.66 -40.69 -39.80
C ASP H 1 76.67 -41.69 -40.39
N ILE H 2 75.85 -42.28 -39.52
CA ILE H 2 74.78 -43.18 -39.92
C ILE H 2 73.50 -42.37 -40.01
N GLN H 3 72.93 -42.28 -41.21
CA GLN H 3 71.72 -41.51 -41.45
C GLN H 3 70.50 -42.42 -41.39
N MET H 4 69.53 -42.04 -40.56
CA MET H 4 68.28 -42.78 -40.42
C MET H 4 67.18 -42.05 -41.19
N THR H 5 66.38 -42.82 -41.92
CA THR H 5 65.30 -42.28 -42.75
C THR H 5 64.04 -43.07 -42.48
N GLN H 6 62.97 -42.37 -42.10
CA GLN H 6 61.70 -43.00 -41.78
C GLN H 6 60.71 -42.81 -42.91
N SER H 7 59.75 -43.74 -43.00
CA SER H 7 58.72 -43.69 -44.01
C SER H 7 57.45 -44.30 -43.44
N PRO H 8 56.30 -43.63 -43.60
CA PRO H 8 56.13 -42.30 -44.21
C PRO H 8 56.48 -41.20 -43.22
N SER H 9 56.27 -39.93 -43.57
CA SER H 9 56.49 -38.84 -42.65
C SER H 9 55.22 -38.42 -41.91
N THR H 10 54.05 -38.75 -42.45
CA THR H 10 52.78 -38.43 -41.82
C THR H 10 51.81 -39.56 -42.16
N LEU H 11 51.07 -40.01 -41.15
CA LEU H 11 50.19 -41.16 -41.31
C LEU H 11 48.84 -40.88 -40.68
N SER H 12 47.77 -41.13 -41.45
CA SER H 12 46.41 -41.03 -40.96
C SER H 12 45.79 -42.42 -40.96
N ALA H 13 45.04 -42.73 -39.90
CA ALA H 13 44.44 -44.05 -39.77
C ALA H 13 43.35 -44.00 -38.71
N SER H 14 42.45 -44.96 -38.77
CA SER H 14 41.35 -45.05 -37.82
C SER H 14 41.77 -45.84 -36.59
N VAL H 15 40.90 -45.82 -35.57
CA VAL H 15 41.15 -46.58 -34.36
C VAL H 15 40.97 -48.07 -34.64
N GLY H 16 41.82 -48.88 -34.03
CA GLY H 16 41.78 -50.32 -34.25
C GLY H 16 42.41 -50.79 -35.53
N ASP H 17 43.13 -49.93 -36.23
CA ASP H 17 43.79 -50.29 -37.48
C ASP H 17 45.25 -50.62 -37.23
N ARG H 18 45.80 -51.53 -38.03
CA ARG H 18 47.21 -51.88 -37.94
C ARG H 18 48.04 -50.80 -38.63
N VAL H 19 49.07 -50.33 -37.94
CA VAL H 19 49.91 -49.24 -38.42
C VAL H 19 51.36 -49.67 -38.34
N THR H 20 52.11 -49.48 -39.43
CA THR H 20 53.50 -49.87 -39.51
C THR H 20 54.32 -48.71 -40.06
N ILE H 21 55.45 -48.43 -39.41
CA ILE H 21 56.35 -47.36 -39.82
C ILE H 21 57.71 -47.98 -40.10
N THR H 22 58.32 -47.60 -41.22
CA THR H 22 59.59 -48.17 -41.64
C THR H 22 60.74 -47.21 -41.36
N CYS H 23 61.91 -47.77 -41.07
CA CYS H 23 63.09 -46.99 -40.72
C CYS H 23 64.30 -47.63 -41.40
N ARG H 24 64.97 -46.89 -42.27
CA ARG H 24 66.16 -47.35 -42.96
C ARG H 24 67.42 -46.72 -42.39
N ALA H 25 68.49 -47.51 -42.34
CA ALA H 25 69.80 -47.07 -41.89
C ALA H 25 70.77 -47.06 -43.06
N SER H 26 71.63 -46.03 -43.11
CA SER H 26 72.59 -45.92 -44.20
C SER H 26 73.57 -47.09 -44.26
N GLN H 27 73.76 -47.79 -43.15
CA GLN H 27 74.62 -48.96 -43.12
C GLN H 27 74.08 -49.93 -42.07
N SER H 28 74.72 -51.09 -41.98
CA SER H 28 74.30 -52.10 -41.02
C SER H 28 74.58 -51.63 -39.60
N ILE H 29 73.53 -51.51 -38.80
CA ILE H 29 73.65 -51.12 -37.40
C ILE H 29 73.38 -52.30 -36.47
N ASN H 30 73.47 -53.52 -37.00
CA ASN H 30 73.13 -54.75 -36.28
C ASN H 30 71.67 -54.64 -35.84
N GLY H 31 71.33 -54.92 -34.59
CA GLY H 31 69.98 -54.72 -34.12
C GLY H 31 69.87 -53.58 -33.14
N TRP H 32 70.77 -52.59 -33.26
CA TRP H 32 70.83 -51.48 -32.32
C TRP H 32 69.92 -50.33 -32.79
N LEU H 33 68.62 -50.63 -32.83
CA LEU H 33 67.60 -49.65 -33.18
C LEU H 33 66.66 -49.45 -32.02
N ALA H 34 66.44 -48.20 -31.64
CA ALA H 34 65.53 -47.84 -30.57
C ALA H 34 64.40 -47.00 -31.14
N TRP H 35 63.20 -47.18 -30.60
CA TRP H 35 62.03 -46.44 -31.03
C TRP H 35 61.59 -45.50 -29.91
N TYR H 36 61.39 -44.24 -30.25
CA TYR H 36 60.92 -43.24 -29.29
C TYR H 36 59.55 -42.73 -29.71
N GLN H 37 58.74 -42.37 -28.72
CA GLN H 37 57.41 -41.83 -28.94
C GLN H 37 57.32 -40.47 -28.25
N GLN H 38 56.94 -39.44 -29.01
CA GLN H 38 56.80 -38.09 -28.48
C GLN H 38 55.34 -37.66 -28.61
N LYS H 39 54.65 -37.60 -27.48
CA LYS H 39 53.28 -37.14 -27.42
C LYS H 39 53.26 -35.60 -27.36
N PRO H 40 52.13 -34.98 -27.69
CA PRO H 40 52.08 -33.51 -27.76
C PRO H 40 52.48 -32.87 -26.44
N GLY H 41 53.38 -31.89 -26.52
CA GLY H 41 53.84 -31.18 -25.36
C GLY H 41 54.72 -31.97 -24.42
N LYS H 42 54.95 -33.25 -24.70
CA LYS H 42 55.75 -34.11 -23.84
C LYS H 42 57.04 -34.51 -24.55
N ALA H 43 58.01 -34.95 -23.76
CA ALA H 43 59.30 -35.36 -24.28
C ALA H 43 59.22 -36.76 -24.87
N PRO H 44 60.18 -37.14 -25.73
CA PRO H 44 60.19 -38.50 -26.26
C PRO H 44 60.27 -39.54 -25.16
N LYS H 45 59.62 -40.67 -25.39
CA LYS H 45 59.46 -41.73 -24.40
C LYS H 45 60.04 -43.02 -24.97
N PHE H 46 60.91 -43.67 -24.19
CA PHE H 46 61.55 -44.89 -24.63
C PHE H 46 60.54 -46.00 -24.78
N LEU H 47 60.42 -46.56 -26.00
CA LEU H 47 59.44 -47.58 -26.30
C LEU H 47 60.09 -48.95 -26.52
N ILE H 48 60.92 -49.08 -27.54
CA ILE H 48 61.51 -50.36 -27.93
C ILE H 48 63.02 -50.20 -28.04
N TYR H 49 63.75 -51.22 -27.61
CA TYR H 49 65.19 -51.31 -27.79
C TYR H 49 65.52 -52.65 -28.42
N LYS H 50 66.72 -52.74 -28.98
CA LYS H 50 67.17 -53.91 -29.74
C LYS H 50 66.26 -54.17 -30.95
N ALA H 51 65.53 -53.13 -31.38
CA ALA H 51 64.67 -53.16 -32.56
C ALA H 51 63.40 -53.98 -32.31
N SER H 52 63.37 -54.76 -31.23
CA SER H 52 62.25 -55.66 -30.96
C SER H 52 61.84 -55.74 -29.49
N ILE H 53 62.69 -55.39 -28.53
CA ILE H 53 62.36 -55.57 -27.12
C ILE H 53 61.59 -54.36 -26.62
N LEU H 54 60.35 -54.58 -26.18
CA LEU H 54 59.53 -53.50 -25.65
C LEU H 54 59.92 -53.18 -24.21
N GLU H 55 59.85 -51.89 -23.88
CA GLU H 55 60.13 -51.43 -22.51
C GLU H 55 59.01 -51.89 -21.57
N SER H 56 59.34 -51.97 -20.28
CA SER H 56 58.36 -52.33 -19.28
C SER H 56 57.23 -51.30 -19.24
N GLY H 57 55.99 -51.78 -19.25
CA GLY H 57 54.84 -50.92 -19.26
C GLY H 57 54.37 -50.45 -20.62
N ILE H 58 55.07 -50.83 -21.68
CA ILE H 58 54.65 -50.46 -23.03
C ILE H 58 53.52 -51.39 -23.46
N PRO H 59 52.41 -50.87 -23.97
CA PRO H 59 51.27 -51.72 -24.31
C PRO H 59 51.65 -52.79 -25.33
N SER H 60 50.94 -53.92 -25.24
CA SER H 60 51.23 -55.06 -26.11
C SER H 60 50.93 -54.78 -27.57
N ARG H 61 50.19 -53.70 -27.88
CA ARG H 61 49.88 -53.36 -29.27
C ARG H 61 51.10 -52.84 -30.03
N PHE H 62 52.19 -52.51 -29.33
CA PHE H 62 53.40 -52.06 -29.97
C PHE H 62 54.31 -53.24 -30.28
N SER H 63 55.06 -53.13 -31.37
CA SER H 63 55.98 -54.18 -31.80
C SER H 63 57.04 -53.58 -32.69
N GLY H 64 58.13 -54.32 -32.83
CA GLY H 64 59.24 -53.89 -33.67
C GLY H 64 59.93 -55.05 -34.33
N SER H 65 60.55 -54.78 -35.47
CA SER H 65 61.32 -55.77 -36.20
C SER H 65 62.40 -55.06 -36.99
N GLY H 66 63.38 -55.82 -37.44
CA GLY H 66 64.51 -55.24 -38.16
C GLY H 66 65.33 -56.30 -38.86
N SER H 67 66.07 -55.85 -39.87
CA SER H 67 66.91 -56.72 -40.68
C SER H 67 68.18 -55.98 -41.08
N GLY H 68 68.94 -55.55 -40.08
CA GLY H 68 70.23 -54.92 -40.34
C GLY H 68 70.14 -53.47 -40.76
N THR H 69 69.54 -53.21 -41.93
CA THR H 69 69.37 -51.85 -42.43
C THR H 69 67.91 -51.44 -42.57
N GLU H 70 66.98 -52.37 -42.44
CA GLU H 70 65.55 -52.09 -42.58
C GLU H 70 64.84 -52.47 -41.28
N PHE H 71 64.06 -51.54 -40.73
CA PHE H 71 63.39 -51.75 -39.46
C PHE H 71 61.96 -51.25 -39.56
N THR H 72 61.09 -51.80 -38.70
CA THR H 72 59.68 -51.42 -38.69
C THR H 72 59.15 -51.39 -37.27
N LEU H 73 58.30 -50.40 -36.99
CA LEU H 73 57.49 -50.32 -35.78
C LEU H 73 56.04 -50.61 -36.15
N THR H 74 55.34 -51.35 -35.29
CA THR H 74 54.00 -51.81 -35.60
C THR H 74 53.05 -51.53 -34.44
N ILE H 75 51.93 -50.89 -34.73
CA ILE H 75 50.81 -50.75 -33.82
C ILE H 75 49.68 -51.60 -34.39
N SER H 76 49.30 -52.66 -33.66
CA SER H 76 48.28 -53.57 -34.19
C SER H 76 46.90 -52.93 -34.13
N SER H 77 46.56 -52.28 -33.02
CA SER H 77 45.27 -51.61 -32.85
C SER H 77 45.55 -50.17 -32.43
N LEU H 78 45.44 -49.24 -33.38
CA LEU H 78 45.70 -47.84 -33.09
C LEU H 78 44.68 -47.30 -32.09
N GLN H 79 45.15 -46.50 -31.15
CA GLN H 79 44.34 -45.90 -30.11
C GLN H 79 44.43 -44.39 -30.17
N PRO H 80 43.44 -43.67 -29.65
CA PRO H 80 43.51 -42.19 -29.64
C PRO H 80 44.78 -41.64 -29.02
N ASP H 81 45.20 -42.18 -27.88
CA ASP H 81 46.40 -41.69 -27.21
C ASP H 81 47.68 -42.03 -27.95
N ASP H 82 47.60 -42.84 -29.02
CA ASP H 82 48.78 -43.15 -29.83
C ASP H 82 49.14 -42.02 -30.79
N PHE H 83 48.34 -40.95 -30.84
CA PHE H 83 48.70 -39.78 -31.64
C PHE H 83 50.00 -39.20 -31.13
N ALA H 84 51.05 -39.27 -31.94
CA ALA H 84 52.37 -38.83 -31.55
C ALA H 84 53.26 -38.86 -32.78
N THR H 85 54.52 -38.46 -32.60
CA THR H 85 55.55 -38.63 -33.60
C THR H 85 56.55 -39.65 -33.09
N TYR H 86 56.79 -40.69 -33.88
CA TYR H 86 57.63 -41.81 -33.48
C TYR H 86 58.96 -41.72 -34.20
N TYR H 87 60.05 -41.73 -33.43
CA TYR H 87 61.40 -41.63 -33.97
C TYR H 87 62.15 -42.94 -33.79
N CYS H 88 62.99 -43.28 -34.77
CA CYS H 88 63.91 -44.40 -34.66
C CYS H 88 65.33 -43.87 -34.52
N GLN H 89 66.07 -44.42 -33.56
CA GLN H 89 67.43 -44.01 -33.27
C GLN H 89 68.37 -45.20 -33.39
N GLN H 90 69.55 -44.97 -33.93
CA GLN H 90 70.61 -45.97 -33.94
C GLN H 90 71.58 -45.65 -32.81
N TYR H 91 71.95 -46.67 -32.03
CA TYR H 91 72.95 -46.49 -30.98
C TYR H 91 74.14 -47.41 -31.21
N SER H 92 74.50 -47.62 -32.48
CA SER H 92 75.68 -48.39 -32.85
C SER H 92 76.91 -47.50 -32.89
N SER H 93 76.94 -46.54 -33.81
CA SER H 93 78.03 -45.56 -33.91
C SER H 93 77.44 -44.21 -33.53
N TYR H 94 77.71 -43.77 -32.31
CA TYR H 94 77.12 -42.55 -31.75
C TYR H 94 75.60 -42.72 -31.75
N TRP H 95 74.85 -41.63 -31.81
CA TRP H 95 73.39 -41.70 -31.74
C TRP H 95 72.79 -40.70 -32.72
N THR H 96 72.05 -41.21 -33.72
CA THR H 96 71.41 -40.39 -34.72
C THR H 96 69.96 -40.85 -34.89
N PHE H 97 69.09 -39.88 -35.16
CA PHE H 97 67.65 -40.11 -35.27
C PHE H 97 67.18 -39.91 -36.70
N GLY H 98 65.93 -40.33 -36.93
CA GLY H 98 65.23 -40.04 -38.17
C GLY H 98 64.36 -38.80 -38.03
N GLN H 99 63.74 -38.42 -39.15
CA GLN H 99 62.93 -37.21 -39.17
C GLN H 99 61.63 -37.37 -38.38
N GLY H 100 61.23 -38.59 -38.07
CA GLY H 100 60.01 -38.82 -37.33
C GLY H 100 58.82 -39.12 -38.22
N THR H 101 57.80 -39.75 -37.63
CA THR H 101 56.57 -40.08 -38.32
C THR H 101 55.39 -39.74 -37.44
N LYS H 102 54.55 -38.82 -37.90
CA LYS H 102 53.37 -38.38 -37.17
C LYS H 102 52.21 -39.31 -37.47
N VAL H 103 51.64 -39.91 -36.43
CA VAL H 103 50.54 -40.87 -36.57
C VAL H 103 49.26 -40.16 -36.15
N GLU H 104 48.61 -39.50 -37.11
CA GLU H 104 47.31 -38.89 -36.87
C GLU H 104 46.20 -39.95 -36.89
N ILE H 105 45.10 -39.64 -36.21
CA ILE H 105 43.97 -40.55 -36.08
C ILE H 105 42.77 -39.95 -36.80
N LYS H 106 42.18 -40.74 -37.68
CA LYS H 106 40.95 -40.36 -38.38
C LYS H 106 39.75 -40.81 -37.56
N ARG H 107 38.87 -39.87 -37.24
CA ARG H 107 37.64 -40.13 -36.51
C ARG H 107 36.44 -39.64 -37.31
N THR H 108 35.29 -39.61 -36.67
CA THR H 108 34.08 -39.11 -37.30
C THR H 108 34.05 -37.59 -37.28
N VAL H 109 33.17 -37.03 -38.13
CA VAL H 109 33.02 -35.59 -38.20
C VAL H 109 32.36 -35.08 -36.93
N ALA H 110 32.92 -34.00 -36.36
CA ALA H 110 32.40 -33.40 -35.14
C ALA H 110 32.25 -31.90 -35.35
N ALA H 111 31.06 -31.37 -35.08
CA ALA H 111 30.82 -29.94 -35.25
C ALA H 111 31.47 -29.16 -34.11
N PRO H 112 31.97 -27.96 -34.40
CA PRO H 112 32.64 -27.18 -33.35
C PRO H 112 31.67 -26.44 -32.45
N SER H 113 31.98 -26.42 -31.17
CA SER H 113 31.30 -25.55 -30.22
C SER H 113 31.95 -24.16 -30.25
N VAL H 114 31.19 -23.16 -30.68
CA VAL H 114 31.70 -21.83 -30.91
C VAL H 114 31.44 -20.97 -29.68
N PHE H 115 32.50 -20.34 -29.15
CA PHE H 115 32.40 -19.42 -28.03
C PHE H 115 33.14 -18.15 -28.38
N ILE H 116 32.62 -17.02 -27.89
CA ILE H 116 33.23 -15.72 -28.10
C ILE H 116 33.44 -15.06 -26.74
N PHE H 117 34.54 -14.33 -26.59
CA PHE H 117 34.91 -13.69 -25.33
C PHE H 117 35.14 -12.21 -25.57
N PRO H 118 34.34 -11.33 -24.97
CA PRO H 118 34.63 -9.89 -25.03
C PRO H 118 35.94 -9.57 -24.34
N PRO H 119 36.59 -8.48 -24.69
CA PRO H 119 37.85 -8.10 -24.03
C PRO H 119 37.61 -7.76 -22.57
N SER H 120 38.68 -7.85 -21.79
CA SER H 120 38.62 -7.66 -20.36
C SER H 120 38.86 -6.20 -20.01
N ASP H 121 38.30 -5.78 -18.87
CA ASP H 121 38.49 -4.41 -18.41
C ASP H 121 39.96 -4.13 -18.12
N GLU H 122 40.70 -5.12 -17.63
CA GLU H 122 42.13 -4.91 -17.37
C GLU H 122 42.88 -4.61 -18.66
N GLN H 123 42.56 -5.34 -19.75
CA GLN H 123 43.21 -5.06 -21.02
C GLN H 123 42.76 -3.72 -21.60
N LEU H 124 41.47 -3.40 -21.47
CA LEU H 124 40.97 -2.14 -22.02
C LEU H 124 41.59 -0.94 -21.31
N LYS H 125 41.87 -1.07 -20.01
CA LYS H 125 42.53 0.00 -19.27
C LYS H 125 43.98 0.20 -19.70
N SER H 126 44.53 -0.72 -20.50
CA SER H 126 45.91 -0.60 -20.95
C SER H 126 46.04 -0.08 -22.38
N GLY H 127 44.96 -0.09 -23.15
CA GLY H 127 44.96 0.50 -24.48
C GLY H 127 44.54 -0.45 -25.59
N THR H 128 44.47 -1.75 -25.35
CA THR H 128 44.13 -2.70 -26.40
C THR H 128 42.85 -3.45 -26.05
N ALA H 129 42.26 -4.07 -27.07
CA ALA H 129 41.06 -4.88 -26.90
C ALA H 129 41.20 -6.12 -27.78
N SER H 130 41.36 -7.28 -27.14
CA SER H 130 41.46 -8.55 -27.85
C SER H 130 40.15 -9.32 -27.70
N VAL H 131 39.45 -9.53 -28.81
CA VAL H 131 38.23 -10.32 -28.82
C VAL H 131 38.61 -11.72 -29.29
N VAL H 132 38.34 -12.71 -28.46
CA VAL H 132 38.78 -14.09 -28.70
C VAL H 132 37.56 -14.92 -29.06
N CYS H 133 37.65 -15.65 -30.16
CA CYS H 133 36.63 -16.59 -30.59
C CYS H 133 37.20 -17.99 -30.49
N LEU H 134 36.47 -18.90 -29.85
CA LEU H 134 36.95 -20.25 -29.58
C LEU H 134 36.12 -21.26 -30.34
N LEU H 135 36.80 -22.14 -31.08
CA LEU H 135 36.20 -23.29 -31.74
C LEU H 135 36.75 -24.51 -31.04
N ASN H 136 35.89 -25.22 -30.30
CA ASN H 136 36.34 -26.27 -29.40
C ASN H 136 35.90 -27.64 -29.89
N ASN H 137 36.86 -28.56 -29.95
CA ASN H 137 36.63 -29.97 -30.23
C ASN H 137 35.85 -30.16 -31.53
N PHE H 138 36.53 -30.01 -32.66
CA PHE H 138 35.93 -30.23 -33.97
C PHE H 138 36.83 -31.15 -34.78
N TYR H 139 36.21 -31.86 -35.74
CA TYR H 139 36.95 -32.72 -36.65
C TYR H 139 36.21 -32.70 -37.98
N PRO H 140 36.94 -32.58 -39.10
CA PRO H 140 38.40 -32.60 -39.25
C PRO H 140 39.09 -31.28 -38.90
N ARG H 141 40.33 -31.11 -39.38
CA ARG H 141 41.17 -30.01 -38.97
C ARG H 141 40.73 -28.67 -39.57
N GLU H 142 40.19 -28.69 -40.78
CA GLU H 142 39.95 -27.47 -41.54
C GLU H 142 38.68 -26.78 -41.06
N ALA H 143 38.82 -25.54 -40.59
CA ALA H 143 37.70 -24.69 -40.25
C ALA H 143 38.05 -23.25 -40.61
N LYS H 144 37.05 -22.49 -41.03
CA LYS H 144 37.24 -21.12 -41.48
C LYS H 144 36.48 -20.17 -40.56
N VAL H 145 37.16 -19.13 -40.08
CA VAL H 145 36.61 -18.17 -39.13
C VAL H 145 36.77 -16.77 -39.71
N GLN H 146 35.66 -16.02 -39.76
CA GLN H 146 35.65 -14.65 -40.25
C GLN H 146 35.12 -13.71 -39.17
N TRP H 147 35.77 -12.57 -39.01
CA TRP H 147 35.38 -11.54 -38.05
C TRP H 147 34.57 -10.47 -38.76
N LYS H 148 33.49 -10.01 -38.10
CA LYS H 148 32.60 -9.01 -38.67
C LYS H 148 32.28 -7.98 -37.60
N VAL H 149 32.88 -6.79 -37.73
CA VAL H 149 32.65 -5.68 -36.82
C VAL H 149 31.67 -4.72 -37.46
N ASP H 150 30.52 -4.52 -36.81
CA ASP H 150 29.42 -3.75 -37.38
C ASP H 150 29.03 -4.31 -38.75
N ASN H 151 29.01 -5.64 -38.85
CA ASN H 151 28.67 -6.35 -40.08
C ASN H 151 29.61 -6.00 -41.23
N ALA H 152 30.84 -5.59 -40.90
CA ALA H 152 31.87 -5.29 -41.88
C ALA H 152 32.98 -6.32 -41.75
N LEU H 153 33.19 -7.10 -42.80
CA LEU H 153 34.21 -8.14 -42.78
C LEU H 153 35.59 -7.53 -42.58
N GLN H 154 36.24 -7.88 -41.47
CA GLN H 154 37.53 -7.33 -41.11
C GLN H 154 38.65 -8.08 -41.80
N SER H 155 39.78 -7.39 -41.97
CA SER H 155 40.95 -7.97 -42.62
C SER H 155 42.21 -7.37 -42.01
N GLY H 156 43.20 -8.23 -41.77
CA GLY H 156 44.49 -7.77 -41.31
C GLY H 156 44.57 -7.44 -39.84
N ASN H 157 43.71 -8.03 -39.00
CA ASN H 157 43.71 -7.71 -37.58
C ASN H 157 43.44 -8.92 -36.70
N SER H 158 43.42 -10.12 -37.24
CA SER H 158 43.16 -11.33 -36.46
C SER H 158 44.26 -12.35 -36.68
N GLN H 159 44.39 -13.26 -35.72
CA GLN H 159 45.36 -14.35 -35.77
C GLN H 159 44.70 -15.64 -35.30
N GLU H 160 45.18 -16.75 -35.84
CA GLU H 160 44.61 -18.07 -35.54
C GLU H 160 45.69 -18.99 -34.97
N SER H 161 45.23 -20.05 -34.31
CA SER H 161 46.11 -21.05 -33.74
C SER H 161 45.30 -22.33 -33.53
N VAL H 162 45.83 -23.46 -34.00
CA VAL H 162 45.16 -24.74 -33.91
C VAL H 162 45.93 -25.64 -32.94
N THR H 163 45.18 -26.36 -32.11
CA THR H 163 45.79 -27.32 -31.21
C THR H 163 46.14 -28.60 -31.95
N GLU H 164 47.11 -29.33 -31.41
CA GLU H 164 47.39 -30.67 -31.90
C GLU H 164 46.18 -31.56 -31.67
N GLN H 165 46.16 -32.69 -32.38
CA GLN H 165 45.03 -33.62 -32.24
C GLN H 165 44.94 -34.12 -30.81
N ASP H 166 43.72 -34.18 -30.30
CA ASP H 166 43.53 -34.55 -28.91
C ASP H 166 43.86 -36.03 -28.70
N SER H 167 44.36 -36.34 -27.51
CA SER H 167 44.75 -37.70 -27.17
C SER H 167 43.59 -38.53 -26.64
N LYS H 168 42.39 -37.95 -26.56
CA LYS H 168 41.21 -38.67 -26.09
C LYS H 168 40.15 -38.79 -27.16
N ASP H 169 39.62 -37.67 -27.65
CA ASP H 169 38.58 -37.69 -28.67
C ASP H 169 39.10 -37.37 -30.07
N SER H 170 40.41 -37.16 -30.22
CA SER H 170 41.04 -36.95 -31.52
C SER H 170 40.39 -35.78 -32.28
N THR H 171 40.05 -34.72 -31.55
CA THR H 171 39.49 -33.51 -32.15
C THR H 171 40.52 -32.39 -32.14
N TYR H 172 40.14 -31.25 -32.70
CA TYR H 172 40.99 -30.07 -32.75
C TYR H 172 40.25 -28.88 -32.14
N SER H 173 41.04 -27.89 -31.69
CA SER H 173 40.51 -26.62 -31.23
C SER H 173 41.25 -25.49 -31.92
N LEU H 174 40.54 -24.40 -32.19
CA LEU H 174 41.10 -23.26 -32.89
C LEU H 174 40.83 -22.00 -32.09
N SER H 175 41.81 -21.10 -32.05
CA SER H 175 41.72 -19.85 -31.31
C SER H 175 41.94 -18.68 -32.26
N SER H 176 40.88 -17.92 -32.53
CA SER H 176 40.97 -16.72 -33.34
C SER H 176 40.80 -15.50 -32.46
N THR H 177 41.78 -14.58 -32.52
CA THR H 177 41.81 -13.40 -31.67
C THR H 177 41.80 -12.15 -32.54
N LEU H 178 40.82 -11.29 -32.32
CA LEU H 178 40.72 -10.01 -33.02
C LEU H 178 41.25 -8.93 -32.08
N THR H 179 42.40 -8.36 -32.44
CA THR H 179 43.06 -7.36 -31.62
C THR H 179 42.81 -5.97 -32.18
N LEU H 180 42.34 -5.07 -31.32
CA LEU H 180 42.07 -3.70 -31.70
C LEU H 180 42.58 -2.77 -30.60
N SER H 181 42.67 -1.49 -30.93
CA SER H 181 42.94 -0.49 -29.92
C SER H 181 41.66 -0.16 -29.16
N LYS H 182 41.83 0.42 -27.98
CA LYS H 182 40.67 0.85 -27.20
C LYS H 182 39.84 1.88 -27.98
N ALA H 183 40.49 2.67 -28.83
CA ALA H 183 39.76 3.61 -29.66
C ALA H 183 38.87 2.89 -30.67
N ASP H 184 39.49 2.10 -31.56
CA ASP H 184 38.72 1.37 -32.57
C ASP H 184 37.69 0.44 -31.93
N TYR H 185 37.98 -0.11 -30.75
CA TYR H 185 37.01 -0.99 -30.11
C TYR H 185 35.78 -0.22 -29.66
N GLU H 186 35.96 1.02 -29.21
CA GLU H 186 34.84 1.85 -28.77
C GLU H 186 34.18 2.60 -29.91
N LYS H 187 34.72 2.51 -31.13
CA LYS H 187 34.09 3.10 -32.30
C LYS H 187 33.13 2.15 -32.99
N HIS H 188 32.82 1.01 -32.36
CA HIS H 188 31.87 0.04 -32.92
C HIS H 188 31.13 -0.60 -31.77
N LYS H 189 30.13 -1.41 -32.10
CA LYS H 189 29.29 -1.99 -31.06
C LYS H 189 29.20 -3.50 -31.21
N VAL H 190 28.87 -3.97 -32.43
CA VAL H 190 28.62 -5.38 -32.66
C VAL H 190 29.91 -6.04 -33.14
N TYR H 191 30.39 -7.01 -32.37
CA TYR H 191 31.56 -7.82 -32.71
C TYR H 191 31.13 -9.27 -32.87
N ALA H 192 31.28 -9.80 -34.08
CA ALA H 192 30.76 -11.11 -34.44
C ALA H 192 31.89 -12.05 -34.85
N CYS H 193 31.57 -13.34 -34.80
CA CYS H 193 32.50 -14.40 -35.19
C CYS H 193 31.73 -15.42 -36.01
N GLU H 194 32.05 -15.54 -37.30
CA GLU H 194 31.36 -16.44 -38.21
C GLU H 194 32.24 -17.66 -38.48
N VAL H 195 31.68 -18.84 -38.27
CA VAL H 195 32.41 -20.10 -38.37
C VAL H 195 31.79 -20.95 -39.46
N THR H 196 32.63 -21.55 -40.30
CA THR H 196 32.22 -22.50 -41.31
C THR H 196 33.05 -23.76 -41.16
N HIS H 197 32.39 -24.92 -41.17
CA HIS H 197 33.07 -26.18 -40.96
C HIS H 197 32.33 -27.28 -41.72
N GLN H 198 33.01 -28.42 -41.91
CA GLN H 198 32.40 -29.54 -42.60
C GLN H 198 31.17 -30.05 -41.87
N GLY H 199 31.21 -30.05 -40.54
CA GLY H 199 30.05 -30.48 -39.78
C GLY H 199 28.95 -29.46 -39.64
N LEU H 200 29.12 -28.27 -40.20
CA LEU H 200 28.13 -27.20 -40.12
C LEU H 200 27.45 -27.04 -41.47
N SER H 201 26.12 -27.20 -41.49
CA SER H 201 25.38 -27.03 -42.73
C SER H 201 25.36 -25.57 -43.18
N SER H 202 25.28 -24.65 -42.23
CA SER H 202 25.28 -23.22 -42.50
C SER H 202 26.18 -22.53 -41.49
N PRO H 203 26.77 -21.38 -41.86
CA PRO H 203 27.71 -20.70 -40.95
C PRO H 203 27.05 -20.35 -39.62
N VAL H 204 27.80 -20.59 -38.54
CA VAL H 204 27.35 -20.32 -37.18
C VAL H 204 27.96 -19.00 -36.73
N THR H 205 27.12 -18.07 -36.30
CA THR H 205 27.55 -16.74 -35.91
C THR H 205 27.38 -16.56 -34.40
N LYS H 206 28.49 -16.38 -33.70
CA LYS H 206 28.48 -15.94 -32.30
C LYS H 206 28.93 -14.49 -32.25
N SER H 207 28.20 -13.67 -31.50
CA SER H 207 28.45 -12.24 -31.49
C SER H 207 28.05 -11.65 -30.16
N PHE H 208 28.63 -10.51 -29.84
CA PHE H 208 28.23 -9.73 -28.67
C PHE H 208 28.23 -8.25 -29.05
N ASN H 209 27.48 -7.47 -28.27
CA ASN H 209 27.46 -6.02 -28.43
C ASN H 209 28.32 -5.38 -27.37
N ARG H 210 29.12 -4.39 -27.78
CA ARG H 210 29.94 -3.66 -26.81
C ARG H 210 29.04 -3.03 -25.76
N GLY H 211 29.31 -3.37 -24.50
CA GLY H 211 28.39 -3.08 -23.42
C GLY H 211 27.73 -4.35 -22.95
N GLU H 212 26.43 -4.28 -22.64
CA GLU H 212 25.66 -5.43 -22.18
C GLU H 212 26.29 -6.09 -20.96
N ASP I 9 -58.63 62.31 48.28
CA ASP I 9 -59.47 61.36 47.56
C ASP I 9 -58.63 60.35 46.80
N PRO I 10 -58.77 59.06 47.14
CA PRO I 10 -57.87 58.05 46.55
C PRO I 10 -57.97 57.94 45.05
N ASN I 11 -59.13 58.18 44.45
CA ASN I 11 -59.32 58.00 43.02
C ASN I 11 -59.22 59.32 42.24
N ALA I 12 -58.64 60.35 42.85
CA ALA I 12 -58.45 61.62 42.15
C ALA I 12 -57.08 61.60 41.48
N ASN I 13 -56.66 62.74 40.94
CA ASN I 13 -55.40 62.80 40.22
C ASN I 13 -54.23 62.59 41.18
N PRO I 14 -53.52 61.46 41.11
CA PRO I 14 -52.34 61.26 41.94
C PRO I 14 -51.03 61.72 41.31
N ASN I 15 -51.09 62.40 40.18
CA ASN I 15 -49.91 62.83 39.46
C ASN I 15 -49.64 64.32 39.67
N PRO J 8 -26.64 -12.61 -8.06
CA PRO J 8 -25.26 -12.11 -7.98
C PRO J 8 -24.98 -11.36 -6.68
N ASP J 9 -23.70 -11.34 -6.27
CA ASP J 9 -23.24 -10.50 -5.17
C ASP J 9 -23.75 -9.09 -5.45
N PRO J 10 -24.61 -8.56 -4.58
CA PRO J 10 -25.15 -7.21 -4.82
C PRO J 10 -24.09 -6.19 -5.17
N ASN J 11 -22.86 -6.37 -4.70
CA ASN J 11 -21.78 -5.42 -4.91
C ASN J 11 -20.90 -5.81 -6.10
N ALA J 12 -21.37 -6.69 -6.97
CA ALA J 12 -20.63 -7.09 -8.15
C ALA J 12 -20.99 -6.15 -9.30
N ASN J 13 -20.50 -6.44 -10.49
CA ASN J 13 -20.69 -5.58 -11.66
C ASN J 13 -22.16 -5.57 -12.10
N PRO J 14 -22.88 -4.46 -11.91
CA PRO J 14 -24.26 -4.36 -12.43
C PRO J 14 -24.32 -3.72 -13.81
N ASN J 15 -23.17 -3.51 -14.45
CA ASN J 15 -23.10 -2.85 -15.75
C ASN J 15 -22.88 -3.87 -16.85
N ASN K 7 -6.72 -3.19 -20.33
CA ASN K 7 -5.29 -3.48 -20.29
C ASN K 7 -4.74 -3.31 -18.86
N PRO K 8 -4.66 -4.40 -18.13
CA PRO K 8 -4.20 -4.32 -16.73
C PRO K 8 -2.75 -3.91 -16.61
N ASP K 9 -2.47 -3.17 -15.55
CA ASP K 9 -1.09 -2.87 -15.17
C ASP K 9 -0.42 -4.16 -14.74
N PRO K 10 0.70 -4.56 -15.34
CA PRO K 10 1.31 -5.85 -14.99
C PRO K 10 1.65 -6.00 -13.52
N ASN K 11 1.97 -4.91 -12.82
CA ASN K 11 2.37 -4.98 -11.42
C ASN K 11 1.21 -4.68 -10.48
N ALA K 12 -0.02 -4.74 -10.98
CA ALA K 12 -1.20 -4.54 -10.16
C ALA K 12 -1.67 -5.90 -9.65
N ASN K 13 -2.83 -5.93 -9.01
CA ASN K 13 -3.34 -7.16 -8.40
C ASN K 13 -3.68 -8.20 -9.46
N PRO K 14 -2.93 -9.29 -9.58
CA PRO K 14 -3.28 -10.36 -10.51
C PRO K 14 -4.13 -11.47 -9.90
N ASN K 15 -4.62 -11.27 -8.68
CA ASN K 15 -5.38 -12.28 -7.97
C ASN K 15 -6.87 -11.97 -8.01
N ASN L 7 90.52 -44.53 -23.95
CA ASN L 7 89.32 -43.85 -24.47
C ASN L 7 88.24 -44.85 -24.85
N PRO L 8 87.21 -44.95 -24.01
CA PRO L 8 86.14 -45.91 -24.28
C PRO L 8 85.35 -45.58 -25.53
N ASP L 9 84.84 -46.63 -26.16
CA ASP L 9 83.87 -46.49 -27.23
C ASP L 9 82.67 -45.67 -26.73
N PRO L 10 82.30 -44.58 -27.41
CA PRO L 10 81.18 -43.76 -26.93
C PRO L 10 79.90 -44.54 -26.70
N ASN L 11 79.66 -45.62 -27.43
CA ASN L 11 78.44 -46.38 -27.29
C ASN L 11 78.61 -47.59 -26.37
N ALA L 12 79.68 -47.60 -25.58
CA ALA L 12 79.92 -48.66 -24.61
C ALA L 12 79.34 -48.21 -23.26
N ASN L 13 79.62 -48.97 -22.21
CA ASN L 13 79.09 -48.71 -20.89
C ASN L 13 79.64 -47.42 -20.29
N PRO L 14 78.84 -46.36 -20.17
CA PRO L 14 79.29 -45.14 -19.48
C PRO L 14 78.92 -45.10 -18.00
N ASN L 15 78.39 -46.20 -17.47
CA ASN L 15 77.93 -46.27 -16.09
C ASN L 15 78.93 -47.02 -15.22
#